data_8FHO
#
_entry.id   8FHO
#
_cell.length_a   1.00
_cell.length_b   1.00
_cell.length_c   1.00
_cell.angle_alpha   90.00
_cell.angle_beta   90.00
_cell.angle_gamma   90.00
#
_symmetry.space_group_name_H-M   'P 1'
#
loop_
_entity.id
_entity.type
_entity.pdbx_description
1 polymer 'Solute carrier family 12 member 2,Solute carrier family 12 member 3 chimera'
2 non-polymer "ADENOSINE-5'-TRIPHOSPHATE"
3 non-polymer Polythiazide
4 non-polymer 'SODIUM ION'
#
_entity_poly.entity_id   1
_entity_poly.type   'polypeptide(L)'
_entity_poly.pdbx_seq_one_letter_code
;MSASPPISAGDYLSAPEPDALKPAGPTPSQSRFQVDLVTESAGDGETTVGFDSSPPEYVAEPPPDGLRDSVSGGEKAKGR
FRVVNFAASSPDAAPAETAQNGDTVMSEGSLHSSTGGQQHHHYDTHTNTYYLRTFGHNTIDAVPKIDFYRQTAAPLGEKL
IRPTLSELHDELDKEPFEDGFANGEELTPAEESAAKDVSESKEPVRFGWVKGVMIRCMLNIWGVILYLRLPWITAQAGIV
LTWIIILLSVTVTSITGLSISAISTNGKVKSGGTYFLISRSLGPELGGSIGLIFAFANAVGVAMHTVGFAATVRDLLQEY
GAPIVDPINDIRIIGVVSVTVLLAISLAGMEWESKAQVLFFLVIMVSFANYLVGTLIPPSEDKASKGFFSYRADIFVQNL
VPDWRGPDGTFFGMFSIFFPSATGILAGANISGDLKDPAIAIPKGTLMAIFWTTISYLAISATIGSCVVRDASGVLNDTV
TPGWGACEGLACSYGWNFTECTQQHSCHYGLINYYQTMSMVSGFAPLITAGIFGATLSSALACLVSAAKVFQCLCEDQLY
PLIGFFGKGYGKNKEPVRGYLLAYAIAVAFIIIAELNTIAPIISNFFLCSYALINFSCFHASITNSPGWRPSFQYYNKWA
ALFGAIISVVIMFLLTWWAALIAIGVVLFLLLYVIYKKPEVNWGSSVQAGSYNLALSYSVGLNEVEDHIKNYRPQCLVLT
GPPNFRPALVDFVGTFTRNLSLMICGHVLIGPHKQRMPELQLIANGHTKWLNKRKIKAFYSDVIAEDLRRGVQILMQAAG
LGRMKPNILVVGFKKNWQSAHPATVEDYIGILHDAFDFNYGVCVMRMREGLNVSKMMQAHINPVFDPAEDGKEASARVDP
KALVKEEQATTIFQSEQGKKTIDIYWLFDDGGLTLLIPYLLGRKRRWSKCKIRVFVGGQINRMDQERKAIISLLSKFRLG
FHEVHILPDINQNPRAEHTKRFEDMIAPFRLNDGFKDEATVNEMRRDCPWKISDEEITKNRVKSLRQVRLNEIVLDYSRD
AALIVITLPIGRKGKCPSSLYMAWLETLSQDLRPPVILIRGNQENVLTFYCQ
;
_entity_poly.pdbx_strand_id   A,B,C
#
loop_
_chem_comp.id
_chem_comp.type
_chem_comp.name
_chem_comp.formula
ATP non-polymer ADENOSINE-5'-TRIPHOSPHATE 'C10 H16 N5 O13 P3'
NA non-polymer 'SODIUM ION' 'Na 1'
XZF non-polymer Polythiazide 'C11 H13 Cl F3 N3 O4 S3'
#
# COMPACT_ATOMS: atom_id res chain seq x y z
N LYS A 202 19.50 29.55 -33.18
CA LYS A 202 20.45 28.81 -32.38
C LYS A 202 19.74 28.03 -31.29
N GLU A 203 18.46 27.76 -31.51
CA GLU A 203 17.70 26.93 -30.61
C GLU A 203 18.26 25.51 -30.64
N PRO A 204 18.27 24.80 -29.51
CA PRO A 204 18.77 23.41 -29.51
C PRO A 204 17.96 22.52 -30.45
N VAL A 205 18.66 21.58 -31.08
CA VAL A 205 18.11 20.78 -32.16
C VAL A 205 17.13 19.75 -31.61
N ARG A 206 16.04 19.56 -32.34
CA ARG A 206 15.02 18.57 -32.02
C ARG A 206 14.93 17.57 -33.15
N PHE A 207 14.58 16.34 -32.82
CA PHE A 207 14.67 15.22 -33.76
C PHE A 207 13.29 14.71 -34.13
N GLY A 208 13.18 14.15 -35.33
CA GLY A 208 11.94 13.55 -35.78
C GLY A 208 11.77 12.17 -35.23
N TRP A 209 10.82 11.39 -35.74
CA TRP A 209 10.65 10.06 -35.18
C TRP A 209 11.60 9.03 -35.78
N VAL A 210 11.93 9.15 -37.07
CA VAL A 210 12.87 8.21 -37.67
C VAL A 210 14.24 8.33 -37.02
N LYS A 211 14.86 9.49 -37.14
CA LYS A 211 16.21 9.71 -36.63
C LYS A 211 16.28 9.73 -35.12
N GLY A 212 15.16 9.88 -34.43
CA GLY A 212 15.18 10.07 -33.00
C GLY A 212 14.71 8.90 -32.17
N VAL A 213 13.82 8.06 -32.71
CA VAL A 213 13.28 6.92 -31.97
C VAL A 213 13.55 5.60 -32.70
N MET A 214 13.18 5.52 -33.97
CA MET A 214 13.26 4.23 -34.66
C MET A 214 14.70 3.80 -34.87
N ILE A 215 15.56 4.70 -35.36
CA ILE A 215 16.96 4.33 -35.60
C ILE A 215 17.62 3.89 -34.30
N ARG A 216 17.40 4.65 -33.23
CA ARG A 216 18.02 4.34 -31.95
C ARG A 216 17.52 3.01 -31.39
N CYS A 217 16.22 2.75 -31.48
CA CYS A 217 15.69 1.50 -30.94
C CYS A 217 16.18 0.30 -31.74
N MET A 218 16.21 0.39 -33.08
CA MET A 218 16.72 -0.72 -33.87
C MET A 218 18.20 -0.94 -33.63
N LEU A 219 18.98 0.13 -33.48
CA LEU A 219 20.40 -0.05 -33.21
C LEU A 219 20.66 -0.66 -31.85
N ASN A 220 19.80 -0.35 -30.89
CA ASN A 220 19.96 -0.92 -29.56
C ASN A 220 19.57 -2.38 -29.54
N ILE A 221 18.50 -2.73 -30.25
CA ILE A 221 18.03 -4.12 -30.22
C ILE A 221 19.04 -5.04 -30.90
N TRP A 222 19.59 -4.62 -32.03
CA TRP A 222 20.54 -5.44 -32.79
C TRP A 222 21.84 -5.57 -32.02
N GLY A 223 22.29 -6.80 -31.82
CA GLY A 223 23.51 -7.07 -31.07
C GLY A 223 24.43 -7.99 -31.84
N VAL A 224 25.07 -8.90 -31.10
CA VAL A 224 25.99 -9.86 -31.71
C VAL A 224 25.31 -11.21 -31.98
N ILE A 225 24.21 -11.52 -31.28
CA ILE A 225 23.49 -12.76 -31.50
C ILE A 225 23.03 -12.91 -32.94
N LEU A 226 22.90 -11.82 -33.69
CA LEU A 226 22.68 -11.95 -35.12
C LEU A 226 23.83 -12.69 -35.80
N TYR A 227 25.05 -12.36 -35.42
CA TYR A 227 26.22 -12.71 -36.19
C TYR A 227 26.95 -13.93 -35.67
N LEU A 228 26.86 -14.21 -34.37
CA LEU A 228 27.68 -15.25 -33.79
C LEU A 228 26.89 -16.35 -33.10
N ARG A 229 25.60 -16.18 -32.86
CA ARG A 229 24.85 -17.22 -32.18
C ARG A 229 23.52 -17.58 -32.83
N LEU A 230 22.96 -16.74 -33.68
CA LEU A 230 21.68 -17.11 -34.27
C LEU A 230 21.79 -18.31 -35.21
N PRO A 231 22.81 -18.39 -36.09
CA PRO A 231 22.96 -19.61 -36.89
C PRO A 231 23.10 -20.87 -36.06
N TRP A 232 23.82 -20.80 -34.94
CA TRP A 232 23.98 -21.98 -34.09
C TRP A 232 22.67 -22.37 -33.42
N ILE A 233 21.86 -21.38 -33.05
CA ILE A 233 20.55 -21.68 -32.48
C ILE A 233 19.65 -22.33 -33.51
N THR A 234 19.73 -21.88 -34.77
CA THR A 234 19.01 -22.56 -35.84
C THR A 234 19.48 -24.00 -36.00
N ALA A 235 20.80 -24.22 -35.93
CA ALA A 235 21.33 -25.56 -36.10
C ALA A 235 20.84 -26.50 -35.00
N GLN A 236 20.85 -26.02 -33.76
CA GLN A 236 20.39 -26.85 -32.65
C GLN A 236 18.89 -27.08 -32.71
N ALA A 237 18.11 -26.02 -32.62
CA ALA A 237 16.68 -26.14 -32.40
C ALA A 237 15.86 -26.31 -33.67
N GLY A 238 16.46 -26.16 -34.85
CA GLY A 238 15.72 -26.23 -36.08
C GLY A 238 15.01 -24.92 -36.37
N ILE A 239 14.46 -24.82 -37.57
CA ILE A 239 13.87 -23.56 -38.00
C ILE A 239 12.58 -23.29 -37.22
N VAL A 240 11.73 -24.31 -37.07
CA VAL A 240 10.42 -24.11 -36.46
C VAL A 240 10.56 -23.68 -35.00
N LEU A 241 11.35 -24.41 -34.22
CA LEU A 241 11.48 -24.05 -32.81
C LEU A 241 12.26 -22.75 -32.63
N THR A 242 13.16 -22.40 -33.54
CA THR A 242 13.80 -21.09 -33.49
C THR A 242 12.79 -19.97 -33.71
N TRP A 243 11.89 -20.14 -34.68
CA TRP A 243 10.86 -19.14 -34.88
C TRP A 243 9.96 -19.04 -33.66
N ILE A 244 9.65 -20.16 -33.02
CA ILE A 244 8.84 -20.12 -31.82
C ILE A 244 9.56 -19.39 -30.70
N ILE A 245 10.88 -19.59 -30.58
CA ILE A 245 11.66 -18.85 -29.59
C ILE A 245 11.60 -17.36 -29.86
N ILE A 246 11.76 -16.96 -31.11
CA ILE A 246 11.74 -15.54 -31.45
C ILE A 246 10.38 -14.92 -31.16
N LEU A 247 9.29 -15.63 -31.48
CA LEU A 247 7.97 -15.06 -31.25
C LEU A 247 7.62 -15.00 -29.76
N LEU A 248 7.94 -16.05 -29.01
CA LEU A 248 7.77 -16.00 -27.56
C LEU A 248 8.62 -14.90 -26.93
N SER A 249 9.78 -14.59 -27.52
CA SER A 249 10.62 -13.54 -26.98
C SER A 249 10.06 -12.15 -27.29
N VAL A 250 9.52 -11.95 -28.49
CA VAL A 250 9.03 -10.62 -28.85
C VAL A 250 7.63 -10.35 -28.33
N THR A 251 6.91 -11.36 -27.86
CA THR A 251 5.62 -11.09 -27.22
C THR A 251 5.79 -10.20 -25.99
N VAL A 252 6.78 -10.50 -25.16
CA VAL A 252 6.98 -9.73 -23.93
C VAL A 252 7.36 -8.29 -24.26
N THR A 253 8.29 -8.09 -25.17
CA THR A 253 8.76 -6.76 -25.52
C THR A 253 7.79 -5.99 -26.40
N SER A 254 6.85 -6.67 -27.06
CA SER A 254 5.74 -6.01 -27.72
C SER A 254 4.70 -5.50 -26.75
N ILE A 255 4.35 -6.30 -25.74
CA ILE A 255 3.42 -5.84 -24.73
C ILE A 255 4.01 -4.67 -23.94
N THR A 256 5.32 -4.72 -23.65
CA THR A 256 5.94 -3.59 -22.97
C THR A 256 5.97 -2.34 -23.85
N GLY A 257 6.14 -2.51 -25.15
CA GLY A 257 6.08 -1.36 -26.04
C GLY A 257 4.71 -0.73 -26.06
N LEU A 258 3.67 -1.55 -26.07
CA LEU A 258 2.31 -1.00 -25.99
C LEU A 258 2.08 -0.26 -24.69
N SER A 259 2.55 -0.80 -23.57
CA SER A 259 2.37 -0.13 -22.29
C SER A 259 3.08 1.22 -22.25
N ILE A 260 4.34 1.26 -22.66
CA ILE A 260 5.07 2.52 -22.61
C ILE A 260 4.63 3.49 -23.70
N SER A 261 3.95 3.01 -24.74
CA SER A 261 3.33 3.94 -25.68
C SER A 261 2.08 4.56 -25.10
N ALA A 262 1.31 3.78 -24.33
CA ALA A 262 0.12 4.34 -23.68
C ALA A 262 0.50 5.36 -22.62
N ILE A 263 1.55 5.09 -21.86
CA ILE A 263 1.94 5.99 -20.76
C ILE A 263 2.32 7.37 -21.29
N SER A 264 3.06 7.43 -22.38
CA SER A 264 3.68 8.66 -22.85
C SER A 264 2.78 9.50 -23.73
N THR A 265 1.52 9.14 -23.89
CA THR A 265 0.55 9.92 -24.65
C THR A 265 -0.56 10.44 -23.76
N ASN A 266 -0.22 10.78 -22.52
CA ASN A 266 -1.18 11.28 -21.54
C ASN A 266 -0.68 12.56 -20.92
N GLY A 267 -0.19 13.47 -21.73
CA GLY A 267 0.33 14.70 -21.20
C GLY A 267 1.48 15.19 -22.05
N LYS A 268 2.40 15.89 -21.39
CA LYS A 268 3.55 16.50 -22.04
C LYS A 268 4.81 15.93 -21.41
N VAL A 269 5.54 15.13 -22.19
CA VAL A 269 6.70 14.40 -21.69
C VAL A 269 7.91 15.32 -21.71
N LYS A 270 8.76 15.19 -20.70
CA LYS A 270 9.90 16.09 -20.60
C LYS A 270 11.21 15.36 -20.44
N SER A 271 12.28 16.11 -20.17
CA SER A 271 13.65 15.61 -20.27
C SER A 271 13.99 14.71 -19.09
N GLY A 272 13.35 13.56 -19.03
CA GLY A 272 13.71 12.60 -18.01
C GLY A 272 13.85 11.17 -18.47
N GLY A 273 13.37 10.86 -19.67
CA GLY A 273 13.45 9.49 -20.14
C GLY A 273 12.33 8.60 -19.65
N THR A 274 12.69 7.41 -19.14
CA THR A 274 11.73 6.44 -18.64
C THR A 274 11.44 6.62 -17.15
N TYR A 275 12.44 7.09 -16.40
CA TYR A 275 12.19 7.47 -15.01
C TYR A 275 11.08 8.50 -14.93
N PHE A 276 11.08 9.49 -15.83
CA PHE A 276 10.02 10.49 -15.84
C PHE A 276 8.66 9.87 -15.97
N LEU A 277 8.48 9.00 -16.96
CA LEU A 277 7.18 8.38 -17.22
C LEU A 277 6.72 7.56 -16.02
N ILE A 278 7.56 6.65 -15.54
CA ILE A 278 7.14 5.78 -14.44
C ILE A 278 6.89 6.58 -13.17
N SER A 279 7.74 7.56 -12.86
CA SER A 279 7.60 8.30 -11.62
C SER A 279 6.39 9.23 -11.65
N ARG A 280 6.04 9.79 -12.80
CA ARG A 280 4.86 10.64 -12.86
C ARG A 280 3.58 9.86 -13.06
N SER A 281 3.65 8.58 -13.38
CA SER A 281 2.45 7.77 -13.46
C SER A 281 2.24 6.86 -12.26
N LEU A 282 3.24 6.67 -11.41
CA LEU A 282 3.11 5.81 -10.24
C LEU A 282 3.48 6.47 -8.93
N GLY A 283 4.34 7.48 -8.93
CA GLY A 283 4.66 8.18 -7.72
C GLY A 283 6.12 8.11 -7.38
N PRO A 284 6.56 8.90 -6.39
CA PRO A 284 7.98 8.94 -6.07
C PRO A 284 8.53 7.66 -5.47
N GLU A 285 7.73 6.91 -4.73
CA GLU A 285 8.24 5.70 -4.08
C GLU A 285 8.70 4.67 -5.11
N LEU A 286 7.75 4.11 -5.87
CA LEU A 286 8.02 3.09 -6.85
C LEU A 286 8.67 3.64 -8.11
N GLY A 287 8.65 4.94 -8.33
CA GLY A 287 9.33 5.51 -9.46
C GLY A 287 10.78 5.81 -9.16
N GLY A 288 11.06 6.38 -8.00
CA GLY A 288 12.42 6.65 -7.60
C GLY A 288 13.18 5.46 -7.08
N SER A 289 12.49 4.39 -6.69
CA SER A 289 13.22 3.17 -6.33
C SER A 289 13.89 2.56 -7.54
N ILE A 290 13.26 2.65 -8.71
CA ILE A 290 13.71 1.95 -9.90
C ILE A 290 14.21 2.93 -10.97
N GLY A 291 14.17 4.21 -10.70
CA GLY A 291 14.94 5.07 -11.56
C GLY A 291 16.40 5.12 -11.24
N LEU A 292 16.80 4.49 -10.14
CA LEU A 292 18.19 4.44 -9.70
C LEU A 292 18.91 3.18 -10.14
N ILE A 293 18.18 2.07 -10.33
CA ILE A 293 18.81 0.87 -10.87
C ILE A 293 18.79 0.84 -12.39
N PHE A 294 17.84 1.52 -13.02
CA PHE A 294 17.88 1.70 -14.48
C PHE A 294 19.13 2.46 -14.91
N ALA A 295 19.41 3.57 -14.23
CA ALA A 295 20.56 4.40 -14.54
C ALA A 295 21.88 3.71 -14.24
N PHE A 296 21.94 2.82 -13.26
CA PHE A 296 23.13 2.03 -12.98
C PHE A 296 23.31 0.88 -13.95
N ALA A 297 22.22 0.19 -14.30
CA ALA A 297 22.31 -0.91 -15.23
C ALA A 297 22.72 -0.44 -16.62
N ASN A 298 22.34 0.77 -16.99
CA ASN A 298 22.79 1.30 -18.27
C ASN A 298 24.29 1.59 -18.20
N ALA A 299 24.75 2.16 -17.09
CA ALA A 299 26.15 2.48 -16.93
C ALA A 299 27.04 1.26 -16.98
N VAL A 300 26.55 0.12 -16.49
CA VAL A 300 27.32 -1.12 -16.60
C VAL A 300 27.10 -1.86 -17.94
N GLY A 301 25.96 -1.65 -18.59
CA GLY A 301 25.80 -2.17 -19.94
C GLY A 301 26.72 -1.51 -20.94
N VAL A 302 27.12 -0.27 -20.67
CA VAL A 302 28.18 0.35 -21.46
C VAL A 302 29.43 -0.52 -21.45
N ALA A 303 29.83 -0.97 -20.26
CA ALA A 303 31.02 -1.81 -20.13
C ALA A 303 30.83 -3.16 -20.79
N MET A 304 29.66 -3.76 -20.61
CA MET A 304 29.46 -5.09 -21.18
C MET A 304 29.22 -5.07 -22.68
N HIS A 305 29.03 -3.91 -23.30
CA HIS A 305 29.05 -3.81 -24.75
C HIS A 305 30.39 -3.34 -25.30
N THR A 306 31.20 -2.67 -24.49
CA THR A 306 32.57 -2.39 -24.93
C THR A 306 33.47 -3.62 -24.83
N VAL A 307 33.20 -4.51 -23.86
CA VAL A 307 33.98 -5.73 -23.75
C VAL A 307 33.76 -6.63 -24.97
N GLY A 308 32.53 -6.67 -25.48
CA GLY A 308 32.23 -7.48 -26.65
C GLY A 308 32.83 -6.98 -27.94
N PHE A 309 33.17 -5.68 -28.01
CA PHE A 309 33.89 -5.10 -29.13
C PHE A 309 35.40 -5.29 -28.97
N ALA A 310 35.90 -5.15 -27.74
CA ALA A 310 37.30 -5.40 -27.49
C ALA A 310 37.67 -6.85 -27.77
N ALA A 311 36.77 -7.79 -27.49
CA ALA A 311 37.06 -9.19 -27.80
C ALA A 311 37.18 -9.41 -29.31
N THR A 312 36.30 -8.79 -30.10
CA THR A 312 36.39 -8.92 -31.54
C THR A 312 37.68 -8.31 -32.09
N VAL A 313 38.07 -7.15 -31.58
CA VAL A 313 39.33 -6.56 -32.02
C VAL A 313 40.51 -7.41 -31.57
N ARG A 314 40.41 -8.03 -30.39
CA ARG A 314 41.48 -8.91 -29.91
C ARG A 314 41.65 -10.10 -30.84
N ASP A 315 40.54 -10.74 -31.22
CA ASP A 315 40.61 -11.85 -32.16
C ASP A 315 41.20 -11.41 -33.49
N LEU A 316 40.77 -10.25 -33.99
CA LEU A 316 41.28 -9.78 -35.27
C LEU A 316 42.78 -9.51 -35.22
N LEU A 317 43.27 -8.94 -34.12
CA LEU A 317 44.70 -8.65 -34.03
C LEU A 317 45.53 -9.90 -33.81
N GLN A 318 45.00 -10.89 -33.09
CA GLN A 318 45.77 -12.09 -32.80
C GLN A 318 46.07 -12.87 -34.07
N GLU A 319 45.09 -13.02 -34.94
CA GLU A 319 45.20 -13.88 -36.11
C GLU A 319 45.74 -13.16 -37.34
N TYR A 320 46.33 -11.97 -37.17
CA TYR A 320 47.01 -11.27 -38.25
C TYR A 320 48.49 -11.06 -37.97
N GLY A 321 48.83 -10.61 -36.76
CA GLY A 321 50.19 -10.34 -36.38
C GLY A 321 50.44 -10.74 -34.94
N ALA A 322 51.08 -9.82 -34.22
CA ALA A 322 51.43 -10.05 -32.82
C ALA A 322 50.52 -9.24 -31.92
N PRO A 323 49.98 -9.83 -30.84
CA PRO A 323 49.17 -9.06 -29.90
C PRO A 323 50.02 -8.11 -29.09
N ILE A 324 49.34 -7.24 -28.35
CA ILE A 324 50.03 -6.28 -27.49
C ILE A 324 50.60 -6.99 -26.26
N VAL A 325 49.72 -7.57 -25.45
CA VAL A 325 50.05 -8.23 -24.20
C VAL A 325 49.22 -9.51 -24.17
N ASP A 326 49.25 -10.24 -23.05
CA ASP A 326 48.46 -11.45 -22.85
C ASP A 326 46.99 -11.21 -23.22
N PRO A 327 46.21 -12.27 -23.51
CA PRO A 327 44.89 -12.04 -24.11
C PRO A 327 43.79 -11.61 -23.14
N ILE A 328 44.15 -11.17 -21.95
CA ILE A 328 43.19 -10.54 -21.05
C ILE A 328 43.47 -9.05 -20.84
N ASN A 329 44.73 -8.63 -20.91
CA ASN A 329 45.03 -7.21 -20.80
C ASN A 329 44.82 -6.46 -22.11
N ASP A 330 44.71 -7.18 -23.24
CA ASP A 330 44.23 -6.55 -24.46
C ASP A 330 42.79 -6.10 -24.32
N ILE A 331 41.95 -6.93 -23.69
CA ILE A 331 40.57 -6.58 -23.43
C ILE A 331 40.49 -5.32 -22.59
N ARG A 332 41.48 -5.08 -21.74
CA ARG A 332 41.52 -3.88 -20.92
C ARG A 332 41.99 -2.66 -21.71
N ILE A 333 43.10 -2.77 -22.43
CA ILE A 333 43.61 -1.62 -23.17
C ILE A 333 42.60 -1.17 -24.22
N ILE A 334 42.12 -2.11 -25.04
CA ILE A 334 41.22 -1.75 -26.13
C ILE A 334 39.91 -1.20 -25.60
N GLY A 335 39.33 -1.86 -24.59
CA GLY A 335 38.07 -1.40 -24.05
C GLY A 335 38.16 -0.02 -23.44
N VAL A 336 39.22 0.24 -22.66
CA VAL A 336 39.37 1.55 -22.05
C VAL A 336 39.62 2.62 -23.09
N VAL A 337 40.36 2.32 -24.16
CA VAL A 337 40.56 3.36 -25.17
C VAL A 337 39.29 3.63 -25.96
N SER A 338 38.42 2.64 -26.17
CA SER A 338 37.22 2.90 -26.97
C SER A 338 36.09 3.54 -26.17
N VAL A 339 35.95 3.20 -24.88
CA VAL A 339 34.95 3.92 -24.09
C VAL A 339 35.28 5.41 -23.99
N THR A 340 36.55 5.78 -24.15
CA THR A 340 36.93 7.19 -24.11
C THR A 340 36.50 7.94 -25.37
N VAL A 341 36.63 7.31 -26.54
CA VAL A 341 36.14 8.00 -27.73
C VAL A 341 34.62 8.07 -27.69
N LEU A 342 33.96 7.07 -27.11
CA LEU A 342 32.52 7.19 -26.93
C LEU A 342 32.17 8.37 -26.02
N LEU A 343 32.93 8.56 -24.93
CA LEU A 343 32.68 9.69 -24.05
C LEU A 343 32.90 11.02 -24.76
N ALA A 344 33.95 11.11 -25.58
CA ALA A 344 34.18 12.33 -26.32
C ALA A 344 33.05 12.63 -27.30
N ILE A 345 32.52 11.60 -27.96
CA ILE A 345 31.36 11.81 -28.83
C ILE A 345 30.16 12.30 -28.04
N SER A 346 29.90 11.68 -26.88
CA SER A 346 28.74 12.09 -26.08
C SER A 346 28.87 13.52 -25.60
N LEU A 347 30.05 13.91 -25.13
CA LEU A 347 30.25 15.29 -24.66
C LEU A 347 30.29 16.30 -25.79
N ALA A 348 30.62 15.89 -27.01
CA ALA A 348 30.77 16.80 -28.13
C ALA A 348 29.45 17.42 -28.56
N GLY A 349 28.32 16.92 -28.09
CA GLY A 349 27.04 17.47 -28.48
C GLY A 349 26.04 16.38 -28.80
N MET A 350 24.77 16.73 -28.86
CA MET A 350 23.73 15.76 -29.14
C MET A 350 23.44 15.62 -30.62
N GLU A 351 24.07 16.45 -31.46
CA GLU A 351 23.94 16.32 -32.91
C GLU A 351 25.10 15.56 -33.54
N TRP A 352 26.14 15.22 -32.77
CA TRP A 352 27.17 14.31 -33.24
C TRP A 352 26.86 12.87 -32.87
N GLU A 353 26.17 12.66 -31.76
CA GLU A 353 25.69 11.33 -31.43
C GLU A 353 24.77 10.80 -32.53
N SER A 354 23.91 11.66 -33.09
CA SER A 354 23.02 11.22 -34.16
C SER A 354 23.79 10.86 -35.42
N LYS A 355 24.85 11.61 -35.73
CA LYS A 355 25.66 11.27 -36.88
C LYS A 355 26.37 9.94 -36.69
N ALA A 356 26.90 9.68 -35.49
CA ALA A 356 27.50 8.38 -35.23
C ALA A 356 26.48 7.26 -35.35
N GLN A 357 25.27 7.46 -34.81
CA GLN A 357 24.26 6.41 -34.89
C GLN A 357 23.83 6.12 -36.32
N VAL A 358 23.66 7.14 -37.15
CA VAL A 358 23.28 6.86 -38.52
C VAL A 358 24.43 6.21 -39.29
N LEU A 359 25.68 6.55 -38.98
CA LEU A 359 26.80 5.85 -39.59
C LEU A 359 26.79 4.36 -39.23
N PHE A 360 26.59 4.05 -37.96
CA PHE A 360 26.52 2.65 -37.54
C PHE A 360 25.36 1.94 -38.23
N PHE A 361 24.23 2.62 -38.40
CA PHE A 361 23.10 2.01 -39.08
C PHE A 361 23.42 1.67 -40.52
N LEU A 362 24.07 2.58 -41.24
CA LEU A 362 24.46 2.27 -42.62
C LEU A 362 25.44 1.12 -42.69
N VAL A 363 26.39 1.05 -41.75
CA VAL A 363 27.32 -0.07 -41.72
C VAL A 363 26.57 -1.39 -41.55
N ILE A 364 25.59 -1.43 -40.64
CA ILE A 364 24.85 -2.67 -40.41
C ILE A 364 24.07 -3.07 -41.67
N MET A 365 23.44 -2.11 -42.33
CA MET A 365 22.69 -2.45 -43.55
C MET A 365 23.62 -2.95 -44.65
N VAL A 366 24.80 -2.37 -44.77
CA VAL A 366 25.78 -2.88 -45.74
C VAL A 366 26.16 -4.32 -45.41
N SER A 367 26.30 -4.63 -44.11
CA SER A 367 26.57 -6.00 -43.69
C SER A 367 25.46 -6.95 -44.13
N PHE A 368 24.21 -6.56 -43.92
CA PHE A 368 23.09 -7.42 -44.32
C PHE A 368 23.09 -7.66 -45.83
N ALA A 369 23.31 -6.60 -46.61
CA ALA A 369 23.34 -6.76 -48.06
C ALA A 369 24.48 -7.65 -48.49
N ASN A 370 25.64 -7.53 -47.84
CA ASN A 370 26.79 -8.39 -48.16
C ASN A 370 26.45 -9.85 -47.93
N TYR A 371 25.88 -10.16 -46.77
CA TYR A 371 25.53 -11.56 -46.48
C TYR A 371 24.51 -12.09 -47.48
N LEU A 372 23.49 -11.29 -47.79
CA LEU A 372 22.42 -11.79 -48.64
C LEU A 372 22.86 -11.90 -50.09
N VAL A 373 23.84 -11.10 -50.51
CA VAL A 373 24.44 -11.31 -51.83
C VAL A 373 25.28 -12.58 -51.84
N GLY A 374 26.03 -12.82 -50.76
CA GLY A 374 26.84 -14.00 -50.68
C GLY A 374 26.08 -15.32 -50.70
N THR A 375 24.90 -15.38 -50.10
CA THR A 375 24.15 -16.64 -50.07
C THR A 375 23.59 -17.05 -51.43
N LEU A 376 23.81 -16.24 -52.47
CA LEU A 376 23.25 -16.52 -53.79
C LEU A 376 24.29 -16.96 -54.81
N ILE A 377 25.54 -16.57 -54.64
CA ILE A 377 26.60 -16.97 -55.58
C ILE A 377 26.79 -18.48 -55.49
N PRO A 378 26.87 -19.19 -56.61
CA PRO A 378 27.14 -20.63 -56.57
C PRO A 378 28.43 -20.92 -55.84
N PRO A 379 28.47 -21.97 -55.03
CA PRO A 379 29.57 -22.13 -54.08
C PRO A 379 30.90 -22.38 -54.75
N SER A 380 31.96 -21.95 -54.08
CA SER A 380 33.33 -22.26 -54.48
C SER A 380 33.81 -23.48 -53.72
N GLU A 381 35.05 -23.89 -54.02
CA GLU A 381 35.58 -25.10 -53.40
C GLU A 381 35.86 -24.91 -51.93
N ASP A 382 36.34 -23.72 -51.54
CA ASP A 382 36.62 -23.45 -50.13
C ASP A 382 35.34 -23.43 -49.31
N LYS A 383 34.23 -23.00 -49.91
CA LYS A 383 32.98 -22.86 -49.18
C LYS A 383 32.13 -24.13 -49.19
N ALA A 384 32.13 -24.90 -50.27
CA ALA A 384 31.37 -26.14 -50.28
C ALA A 384 32.00 -27.22 -49.42
N SER A 385 33.33 -27.20 -49.26
CA SER A 385 33.98 -28.12 -48.35
C SER A 385 33.60 -27.85 -46.90
N LYS A 386 33.25 -26.62 -46.57
CA LYS A 386 32.87 -26.23 -45.22
C LYS A 386 31.38 -26.33 -44.96
N GLY A 387 30.59 -26.72 -45.96
CA GLY A 387 29.19 -27.01 -45.77
C GLY A 387 28.23 -26.20 -46.62
N PHE A 388 28.67 -25.07 -47.19
CA PHE A 388 27.74 -24.14 -47.83
C PHE A 388 27.40 -24.62 -49.24
N PHE A 389 26.20 -25.16 -49.40
CA PHE A 389 25.61 -25.44 -50.70
C PHE A 389 24.37 -24.57 -50.83
N SER A 390 24.35 -23.66 -51.79
CA SER A 390 23.30 -22.66 -51.88
C SER A 390 21.93 -23.33 -51.93
N TYR A 391 20.88 -22.52 -51.79
CA TYR A 391 19.53 -22.97 -51.43
C TYR A 391 19.13 -24.28 -52.08
N ARG A 392 18.78 -25.27 -51.25
CA ARG A 392 18.25 -26.54 -51.70
C ARG A 392 17.02 -26.90 -50.88
N ALA A 393 16.12 -27.68 -51.48
CA ALA A 393 14.93 -28.09 -50.75
C ALA A 393 15.24 -29.21 -49.75
N ASP A 394 16.12 -30.13 -50.11
CA ASP A 394 16.45 -31.24 -49.24
C ASP A 394 17.25 -30.81 -48.02
N ILE A 395 18.02 -29.73 -48.14
CA ILE A 395 18.79 -29.19 -47.03
C ILE A 395 17.96 -28.27 -46.16
N PHE A 396 16.78 -27.86 -46.61
CA PHE A 396 15.82 -27.09 -45.84
C PHE A 396 14.84 -27.99 -45.11
N VAL A 397 14.40 -29.07 -45.76
CA VAL A 397 13.48 -30.02 -45.13
C VAL A 397 14.18 -30.80 -44.03
N GLN A 398 15.44 -31.18 -44.25
CA GLN A 398 16.18 -31.91 -43.23
C GLN A 398 16.40 -31.06 -42.00
N ASN A 399 16.34 -29.74 -42.13
CA ASN A 399 16.84 -28.83 -41.12
C ASN A 399 15.71 -28.10 -40.40
N LEU A 400 14.47 -28.55 -40.61
CA LEU A 400 13.33 -28.06 -39.83
C LEU A 400 13.30 -28.65 -38.42
N VAL A 401 13.61 -29.94 -38.30
CA VAL A 401 13.47 -30.66 -37.04
C VAL A 401 14.67 -30.39 -36.13
N PRO A 402 14.51 -30.44 -34.82
CA PRO A 402 15.64 -30.18 -33.93
C PRO A 402 16.66 -31.30 -33.96
N ASP A 403 17.89 -30.94 -33.55
CA ASP A 403 18.96 -31.93 -33.40
C ASP A 403 19.86 -31.41 -32.28
N TRP A 404 19.55 -31.83 -31.05
CA TRP A 404 20.21 -31.27 -29.88
C TRP A 404 21.53 -31.99 -29.65
N ARG A 405 22.58 -31.22 -29.37
CA ARG A 405 23.91 -31.79 -29.18
C ARG A 405 24.69 -30.90 -28.23
N GLY A 406 25.10 -31.45 -27.10
CA GLY A 406 25.94 -30.73 -26.17
C GLY A 406 25.31 -30.60 -24.80
N PRO A 407 26.04 -29.97 -23.87
CA PRO A 407 25.48 -29.74 -22.53
C PRO A 407 24.36 -28.71 -22.50
N ASP A 408 24.53 -27.60 -23.23
CA ASP A 408 23.55 -26.53 -23.26
C ASP A 408 22.67 -26.57 -24.50
N GLY A 409 22.51 -27.73 -25.11
CA GLY A 409 21.66 -27.87 -26.27
C GLY A 409 20.25 -28.29 -25.94
N THR A 410 19.50 -27.42 -25.26
CA THR A 410 18.12 -27.68 -24.89
C THR A 410 17.27 -26.44 -25.21
N PHE A 411 15.95 -26.63 -25.24
CA PHE A 411 15.06 -25.53 -25.60
C PHE A 411 15.24 -24.35 -24.66
N PHE A 412 15.23 -24.60 -23.35
CA PHE A 412 15.43 -23.50 -22.43
C PHE A 412 16.83 -22.94 -22.50
N GLY A 413 17.81 -23.76 -22.88
CA GLY A 413 19.16 -23.27 -23.02
C GLY A 413 19.36 -22.37 -24.22
N MET A 414 18.47 -22.44 -25.20
CA MET A 414 18.45 -21.54 -26.34
C MET A 414 17.61 -20.29 -26.06
N PHE A 415 16.50 -20.46 -25.36
CA PHE A 415 15.72 -19.30 -24.92
C PHE A 415 16.54 -18.40 -24.02
N SER A 416 17.29 -18.99 -23.09
CA SER A 416 18.09 -18.19 -22.18
C SER A 416 19.24 -17.46 -22.88
N ILE A 417 19.62 -17.90 -24.07
CA ILE A 417 20.64 -17.19 -24.85
C ILE A 417 20.01 -16.09 -25.67
N PHE A 418 18.86 -16.38 -26.29
CA PHE A 418 18.28 -15.40 -27.20
C PHE A 418 17.59 -14.26 -26.47
N PHE A 419 16.76 -14.57 -25.47
CA PHE A 419 15.83 -13.57 -24.94
C PHE A 419 16.49 -12.25 -24.53
N PRO A 420 17.62 -12.22 -23.80
CA PRO A 420 18.22 -10.94 -23.46
C PRO A 420 18.75 -10.12 -24.64
N SER A 421 18.61 -10.61 -25.87
CA SER A 421 19.03 -9.85 -27.04
C SER A 421 17.87 -9.31 -27.85
N ALA A 422 16.64 -9.54 -27.40
CA ALA A 422 15.47 -8.97 -28.07
C ALA A 422 15.01 -7.79 -27.23
N THR A 423 15.71 -7.52 -26.13
CA THR A 423 15.37 -6.42 -25.23
C THR A 423 16.02 -5.10 -25.60
N GLY A 424 16.01 -4.13 -24.68
CA GLY A 424 16.60 -2.83 -24.96
C GLY A 424 15.75 -1.90 -25.79
N ILE A 425 14.44 -2.09 -25.76
CA ILE A 425 13.54 -1.28 -26.60
C ILE A 425 13.27 0.14 -26.11
N LEU A 426 13.85 0.53 -24.99
CA LEU A 426 13.55 1.85 -24.42
C LEU A 426 14.52 2.97 -24.77
N ALA A 427 15.52 2.69 -25.59
CA ALA A 427 16.55 3.69 -25.92
C ALA A 427 16.04 5.03 -26.47
N GLY A 428 15.04 5.01 -27.33
CA GLY A 428 14.60 6.24 -27.95
C GLY A 428 13.61 7.00 -27.10
N ALA A 429 12.95 6.29 -26.18
CA ALA A 429 12.11 6.93 -25.19
C ALA A 429 12.93 7.59 -24.08
N ASN A 430 14.22 7.33 -24.01
CA ASN A 430 15.09 7.87 -22.98
C ASN A 430 15.70 9.21 -23.35
N ILE A 431 15.37 9.75 -24.52
CA ILE A 431 15.81 11.08 -24.92
C ILE A 431 14.59 11.96 -25.12
N SER A 432 13.56 11.73 -24.30
CA SER A 432 12.29 12.46 -24.39
C SER A 432 12.48 13.97 -24.47
N GLY A 433 13.56 14.48 -23.93
CA GLY A 433 13.77 15.91 -23.94
C GLY A 433 14.40 16.47 -25.18
N ASP A 434 14.62 15.64 -26.20
CA ASP A 434 15.16 16.10 -27.47
C ASP A 434 14.25 15.83 -28.65
N LEU A 435 13.05 15.32 -28.42
CA LEU A 435 12.13 15.00 -29.50
C LEU A 435 11.17 16.16 -29.75
N LYS A 436 10.77 16.31 -31.02
CA LYS A 436 9.86 17.39 -31.37
C LYS A 436 8.52 17.25 -30.66
N ASP A 437 7.90 16.07 -30.77
CA ASP A 437 6.59 15.82 -30.18
C ASP A 437 6.54 14.35 -29.75
N PRO A 438 7.02 14.04 -28.55
CA PRO A 438 7.14 12.63 -28.14
C PRO A 438 5.84 11.86 -28.12
N ALA A 439 4.70 12.51 -27.92
CA ALA A 439 3.42 11.84 -27.85
C ALA A 439 3.00 11.22 -29.18
N ILE A 440 3.66 11.59 -30.27
CA ILE A 440 3.43 10.94 -31.56
C ILE A 440 4.66 10.26 -32.10
N ALA A 441 5.86 10.58 -31.60
CA ALA A 441 7.10 9.99 -32.06
C ALA A 441 7.46 8.72 -31.32
N ILE A 442 7.04 8.54 -30.07
CA ILE A 442 7.45 7.36 -29.32
C ILE A 442 6.62 6.14 -29.72
N PRO A 443 5.28 6.22 -29.78
CA PRO A 443 4.51 5.04 -30.20
C PRO A 443 4.84 4.51 -31.58
N LYS A 444 5.15 5.37 -32.55
CA LYS A 444 5.50 4.89 -33.88
C LYS A 444 6.89 4.29 -33.92
N GLY A 445 7.87 5.01 -33.39
CA GLY A 445 9.23 4.52 -33.44
C GLY A 445 9.42 3.21 -32.71
N THR A 446 8.90 3.11 -31.48
CA THR A 446 9.16 1.91 -30.69
C THR A 446 8.57 0.68 -31.37
N LEU A 447 7.32 0.78 -31.81
CA LEU A 447 6.64 -0.38 -32.37
C LEU A 447 7.17 -0.75 -33.76
N MET A 448 7.55 0.22 -34.59
CA MET A 448 8.13 -0.17 -35.87
C MET A 448 9.54 -0.72 -35.72
N ALA A 449 10.31 -0.25 -34.75
CA ALA A 449 11.60 -0.86 -34.47
C ALA A 449 11.43 -2.32 -34.05
N ILE A 450 10.47 -2.60 -33.18
CA ILE A 450 10.20 -3.98 -32.79
C ILE A 450 9.85 -4.83 -34.02
N PHE A 451 8.93 -4.33 -34.84
CA PHE A 451 8.48 -5.10 -36.01
C PHE A 451 9.63 -5.39 -36.97
N TRP A 452 10.47 -4.39 -37.25
CA TRP A 452 11.48 -4.59 -38.28
C TRP A 452 12.63 -5.45 -37.77
N THR A 453 13.04 -5.30 -36.51
CA THR A 453 14.07 -6.18 -36.01
C THR A 453 13.56 -7.62 -35.91
N THR A 454 12.28 -7.82 -35.58
CA THR A 454 11.74 -9.16 -35.59
C THR A 454 11.77 -9.78 -36.99
N ILE A 455 11.44 -8.99 -38.01
CA ILE A 455 11.52 -9.50 -39.38
C ILE A 455 12.96 -9.87 -39.73
N SER A 456 13.92 -9.07 -39.27
CA SER A 456 15.34 -9.39 -39.51
C SER A 456 15.73 -10.72 -38.88
N TYR A 457 15.34 -10.93 -37.62
CA TYR A 457 15.64 -12.19 -36.95
C TYR A 457 14.98 -13.37 -37.64
N LEU A 458 13.73 -13.20 -38.09
CA LEU A 458 13.04 -14.30 -38.75
C LEU A 458 13.66 -14.61 -40.11
N ALA A 459 14.23 -13.62 -40.78
CA ALA A 459 14.80 -13.89 -42.10
C ALA A 459 16.18 -14.52 -42.02
N ILE A 460 17.01 -14.07 -41.08
CA ILE A 460 18.37 -14.60 -40.99
C ILE A 460 18.36 -16.10 -40.76
N SER A 461 17.53 -16.56 -39.82
CA SER A 461 17.54 -17.97 -39.45
C SER A 461 17.03 -18.84 -40.59
N ALA A 462 15.87 -18.50 -41.15
CA ALA A 462 15.30 -19.29 -42.22
C ALA A 462 16.13 -19.24 -43.49
N THR A 463 16.97 -18.22 -43.66
CA THR A 463 17.82 -18.18 -44.84
C THR A 463 19.13 -18.94 -44.63
N ILE A 464 19.74 -18.83 -43.45
CA ILE A 464 20.97 -19.57 -43.19
C ILE A 464 20.71 -21.06 -43.10
N GLY A 465 19.56 -21.47 -42.57
CA GLY A 465 19.27 -22.87 -42.41
C GLY A 465 18.84 -23.60 -43.66
N SER A 466 18.77 -22.92 -44.79
CA SER A 466 18.45 -23.54 -46.06
C SER A 466 19.65 -23.63 -46.99
N CYS A 467 20.85 -23.32 -46.50
CA CYS A 467 22.04 -23.29 -47.34
C CYS A 467 23.19 -24.08 -46.74
N VAL A 468 23.25 -24.16 -45.41
CA VAL A 468 24.38 -24.76 -44.73
C VAL A 468 23.92 -26.04 -44.04
N VAL A 469 24.73 -27.07 -44.12
CA VAL A 469 24.42 -28.38 -43.55
C VAL A 469 25.13 -28.49 -42.21
N ARG A 470 24.56 -29.30 -41.31
CA ARG A 470 24.98 -29.25 -39.91
C ARG A 470 26.40 -29.73 -39.73
N ASP A 471 26.80 -30.82 -40.38
CA ASP A 471 28.11 -31.42 -40.19
C ASP A 471 28.92 -31.33 -41.49
N ALA A 472 30.11 -30.75 -41.40
CA ALA A 472 31.03 -30.70 -42.53
C ALA A 472 32.45 -30.60 -42.02
N SER A 473 33.40 -31.09 -42.82
CA SER A 473 34.76 -31.35 -42.36
C SER A 473 35.72 -30.19 -42.67
N GLY A 474 35.59 -29.58 -43.83
CA GLY A 474 36.47 -28.49 -44.19
C GLY A 474 37.77 -28.88 -44.84
N VAL A 475 37.86 -30.09 -45.38
CA VAL A 475 39.06 -30.58 -46.05
C VAL A 475 38.76 -30.73 -47.53
N LEU A 476 39.58 -30.11 -48.37
CA LEU A 476 39.34 -30.11 -49.81
C LEU A 476 39.50 -31.48 -50.45
N ASN A 477 40.05 -32.46 -49.73
CA ASN A 477 40.24 -33.79 -50.29
C ASN A 477 39.01 -34.67 -50.18
N ASP A 478 37.99 -34.25 -49.43
CA ASP A 478 36.85 -35.11 -49.13
C ASP A 478 35.83 -35.14 -50.24
N THR A 479 36.20 -34.78 -51.46
CA THR A 479 35.29 -34.93 -52.58
C THR A 479 35.07 -36.42 -52.85
N VAL A 480 33.84 -36.76 -53.24
CA VAL A 480 33.44 -38.16 -53.36
C VAL A 480 34.28 -38.86 -54.43
N THR A 481 34.47 -40.16 -54.23
CA THR A 481 35.22 -41.02 -55.13
C THR A 481 34.30 -42.11 -55.67
N PRO A 482 34.27 -42.34 -56.98
CA PRO A 482 33.44 -43.43 -57.52
C PRO A 482 33.87 -44.78 -56.97
N GLY A 483 32.87 -45.63 -56.68
CA GLY A 483 33.15 -46.95 -56.17
C GLY A 483 33.55 -47.02 -54.72
N TRP A 484 33.31 -45.96 -53.95
CA TRP A 484 33.60 -45.96 -52.51
C TRP A 484 32.38 -46.45 -51.73
N GLY A 485 31.83 -47.57 -52.19
CA GLY A 485 30.64 -48.13 -51.56
C GLY A 485 29.50 -47.16 -51.49
N ALA A 486 28.92 -47.01 -50.30
CA ALA A 486 27.83 -46.08 -50.06
C ALA A 486 28.21 -45.15 -48.91
N CYS A 487 27.85 -43.88 -49.06
CA CYS A 487 28.29 -42.83 -48.16
C CYS A 487 27.13 -42.31 -47.34
N GLU A 488 27.39 -41.25 -46.58
CA GLU A 488 26.46 -40.75 -45.58
C GLU A 488 26.17 -39.27 -45.80
N GLY A 489 24.90 -38.90 -45.77
CA GLY A 489 24.49 -37.51 -45.75
C GLY A 489 23.90 -37.06 -47.07
N LEU A 490 23.27 -35.88 -47.02
CA LEU A 490 22.83 -35.21 -48.24
C LEU A 490 24.02 -34.80 -49.09
N ALA A 491 25.10 -34.35 -48.45
CA ALA A 491 26.26 -33.83 -49.16
C ALA A 491 26.80 -34.82 -50.18
N CYS A 492 26.37 -36.08 -50.13
CA CYS A 492 26.79 -37.05 -51.13
C CYS A 492 26.18 -36.73 -52.49
N SER A 493 24.96 -36.21 -52.49
CA SER A 493 24.35 -35.80 -53.76
C SER A 493 25.10 -34.63 -54.38
N TYR A 494 25.51 -33.66 -53.56
CA TYR A 494 26.29 -32.52 -54.03
C TYR A 494 27.75 -32.87 -54.20
N GLY A 495 28.12 -34.14 -54.07
CA GLY A 495 29.45 -34.58 -54.41
C GLY A 495 30.49 -34.40 -53.33
N TRP A 496 30.10 -34.46 -52.05
CA TRP A 496 31.06 -34.34 -50.96
C TRP A 496 30.79 -35.44 -49.94
N ASN A 497 31.85 -35.79 -49.22
CA ASN A 497 31.93 -37.04 -48.45
C ASN A 497 32.39 -36.74 -47.03
N PHE A 498 31.44 -36.56 -46.12
CA PHE A 498 31.74 -36.28 -44.72
C PHE A 498 31.35 -37.45 -43.82
N THR A 499 31.54 -38.69 -44.25
CA THR A 499 31.13 -39.85 -43.47
C THR A 499 31.96 -40.00 -42.26
N GLU A 500 33.26 -39.91 -42.44
CA GLU A 500 34.13 -40.14 -41.33
C GLU A 500 33.85 -39.13 -40.25
N CYS A 501 33.73 -37.87 -40.62
CA CYS A 501 33.55 -36.84 -39.61
C CYS A 501 32.29 -37.13 -38.90
N THR A 502 31.21 -37.37 -39.60
CA THR A 502 29.96 -37.49 -38.89
C THR A 502 30.07 -38.60 -37.93
N GLN A 503 30.57 -39.76 -38.38
CA GLN A 503 30.59 -40.92 -37.49
C GLN A 503 31.48 -40.78 -36.25
N GLN A 504 32.71 -40.33 -36.42
CA GLN A 504 33.60 -40.21 -35.29
C GLN A 504 33.28 -39.00 -34.46
N HIS A 505 32.22 -38.27 -34.79
CA HIS A 505 31.87 -37.02 -34.08
C HIS A 505 33.06 -36.10 -33.81
N SER A 506 33.78 -35.68 -34.85
CA SER A 506 34.98 -34.88 -34.65
C SER A 506 35.28 -33.94 -35.80
N CYS A 507 34.27 -33.32 -36.39
CA CYS A 507 34.50 -32.37 -37.48
C CYS A 507 34.12 -30.95 -37.08
N HIS A 508 34.90 -29.99 -37.57
CA HIS A 508 34.99 -28.66 -36.97
C HIS A 508 34.31 -27.57 -37.79
N TYR A 509 33.51 -27.94 -38.79
CA TYR A 509 32.85 -26.96 -39.64
C TYR A 509 31.39 -27.36 -39.84
N GLY A 510 30.59 -26.41 -40.29
CA GLY A 510 29.17 -26.60 -40.45
C GLY A 510 28.39 -25.69 -39.54
N LEU A 511 27.07 -25.77 -39.66
CA LEU A 511 26.19 -24.85 -38.95
C LEU A 511 26.27 -25.04 -37.44
N ILE A 512 26.50 -26.27 -36.99
CA ILE A 512 26.39 -26.60 -35.58
C ILE A 512 27.74 -26.65 -34.88
N ASN A 513 28.85 -26.49 -35.61
CA ASN A 513 30.18 -26.55 -35.02
C ASN A 513 31.00 -25.28 -35.18
N TYR A 514 30.71 -24.46 -36.18
CA TYR A 514 31.51 -23.30 -36.52
C TYR A 514 30.70 -22.04 -36.24
N TYR A 515 31.24 -21.14 -35.43
CA TYR A 515 30.48 -19.98 -34.99
C TYR A 515 30.51 -18.84 -36.01
N GLN A 516 31.50 -18.78 -36.87
CA GLN A 516 31.56 -17.78 -37.93
C GLN A 516 31.04 -18.32 -39.26
N THR A 517 30.01 -19.16 -39.23
CA THR A 517 29.42 -19.62 -40.48
C THR A 517 28.89 -18.45 -41.29
N MET A 518 28.39 -17.42 -40.64
CA MET A 518 27.81 -16.30 -41.35
C MET A 518 28.86 -15.42 -42.02
N SER A 519 30.12 -15.53 -41.61
CA SER A 519 31.21 -14.76 -42.22
C SER A 519 31.80 -15.43 -43.44
N MET A 520 31.60 -16.73 -43.63
CA MET A 520 32.10 -17.39 -44.83
C MET A 520 31.07 -17.49 -45.94
N VAL A 521 29.78 -17.51 -45.60
CA VAL A 521 28.75 -17.43 -46.61
C VAL A 521 28.76 -16.09 -47.33
N SER A 522 29.24 -15.05 -46.67
CA SER A 522 29.18 -13.70 -47.21
C SER A 522 30.05 -13.56 -48.45
N GLY A 523 29.70 -12.59 -49.29
CA GLY A 523 30.54 -12.30 -50.45
C GLY A 523 31.90 -11.76 -50.10
N PHE A 524 32.02 -11.08 -48.95
CA PHE A 524 33.28 -10.51 -48.52
C PHE A 524 33.27 -10.46 -47.00
N ALA A 525 34.31 -11.03 -46.38
CA ALA A 525 34.29 -11.31 -44.95
C ALA A 525 34.40 -10.09 -44.07
N PRO A 526 35.36 -9.17 -44.28
CA PRO A 526 35.53 -8.07 -43.32
C PRO A 526 34.33 -7.14 -43.20
N LEU A 527 33.40 -7.15 -44.15
CA LEU A 527 32.18 -6.36 -43.99
C LEU A 527 31.30 -6.90 -42.87
N ILE A 528 31.28 -8.21 -42.65
CA ILE A 528 30.59 -8.76 -41.49
C ILE A 528 31.26 -8.34 -40.19
N THR A 529 32.59 -8.25 -40.17
CA THR A 529 33.29 -7.76 -38.99
C THR A 529 32.96 -6.29 -38.72
N ALA A 530 32.84 -5.49 -39.78
CA ALA A 530 32.41 -4.11 -39.59
C ALA A 530 30.99 -4.05 -39.05
N GLY A 531 30.11 -4.92 -39.52
CA GLY A 531 28.78 -5.00 -38.95
C GLY A 531 28.79 -5.32 -37.48
N ILE A 532 29.66 -6.25 -37.06
CA ILE A 532 29.77 -6.58 -35.65
C ILE A 532 30.33 -5.41 -34.85
N PHE A 533 31.26 -4.63 -35.42
CA PHE A 533 31.75 -3.44 -34.74
C PHE A 533 30.62 -2.45 -34.49
N GLY A 534 29.82 -2.18 -35.53
CA GLY A 534 28.73 -1.23 -35.37
C GLY A 534 27.69 -1.69 -34.39
N ALA A 535 27.34 -2.99 -34.44
CA ALA A 535 26.30 -3.53 -33.57
C ALA A 535 26.63 -3.45 -32.10
N THR A 536 27.91 -3.34 -31.73
CA THR A 536 28.32 -3.20 -30.34
C THR A 536 28.59 -1.76 -29.94
N LEU A 537 29.24 -0.99 -30.81
CA LEU A 537 29.49 0.41 -30.48
C LEU A 537 28.20 1.20 -30.38
N SER A 538 27.21 0.93 -31.23
CA SER A 538 25.96 1.67 -31.15
C SER A 538 25.23 1.40 -29.85
N SER A 539 25.17 0.14 -29.42
CA SER A 539 24.55 -0.18 -28.14
C SER A 539 25.27 0.44 -26.96
N ALA A 540 26.61 0.45 -26.99
CA ALA A 540 27.35 1.11 -25.91
C ALA A 540 27.04 2.60 -25.86
N LEU A 541 27.01 3.28 -27.01
CA LEU A 541 26.71 4.70 -27.02
C LEU A 541 25.30 4.99 -26.55
N ALA A 542 24.32 4.18 -26.99
CA ALA A 542 22.95 4.37 -26.55
C ALA A 542 22.82 4.23 -25.05
N CYS A 543 23.48 3.22 -24.46
CA CYS A 543 23.45 3.06 -23.01
C CYS A 543 24.13 4.22 -22.29
N LEU A 544 25.25 4.71 -22.81
CA LEU A 544 25.94 5.82 -22.16
C LEU A 544 25.09 7.09 -22.16
N VAL A 545 24.40 7.38 -23.26
CA VAL A 545 23.55 8.57 -23.29
C VAL A 545 22.34 8.38 -22.38
N SER A 546 21.72 7.20 -22.42
CA SER A 546 20.53 6.94 -21.63
C SER A 546 20.79 7.09 -20.14
N ALA A 547 21.91 6.56 -19.64
CA ALA A 547 22.18 6.60 -18.21
C ALA A 547 22.29 8.03 -17.71
N ALA A 548 23.03 8.87 -18.42
CA ALA A 548 23.22 10.25 -17.99
C ALA A 548 22.00 11.12 -18.22
N LYS A 549 21.10 10.75 -19.13
CA LYS A 549 19.85 11.51 -19.21
C LYS A 549 18.90 11.15 -18.08
N VAL A 550 18.84 9.87 -17.71
CA VAL A 550 17.94 9.47 -16.63
C VAL A 550 18.42 9.97 -15.28
N PHE A 551 19.74 9.90 -15.03
CA PHE A 551 20.26 10.26 -13.71
C PHE A 551 20.11 11.74 -13.42
N GLN A 552 20.23 12.60 -14.42
CA GLN A 552 20.05 14.04 -14.18
C GLN A 552 18.65 14.35 -13.69
N CYS A 553 17.64 13.76 -14.32
CA CYS A 553 16.27 13.99 -13.87
C CYS A 553 16.03 13.38 -12.49
N LEU A 554 16.64 12.24 -12.21
CA LEU A 554 16.48 11.67 -10.87
C LEU A 554 17.15 12.54 -9.82
N CYS A 555 18.23 13.22 -10.19
CA CYS A 555 18.95 14.07 -9.23
C CYS A 555 18.30 15.42 -9.05
N GLU A 556 17.54 15.92 -10.03
CA GLU A 556 16.85 17.19 -9.84
C GLU A 556 15.65 17.04 -8.93
N ASP A 557 14.89 15.94 -9.05
CA ASP A 557 13.82 15.62 -8.12
C ASP A 557 14.48 15.05 -6.88
N GLN A 558 14.63 15.86 -5.84
CA GLN A 558 15.51 15.48 -4.75
C GLN A 558 14.89 14.45 -3.82
N LEU A 559 15.01 13.18 -4.18
CA LEU A 559 14.54 12.04 -3.39
C LEU A 559 15.64 11.41 -2.55
N TYR A 560 16.87 11.35 -3.04
CA TYR A 560 17.97 10.71 -2.38
C TYR A 560 18.99 11.72 -1.90
N PRO A 561 19.77 11.40 -0.88
CA PRO A 561 20.74 12.37 -0.36
C PRO A 561 22.04 12.34 -1.15
N LEU A 562 22.74 13.47 -1.08
CA LEU A 562 24.16 13.54 -1.42
C LEU A 562 24.40 13.45 -2.93
N ILE A 563 23.38 13.22 -3.74
CA ILE A 563 23.59 13.19 -5.19
C ILE A 563 23.12 14.40 -6.02
N GLY A 564 22.91 15.55 -5.37
CA GLY A 564 22.52 16.74 -6.11
C GLY A 564 23.56 17.20 -7.10
N PHE A 565 24.83 17.11 -6.72
CA PHE A 565 25.94 17.52 -7.60
C PHE A 565 25.83 17.10 -9.04
N PHE A 566 25.17 15.98 -9.33
CA PHE A 566 25.17 15.47 -10.69
C PHE A 566 24.00 15.96 -11.52
N GLY A 567 23.19 16.86 -10.98
CA GLY A 567 22.05 17.38 -11.70
C GLY A 567 22.26 18.67 -12.43
N LYS A 568 23.42 19.31 -12.29
CA LYS A 568 23.67 20.58 -12.95
C LYS A 568 23.74 20.39 -14.47
N GLY A 569 23.18 21.35 -15.18
CA GLY A 569 23.18 21.31 -16.63
C GLY A 569 24.08 22.37 -17.25
N TYR A 570 24.97 21.94 -18.13
CA TYR A 570 25.96 22.81 -18.74
C TYR A 570 25.52 23.25 -20.13
N GLY A 571 25.78 24.50 -20.45
CA GLY A 571 25.59 24.98 -21.80
C GLY A 571 24.15 25.31 -22.13
N LYS A 572 23.92 25.46 -23.43
CA LYS A 572 22.63 25.90 -23.95
C LYS A 572 21.56 24.82 -23.89
N ASN A 573 21.94 23.55 -24.05
CA ASN A 573 21.01 22.44 -23.96
C ASN A 573 20.99 21.79 -22.60
N LYS A 574 21.71 22.37 -21.64
CA LYS A 574 21.91 21.82 -20.29
C LYS A 574 22.14 20.31 -20.32
N GLU A 575 23.21 19.92 -20.99
CA GLU A 575 23.61 18.53 -21.02
C GLU A 575 24.23 18.12 -19.69
N PRO A 576 24.06 16.88 -19.27
CA PRO A 576 24.59 16.44 -17.97
C PRO A 576 26.08 16.09 -18.04
N VAL A 577 26.93 17.12 -17.99
CA VAL A 577 28.36 16.86 -18.11
C VAL A 577 28.87 16.08 -16.91
N ARG A 578 28.26 16.27 -15.75
CA ARG A 578 28.70 15.55 -14.55
C ARG A 578 28.14 14.13 -14.47
N GLY A 579 27.13 13.81 -15.27
CA GLY A 579 26.58 12.47 -15.27
C GLY A 579 27.28 11.58 -16.27
N TYR A 580 27.77 12.20 -17.34
CA TYR A 580 28.60 11.47 -18.30
C TYR A 580 29.88 10.98 -17.63
N LEU A 581 30.49 11.80 -16.79
CA LEU A 581 31.73 11.38 -16.14
C LEU A 581 31.48 10.30 -15.09
N LEU A 582 30.32 10.33 -14.42
CA LEU A 582 30.01 9.25 -13.49
C LEU A 582 29.74 7.95 -14.23
N ALA A 583 28.98 7.99 -15.33
CA ALA A 583 28.78 6.77 -16.10
C ALA A 583 30.09 6.27 -16.70
N TYR A 584 30.99 7.19 -17.04
CA TYR A 584 32.30 6.81 -17.56
C TYR A 584 33.14 6.11 -16.50
N ALA A 585 33.14 6.64 -15.27
CA ALA A 585 33.87 5.98 -14.20
C ALA A 585 33.29 4.60 -13.89
N ILE A 586 31.97 4.49 -13.82
CA ILE A 586 31.36 3.20 -13.53
C ILE A 586 31.58 2.21 -14.68
N ALA A 587 31.70 2.69 -15.91
CA ALA A 587 31.96 1.78 -17.03
C ALA A 587 33.42 1.33 -17.04
N VAL A 588 34.36 2.22 -16.73
CA VAL A 588 35.77 1.83 -16.71
C VAL A 588 36.04 0.87 -15.56
N ALA A 589 35.41 1.09 -14.41
CA ALA A 589 35.59 0.19 -13.28
C ALA A 589 35.18 -1.23 -13.59
N PHE A 590 34.20 -1.43 -14.47
CA PHE A 590 33.78 -2.77 -14.85
C PHE A 590 34.50 -3.30 -16.08
N ILE A 591 35.02 -2.42 -16.93
CA ILE A 591 35.89 -2.88 -18.01
C ILE A 591 37.15 -3.50 -17.44
N ILE A 592 37.71 -2.89 -16.39
CA ILE A 592 38.94 -3.43 -15.81
C ILE A 592 38.75 -4.81 -15.20
N ILE A 593 37.55 -5.12 -14.69
CA ILE A 593 37.29 -6.48 -14.20
C ILE A 593 37.40 -7.48 -15.35
N ALA A 594 36.71 -7.21 -16.46
CA ALA A 594 36.92 -7.83 -17.77
C ALA A 594 36.42 -9.26 -17.92
N GLU A 595 36.00 -9.93 -16.84
CA GLU A 595 35.28 -11.20 -16.95
C GLU A 595 33.90 -11.00 -16.37
N LEU A 596 32.96 -10.63 -17.24
CA LEU A 596 31.61 -10.26 -16.84
C LEU A 596 30.58 -11.34 -17.18
N ASN A 597 31.00 -12.60 -17.18
CA ASN A 597 30.08 -13.69 -17.46
C ASN A 597 29.16 -14.00 -16.30
N THR A 598 29.52 -13.60 -15.09
CA THR A 598 28.67 -13.78 -13.92
C THR A 598 27.96 -12.51 -13.48
N ILE A 599 28.45 -11.34 -13.90
CA ILE A 599 27.77 -10.08 -13.62
C ILE A 599 26.69 -9.77 -14.64
N ALA A 600 26.68 -10.46 -15.77
CA ALA A 600 25.60 -10.27 -16.74
C ALA A 600 24.24 -10.68 -16.20
N PRO A 601 24.06 -11.84 -15.55
CA PRO A 601 22.72 -12.18 -15.07
C PRO A 601 22.16 -11.21 -14.04
N ILE A 602 23.00 -10.57 -13.24
CA ILE A 602 22.49 -9.58 -12.30
C ILE A 602 21.96 -8.37 -13.05
N ILE A 603 22.67 -7.93 -14.08
CA ILE A 603 22.29 -6.73 -14.81
C ILE A 603 21.08 -6.98 -15.69
N SER A 604 21.02 -8.15 -16.31
CA SER A 604 19.87 -8.47 -17.15
C SER A 604 18.60 -8.67 -16.37
N ASN A 605 18.68 -8.76 -15.04
CA ASN A 605 17.50 -8.82 -14.18
C ASN A 605 17.15 -7.47 -13.58
N PHE A 606 18.07 -6.51 -13.61
CA PHE A 606 17.73 -5.13 -13.33
C PHE A 606 16.88 -4.52 -14.43
N PHE A 607 16.93 -5.09 -15.64
CA PHE A 607 16.18 -4.59 -16.78
C PHE A 607 14.83 -5.28 -16.96
N LEU A 608 14.67 -6.48 -16.43
CA LEU A 608 13.36 -7.12 -16.40
C LEU A 608 12.54 -6.68 -15.21
N CYS A 609 13.16 -6.00 -14.24
CA CYS A 609 12.44 -5.40 -13.14
C CYS A 609 11.89 -4.04 -13.50
N SER A 610 12.49 -3.37 -14.48
CA SER A 610 11.92 -2.18 -15.10
C SER A 610 10.81 -2.52 -16.07
N TYR A 611 10.87 -3.66 -16.73
CA TYR A 611 9.80 -4.12 -17.60
C TYR A 611 8.53 -4.43 -16.83
N ALA A 612 8.67 -4.87 -15.58
CA ALA A 612 7.52 -5.22 -14.75
C ALA A 612 6.86 -4.02 -14.11
N LEU A 613 7.52 -2.86 -14.08
CA LEU A 613 6.92 -1.64 -13.59
C LEU A 613 6.43 -0.71 -14.69
N ILE A 614 6.98 -0.83 -15.90
CA ILE A 614 6.38 -0.16 -17.04
C ILE A 614 5.02 -0.74 -17.35
N ASN A 615 4.84 -2.04 -17.12
CA ASN A 615 3.58 -2.71 -17.35
C ASN A 615 2.61 -2.58 -16.19
N PHE A 616 3.10 -2.41 -14.97
CA PHE A 616 2.21 -2.15 -13.85
C PHE A 616 1.72 -0.71 -13.86
N SER A 617 2.47 0.21 -14.47
CA SER A 617 2.01 1.59 -14.58
C SER A 617 0.83 1.72 -15.54
N CYS A 618 0.78 0.91 -16.58
CA CYS A 618 -0.36 0.96 -17.50
C CYS A 618 -1.53 0.15 -16.99
N PHE A 619 -1.29 -0.88 -16.19
CA PHE A 619 -2.40 -1.62 -15.60
C PHE A 619 -3.05 -0.83 -14.48
N HIS A 620 -2.25 -0.20 -13.63
CA HIS A 620 -2.82 0.51 -12.49
C HIS A 620 -3.52 1.78 -12.93
N ALA A 621 -2.90 2.55 -13.81
CA ALA A 621 -3.51 3.78 -14.27
C ALA A 621 -4.81 3.54 -15.00
N SER A 622 -4.97 2.38 -15.62
CA SER A 622 -6.14 2.09 -16.43
C SER A 622 -7.26 1.42 -15.65
N ILE A 623 -6.95 0.79 -14.53
CA ILE A 623 -7.99 0.24 -13.68
C ILE A 623 -8.46 1.25 -12.63
N THR A 624 -7.59 2.16 -12.22
CA THR A 624 -7.99 3.26 -11.35
C THR A 624 -8.97 4.19 -12.05
N ASN A 625 -8.66 4.56 -13.30
CA ASN A 625 -9.58 5.25 -14.21
C ASN A 625 -9.97 6.63 -13.68
N SER A 626 -8.98 7.37 -13.21
CA SER A 626 -9.28 8.68 -12.64
C SER A 626 -9.70 9.58 -13.77
N PRO A 627 -10.71 10.44 -13.52
CA PRO A 627 -10.99 11.36 -14.62
C PRO A 627 -9.72 12.14 -14.76
N GLY A 628 -9.19 12.23 -15.97
CA GLY A 628 -7.89 12.87 -16.13
C GLY A 628 -6.92 11.93 -16.79
N TRP A 629 -7.10 10.61 -16.64
CA TRP A 629 -6.21 9.72 -17.37
C TRP A 629 -6.83 9.55 -18.76
N ARG A 630 -6.36 10.25 -19.76
CA ARG A 630 -6.96 10.16 -21.02
C ARG A 630 -5.83 10.14 -21.98
N PRO A 631 -5.33 8.96 -22.40
CA PRO A 631 -4.25 8.74 -23.35
C PRO A 631 -4.72 8.82 -24.79
N SER A 632 -3.83 9.30 -25.66
CA SER A 632 -4.13 9.38 -27.08
C SER A 632 -4.03 8.02 -27.75
N PHE A 633 -3.12 7.17 -27.27
CA PHE A 633 -2.90 5.86 -27.85
C PHE A 633 -3.92 4.89 -27.27
N GLN A 634 -4.84 4.42 -28.10
CA GLN A 634 -5.96 3.61 -27.67
C GLN A 634 -5.78 2.12 -27.93
N TYR A 635 -4.67 1.70 -28.55
CA TYR A 635 -4.49 0.31 -28.96
C TYR A 635 -3.70 -0.47 -27.92
N TYR A 636 -4.18 -0.45 -26.69
CA TYR A 636 -3.59 -1.21 -25.61
C TYR A 636 -4.71 -1.90 -24.85
N ASN A 637 -4.35 -2.84 -23.99
CA ASN A 637 -5.32 -3.52 -23.17
C ASN A 637 -4.87 -3.47 -21.72
N LYS A 638 -5.82 -3.67 -20.83
CA LYS A 638 -5.53 -3.58 -19.41
C LYS A 638 -5.12 -4.92 -18.82
N TRP A 639 -5.57 -6.02 -19.42
CA TRP A 639 -5.22 -7.35 -18.94
C TRP A 639 -3.93 -7.89 -19.55
N ALA A 640 -3.64 -7.51 -20.80
CA ALA A 640 -2.33 -7.83 -21.37
C ALA A 640 -1.21 -7.13 -20.61
N ALA A 641 -1.45 -5.91 -20.14
CA ALA A 641 -0.47 -5.18 -19.37
C ALA A 641 -0.25 -5.75 -17.98
N LEU A 642 -1.16 -6.56 -17.47
CA LEU A 642 -0.96 -7.27 -16.21
C LEU A 642 -0.29 -8.62 -16.45
N PHE A 643 -0.69 -9.32 -17.51
CA PHE A 643 0.04 -10.52 -17.90
C PHE A 643 1.50 -10.22 -18.12
N GLY A 644 1.81 -9.07 -18.72
CA GLY A 644 3.20 -8.72 -18.93
C GLY A 644 3.97 -8.52 -17.64
N ALA A 645 3.36 -7.86 -16.66
CA ALA A 645 4.02 -7.63 -15.38
C ALA A 645 4.23 -8.92 -14.60
N ILE A 646 3.30 -9.86 -14.73
CA ILE A 646 3.47 -11.16 -14.08
C ILE A 646 4.58 -11.96 -14.76
N ILE A 647 4.56 -12.00 -16.09
CA ILE A 647 5.48 -12.87 -16.80
C ILE A 647 6.90 -12.31 -16.79
N SER A 648 7.07 -11.00 -16.64
CA SER A 648 8.43 -10.47 -16.54
C SER A 648 9.10 -10.84 -15.23
N VAL A 649 8.35 -11.31 -14.23
CA VAL A 649 8.94 -11.74 -12.96
C VAL A 649 9.08 -13.27 -12.98
N VAL A 650 8.12 -13.94 -13.60
CA VAL A 650 8.29 -15.39 -13.80
C VAL A 650 9.55 -15.67 -14.60
N ILE A 651 9.77 -14.92 -15.69
CA ILE A 651 10.98 -15.07 -16.49
C ILE A 651 12.20 -14.67 -15.68
N MET A 652 12.07 -13.62 -14.88
CA MET A 652 13.16 -13.17 -14.03
C MET A 652 13.66 -14.28 -13.13
N PHE A 653 12.76 -15.11 -12.63
CA PHE A 653 13.13 -16.22 -11.74
C PHE A 653 13.57 -17.44 -12.51
N LEU A 654 12.98 -17.72 -13.67
CA LEU A 654 13.42 -18.84 -14.48
C LEU A 654 14.85 -18.66 -14.98
N LEU A 655 15.21 -17.45 -15.41
CA LEU A 655 16.53 -17.24 -15.96
C LEU A 655 17.63 -17.48 -14.93
N THR A 656 17.45 -16.98 -13.71
CA THR A 656 18.44 -17.16 -12.65
C THR A 656 17.77 -16.86 -11.32
N TRP A 657 17.67 -17.86 -10.45
CA TRP A 657 16.92 -17.67 -9.21
C TRP A 657 17.63 -16.75 -8.24
N TRP A 658 18.97 -16.72 -8.24
CA TRP A 658 19.71 -15.99 -7.22
C TRP A 658 20.05 -14.57 -7.61
N ALA A 659 19.70 -14.13 -8.82
CA ALA A 659 19.86 -12.75 -9.23
C ALA A 659 18.54 -11.99 -9.21
N ALA A 660 17.44 -12.71 -9.37
CA ALA A 660 16.13 -12.13 -9.08
C ALA A 660 16.06 -11.67 -7.64
N LEU A 661 16.68 -12.40 -6.73
CA LEU A 661 16.68 -12.01 -5.32
C LEU A 661 17.47 -10.73 -5.11
N ILE A 662 18.62 -10.58 -5.77
CA ILE A 662 19.38 -9.34 -5.64
C ILE A 662 18.58 -8.16 -6.18
N ALA A 663 17.96 -8.35 -7.34
CA ALA A 663 17.14 -7.28 -7.93
C ALA A 663 16.01 -6.87 -6.99
N ILE A 664 15.24 -7.84 -6.52
CA ILE A 664 14.08 -7.54 -5.67
C ILE A 664 14.53 -6.97 -4.33
N GLY A 665 15.65 -7.44 -3.79
CA GLY A 665 16.12 -6.90 -2.52
C GLY A 665 16.55 -5.45 -2.63
N VAL A 666 17.28 -5.10 -3.70
CA VAL A 666 17.66 -3.70 -3.86
C VAL A 666 16.43 -2.83 -4.13
N VAL A 667 15.46 -3.35 -4.88
CA VAL A 667 14.23 -2.61 -5.10
C VAL A 667 13.51 -2.34 -3.77
N LEU A 668 13.42 -3.35 -2.90
CA LEU A 668 12.78 -3.14 -1.60
C LEU A 668 13.55 -2.16 -0.73
N PHE A 669 14.87 -2.25 -0.69
CA PHE A 669 15.64 -1.32 0.12
C PHE A 669 15.39 0.11 -0.32
N LEU A 670 15.47 0.38 -1.63
CA LEU A 670 15.30 1.74 -2.12
C LEU A 670 13.85 2.20 -2.06
N LEU A 671 12.88 1.29 -2.12
CA LEU A 671 11.49 1.66 -1.90
C LEU A 671 11.24 2.07 -0.47
N LEU A 672 11.75 1.29 0.49
CA LEU A 672 11.49 1.58 1.90
C LEU A 672 12.21 2.83 2.35
N TYR A 673 13.37 3.14 1.80
CA TYR A 673 14.01 4.40 2.15
C TYR A 673 13.10 5.58 1.83
N VAL A 674 12.53 5.60 0.61
CA VAL A 674 11.66 6.69 0.22
C VAL A 674 10.36 6.67 1.01
N ILE A 675 9.84 5.49 1.35
CA ILE A 675 8.63 5.42 2.16
C ILE A 675 8.87 6.04 3.54
N TYR A 676 10.00 5.73 4.16
CA TYR A 676 10.31 6.30 5.47
C TYR A 676 10.79 7.74 5.41
N LYS A 677 11.11 8.25 4.23
CA LYS A 677 11.62 9.61 4.13
C LYS A 677 10.54 10.65 3.83
N LYS A 678 9.48 10.28 3.13
CA LYS A 678 8.38 11.19 2.79
C LYS A 678 8.91 12.42 2.07
N PRO A 679 9.28 12.32 0.78
CA PRO A 679 10.04 13.39 0.14
C PRO A 679 9.23 14.61 -0.28
N GLU A 680 7.95 14.68 0.06
CA GLU A 680 7.07 15.83 -0.19
C GLU A 680 7.20 16.36 -1.63
N VAL A 681 6.84 15.50 -2.57
CA VAL A 681 6.60 15.86 -3.96
C VAL A 681 5.17 15.41 -4.30
N ASN A 682 4.48 16.21 -5.09
CA ASN A 682 3.09 15.94 -5.44
C ASN A 682 2.96 16.01 -6.96
N TRP A 683 3.04 14.86 -7.61
CA TRP A 683 2.82 14.83 -9.05
C TRP A 683 1.53 14.05 -9.11
N GLY A 684 0.66 14.33 -10.07
CA GLY A 684 -0.59 13.61 -10.07
C GLY A 684 -0.21 12.17 -10.28
N SER A 685 -0.76 11.27 -9.47
CA SER A 685 -0.37 9.88 -9.57
C SER A 685 -1.58 8.99 -9.40
N SER A 686 -1.53 7.81 -10.02
CA SER A 686 -2.66 6.90 -9.94
C SER A 686 -2.80 6.25 -8.57
N VAL A 687 -1.73 6.21 -7.79
CA VAL A 687 -1.84 5.73 -6.42
C VAL A 687 -2.62 6.73 -5.58
N GLN A 688 -2.40 8.02 -5.80
CA GLN A 688 -3.19 9.05 -5.14
C GLN A 688 -4.65 9.01 -5.58
N ALA A 689 -4.92 8.56 -6.79
CA ALA A 689 -6.27 8.45 -7.29
C ALA A 689 -6.95 7.16 -6.90
N GLY A 690 -6.19 6.17 -6.44
CA GLY A 690 -6.81 4.96 -5.90
C GLY A 690 -7.38 5.12 -4.52
N SER A 691 -6.81 6.01 -3.71
CA SER A 691 -7.32 6.25 -2.37
C SER A 691 -8.76 6.75 -2.41
N TYR A 692 -9.05 7.70 -3.29
CA TYR A 692 -10.41 8.19 -3.43
C TYR A 692 -11.34 7.10 -3.96
N ASN A 693 -10.88 6.36 -4.97
CA ASN A 693 -11.70 5.28 -5.52
C ASN A 693 -12.14 4.34 -4.43
N LEU A 694 -11.22 3.99 -3.55
CA LEU A 694 -11.42 2.96 -2.55
C LEU A 694 -12.22 3.46 -1.35
N ALA A 695 -11.95 4.69 -0.93
CA ALA A 695 -12.78 5.34 0.08
C ALA A 695 -14.24 5.44 -0.36
N LEU A 696 -14.48 5.92 -1.58
CA LEU A 696 -15.84 6.00 -2.10
C LEU A 696 -16.48 4.64 -2.22
N SER A 697 -15.73 3.66 -2.71
CA SER A 697 -16.29 2.32 -2.90
C SER A 697 -16.78 1.74 -1.60
N TYR A 698 -16.03 1.88 -0.53
CA TYR A 698 -16.45 1.32 0.74
C TYR A 698 -17.50 2.18 1.44
N SER A 699 -17.42 3.51 1.30
CA SER A 699 -18.41 4.38 1.92
C SER A 699 -19.79 4.18 1.33
N VAL A 700 -19.89 3.97 0.02
CA VAL A 700 -21.19 3.74 -0.58
C VAL A 700 -21.78 2.42 -0.11
N GLY A 701 -20.94 1.41 0.12
CA GLY A 701 -21.41 0.09 0.51
C GLY A 701 -22.13 0.07 1.84
N LEU A 702 -21.97 1.10 2.67
CA LEU A 702 -22.73 1.22 3.90
C LEU A 702 -24.22 1.43 3.65
N ASN A 703 -24.60 1.90 2.46
CA ASN A 703 -25.99 2.14 2.14
C ASN A 703 -26.80 0.86 1.99
N GLU A 704 -26.15 -0.29 1.89
CA GLU A 704 -26.84 -1.56 1.67
C GLU A 704 -27.18 -2.27 2.96
N VAL A 705 -26.95 -1.64 4.11
CA VAL A 705 -27.15 -2.23 5.42
C VAL A 705 -28.14 -1.38 6.19
N GLU A 706 -29.12 -2.04 6.82
CA GLU A 706 -30.16 -1.34 7.54
C GLU A 706 -29.62 -0.75 8.85
N ASP A 707 -30.45 0.08 9.48
CA ASP A 707 -30.16 0.61 10.81
C ASP A 707 -30.66 -0.39 11.85
N HIS A 708 -29.78 -0.78 12.76
CA HIS A 708 -30.07 -1.87 13.68
C HIS A 708 -29.72 -1.44 15.09
N ILE A 709 -30.13 -2.26 16.06
CA ILE A 709 -29.83 -1.98 17.45
C ILE A 709 -28.49 -2.58 17.85
N LYS A 710 -27.97 -3.52 17.08
CA LYS A 710 -26.78 -4.28 17.44
C LYS A 710 -25.50 -3.61 17.00
N ASN A 711 -25.56 -2.40 16.44
CA ASN A 711 -24.38 -1.75 15.89
C ASN A 711 -24.33 -0.30 16.33
N TYR A 712 -24.65 -0.04 17.59
CA TYR A 712 -24.46 1.31 18.10
C TYR A 712 -22.98 1.62 18.17
N ARG A 713 -22.62 2.84 17.77
CA ARG A 713 -21.27 3.31 17.88
C ARG A 713 -21.30 4.74 18.38
N PRO A 714 -20.36 5.12 19.25
CA PRO A 714 -20.27 6.52 19.64
C PRO A 714 -19.60 7.36 18.57
N GLN A 715 -20.38 8.11 17.82
CA GLN A 715 -19.90 8.96 16.73
C GLN A 715 -20.08 10.40 17.18
N CYS A 716 -18.98 11.09 17.42
CA CYS A 716 -19.01 12.32 18.18
C CYS A 716 -18.57 13.51 17.34
N LEU A 717 -19.17 14.66 17.65
CA LEU A 717 -18.83 15.95 17.07
C LEU A 717 -18.19 16.79 18.16
N VAL A 718 -16.93 17.17 17.97
CA VAL A 718 -16.14 17.85 18.98
C VAL A 718 -16.02 19.31 18.61
N LEU A 719 -16.44 20.19 19.51
CA LEU A 719 -16.34 21.64 19.31
C LEU A 719 -15.00 22.14 19.84
N THR A 720 -13.98 22.09 18.99
CA THR A 720 -12.64 22.50 19.37
C THR A 720 -12.32 23.94 19.03
N GLY A 721 -13.05 24.56 18.12
CA GLY A 721 -12.56 25.75 17.49
C GLY A 721 -11.37 25.37 16.65
N PRO A 722 -10.38 26.23 16.53
CA PRO A 722 -9.11 25.81 15.95
C PRO A 722 -8.52 24.68 16.78
N PRO A 723 -8.15 23.56 16.15
CA PRO A 723 -7.75 22.40 16.93
C PRO A 723 -6.60 22.64 17.89
N ASN A 724 -5.68 23.56 17.58
CA ASN A 724 -4.54 23.80 18.44
C ASN A 724 -4.83 24.79 19.56
N PHE A 725 -5.99 25.44 19.57
CA PHE A 725 -6.32 26.32 20.68
C PHE A 725 -6.67 25.56 21.94
N ARG A 726 -7.11 24.32 21.81
CA ARG A 726 -7.42 23.50 22.96
C ARG A 726 -7.24 22.03 22.60
N PRO A 727 -6.01 21.51 22.66
CA PRO A 727 -5.77 20.12 22.25
C PRO A 727 -6.22 19.09 23.27
N ALA A 728 -6.64 19.51 24.46
CA ALA A 728 -7.10 18.56 25.46
C ALA A 728 -8.35 17.84 24.99
N LEU A 729 -9.28 18.57 24.35
CA LEU A 729 -10.46 17.94 23.79
C LEU A 729 -10.08 16.93 22.72
N VAL A 730 -9.14 17.28 21.86
CA VAL A 730 -8.70 16.37 20.81
C VAL A 730 -8.13 15.09 21.40
N ASP A 731 -7.28 15.22 22.42
CA ASP A 731 -6.67 14.04 23.03
C ASP A 731 -7.72 13.19 23.74
N PHE A 732 -8.58 13.81 24.56
CA PHE A 732 -9.57 13.05 25.28
C PHE A 732 -10.47 12.28 24.35
N VAL A 733 -10.92 12.92 23.27
CA VAL A 733 -11.88 12.23 22.42
C VAL A 733 -11.19 11.27 21.47
N GLY A 734 -9.99 11.58 20.99
CA GLY A 734 -9.29 10.64 20.15
C GLY A 734 -8.72 9.46 20.89
N THR A 735 -8.74 9.48 22.22
CA THR A 735 -8.37 8.29 22.97
C THR A 735 -9.39 7.17 22.76
N PHE A 736 -10.65 7.42 23.11
CA PHE A 736 -11.61 6.33 23.19
C PHE A 736 -12.35 6.06 21.89
N THR A 737 -12.19 6.87 20.85
CA THR A 737 -12.90 6.67 19.60
C THR A 737 -12.00 6.21 18.48
N ARG A 738 -10.70 6.06 18.73
CA ARG A 738 -9.77 5.64 17.69
C ARG A 738 -10.04 4.20 17.30
N ASN A 739 -10.02 3.94 15.99
CA ASN A 739 -10.23 2.63 15.40
C ASN A 739 -11.60 2.05 15.73
N LEU A 740 -12.51 2.85 16.26
CA LEU A 740 -13.84 2.35 16.61
C LEU A 740 -14.98 3.11 15.93
N SER A 741 -14.91 4.43 15.84
CA SER A 741 -16.02 5.19 15.29
C SER A 741 -15.53 6.56 14.81
N LEU A 742 -16.48 7.43 14.45
CA LEU A 742 -16.24 8.70 13.79
C LEU A 742 -15.90 9.81 14.78
N MET A 743 -15.09 10.76 14.33
CA MET A 743 -14.73 11.92 15.15
C MET A 743 -14.54 13.13 14.24
N ILE A 744 -15.40 14.14 14.38
CA ILE A 744 -15.35 15.36 13.59
C ILE A 744 -14.99 16.51 14.52
N CYS A 745 -14.12 17.40 14.07
CA CYS A 745 -13.69 18.57 14.84
C CYS A 745 -14.36 19.81 14.26
N GLY A 746 -15.41 20.28 14.91
CA GLY A 746 -16.14 21.43 14.41
C GLY A 746 -15.39 22.74 14.63
N HIS A 747 -15.84 23.77 13.92
CA HIS A 747 -15.27 25.11 14.02
C HIS A 747 -16.21 26.11 13.39
N VAL A 748 -16.52 27.19 14.08
CA VAL A 748 -17.43 28.22 13.58
C VAL A 748 -16.66 29.52 13.43
N LEU A 749 -16.74 30.11 12.25
CA LEU A 749 -16.03 31.34 11.91
C LEU A 749 -17.01 32.49 12.11
N ILE A 750 -16.97 33.11 13.28
CA ILE A 750 -17.99 34.08 13.66
C ILE A 750 -17.78 35.37 12.87
N GLY A 751 -18.81 35.79 12.15
CA GLY A 751 -18.65 36.94 11.30
C GLY A 751 -19.77 37.27 10.36
N PRO A 752 -19.86 38.55 9.89
CA PRO A 752 -21.05 38.86 9.09
C PRO A 752 -21.01 38.52 7.61
N HIS A 753 -19.85 38.16 7.08
CA HIS A 753 -19.76 37.92 5.65
C HIS A 753 -19.57 36.44 5.35
N LYS A 754 -20.44 35.89 4.53
CA LYS A 754 -20.29 34.50 4.14
C LYS A 754 -19.76 34.49 2.72
N GLN A 755 -18.54 33.99 2.55
CA GLN A 755 -17.92 33.95 1.23
C GLN A 755 -16.70 33.07 1.37
N ARG A 756 -16.69 31.94 0.67
CA ARG A 756 -15.59 31.02 0.81
C ARG A 756 -14.48 31.37 -0.13
N MET A 757 -13.88 32.54 0.04
CA MET A 757 -12.72 32.90 -0.77
C MET A 757 -11.69 31.79 -0.68
N PRO A 758 -10.87 31.58 -1.76
CA PRO A 758 -9.96 30.41 -1.67
C PRO A 758 -8.93 30.44 -0.54
N GLU A 759 -8.80 31.56 0.15
CA GLU A 759 -7.88 31.63 1.29
C GLU A 759 -8.34 30.67 2.36
N LEU A 760 -9.65 30.56 2.56
CA LEU A 760 -10.20 29.65 3.56
C LEU A 760 -9.66 28.23 3.43
N GLN A 761 -9.46 27.75 2.20
CA GLN A 761 -9.00 26.38 2.00
C GLN A 761 -7.57 26.21 2.47
N LEU A 762 -6.76 27.27 2.36
CA LEU A 762 -5.40 27.21 2.87
C LEU A 762 -5.38 27.04 4.39
N ILE A 763 -6.23 27.80 5.09
CA ILE A 763 -6.29 27.70 6.55
C ILE A 763 -6.82 26.34 6.96
N ALA A 764 -7.84 25.84 6.26
CA ALA A 764 -8.38 24.53 6.57
C ALA A 764 -7.35 23.43 6.34
N ASN A 765 -6.51 23.56 5.32
CA ASN A 765 -5.46 22.59 5.11
C ASN A 765 -4.34 22.73 6.14
N GLY A 766 -4.12 23.94 6.65
CA GLY A 766 -3.18 24.10 7.74
C GLY A 766 -3.66 23.50 9.05
N HIS A 767 -4.97 23.44 9.25
CA HIS A 767 -5.54 22.76 10.42
C HIS A 767 -5.69 21.26 10.23
N THR A 768 -5.81 20.79 9.00
CA THR A 768 -5.89 19.36 8.75
C THR A 768 -4.53 18.66 8.76
N LYS A 769 -3.43 19.42 8.72
CA LYS A 769 -2.11 18.83 8.84
C LYS A 769 -1.65 18.75 10.28
N TRP A 770 -2.13 19.67 11.13
CA TRP A 770 -1.86 19.58 12.56
C TRP A 770 -2.42 18.29 13.14
N LEU A 771 -3.61 17.88 12.70
CA LEU A 771 -4.19 16.63 13.16
C LEU A 771 -3.51 15.42 12.54
N ASN A 772 -2.93 15.56 11.36
CA ASN A 772 -2.19 14.46 10.75
C ASN A 772 -0.82 14.28 11.37
N LYS A 773 -0.26 15.33 11.97
CA LYS A 773 1.04 15.24 12.62
C LYS A 773 0.98 14.69 14.03
N ARG A 774 -0.05 15.05 14.79
CA ARG A 774 -0.25 14.43 16.10
C ARG A 774 -0.70 12.99 16.00
N LYS A 775 -1.00 12.51 14.81
CA LYS A 775 -1.50 11.16 14.57
C LYS A 775 -2.87 10.98 15.21
N ILE A 776 -3.71 12.01 15.10
CA ILE A 776 -5.11 11.93 15.48
C ILE A 776 -5.90 11.55 14.24
N LYS A 777 -6.85 10.63 14.41
CA LYS A 777 -7.64 10.14 13.28
C LYS A 777 -8.98 10.87 13.24
N ALA A 778 -8.92 12.17 12.98
CA ALA A 778 -10.07 13.04 13.05
C ALA A 778 -10.25 13.80 11.75
N PHE A 779 -11.51 14.14 11.45
CA PHE A 779 -11.87 15.02 10.35
C PHE A 779 -11.94 16.45 10.84
N TYR A 780 -11.84 17.40 9.92
CA TYR A 780 -11.94 18.81 10.28
C TYR A 780 -13.01 19.46 9.43
N SER A 781 -13.86 20.26 10.07
CA SER A 781 -15.00 20.88 9.39
C SER A 781 -15.24 22.26 9.98
N ASP A 782 -15.31 23.27 9.13
CA ASP A 782 -15.60 24.63 9.57
C ASP A 782 -16.74 25.22 8.75
N VAL A 783 -17.59 25.99 9.43
CA VAL A 783 -18.73 26.65 8.79
C VAL A 783 -18.72 28.12 9.17
N ILE A 784 -19.54 28.91 8.48
CA ILE A 784 -19.66 30.33 8.71
C ILE A 784 -21.07 30.64 9.20
N ALA A 785 -21.16 31.40 10.28
CA ALA A 785 -22.44 31.84 10.79
C ALA A 785 -22.22 33.11 11.60
N GLU A 786 -23.30 33.84 11.85
CA GLU A 786 -23.17 35.11 12.55
C GLU A 786 -23.08 34.94 14.06
N ASP A 787 -23.45 33.78 14.59
CA ASP A 787 -23.22 33.48 16.00
C ASP A 787 -22.94 31.99 16.13
N LEU A 788 -22.38 31.62 17.28
CA LEU A 788 -21.86 30.27 17.44
C LEU A 788 -22.98 29.23 17.51
N ARG A 789 -24.12 29.59 18.10
CA ARG A 789 -25.21 28.64 18.24
C ARG A 789 -25.69 28.17 16.88
N ARG A 790 -25.85 29.10 15.92
CA ARG A 790 -26.32 28.71 14.60
C ARG A 790 -25.26 27.95 13.80
N GLY A 791 -23.98 28.26 13.98
CA GLY A 791 -22.96 27.44 13.36
C GLY A 791 -22.98 26.01 13.86
N VAL A 792 -23.14 25.83 15.17
CA VAL A 792 -23.22 24.49 15.72
C VAL A 792 -24.46 23.78 15.20
N GLN A 793 -25.57 24.50 15.07
CA GLN A 793 -26.78 23.89 14.55
C GLN A 793 -26.62 23.43 13.11
N ILE A 794 -25.93 24.22 12.28
CA ILE A 794 -25.66 23.79 10.91
C ILE A 794 -24.80 22.53 10.89
N LEU A 795 -23.73 22.51 11.70
CA LEU A 795 -22.87 21.34 11.75
C LEU A 795 -23.63 20.11 12.22
N MET A 796 -24.59 20.30 13.13
CA MET A 796 -25.35 19.16 13.64
C MET A 796 -26.40 18.68 12.66
N GLN A 797 -26.95 19.58 11.84
CA GLN A 797 -27.90 19.15 10.82
C GLN A 797 -27.28 18.44 9.65
N ALA A 798 -26.16 18.92 9.11
CA ALA A 798 -25.73 18.45 7.80
C ALA A 798 -24.49 17.59 7.76
N ALA A 799 -23.61 17.64 8.76
CA ALA A 799 -22.35 16.94 8.67
C ALA A 799 -22.55 15.43 8.65
N GLY A 800 -21.55 14.72 8.15
CA GLY A 800 -21.62 13.28 8.01
C GLY A 800 -21.86 12.87 6.57
N LEU A 801 -21.96 11.55 6.37
CA LEU A 801 -22.11 11.01 5.02
C LEU A 801 -22.94 9.73 5.11
N GLY A 802 -24.25 9.87 4.94
CA GLY A 802 -25.12 8.72 4.92
C GLY A 802 -25.40 8.16 6.30
N ARG A 803 -24.82 7.00 6.59
CA ARG A 803 -24.98 6.35 7.89
C ARG A 803 -23.85 6.69 8.85
N MET A 804 -22.80 7.35 8.38
CA MET A 804 -21.64 7.70 9.20
C MET A 804 -21.73 9.17 9.61
N LYS A 805 -22.62 9.44 10.56
CA LYS A 805 -22.86 10.80 11.01
C LYS A 805 -22.86 10.86 12.53
N PRO A 806 -22.47 12.00 13.11
CA PRO A 806 -22.33 12.08 14.55
C PRO A 806 -23.65 11.91 15.29
N ASN A 807 -23.54 11.39 16.52
CA ASN A 807 -24.68 11.31 17.44
C ASN A 807 -24.31 11.68 18.87
N ILE A 808 -23.13 12.22 19.12
CA ILE A 808 -22.73 12.72 20.42
C ILE A 808 -22.07 14.08 20.22
N LEU A 809 -22.34 15.01 21.13
CA LEU A 809 -21.81 16.37 21.07
C LEU A 809 -20.96 16.62 22.31
N VAL A 810 -19.64 16.74 22.15
CA VAL A 810 -18.77 17.03 23.27
C VAL A 810 -18.31 18.47 23.15
N VAL A 811 -18.40 19.21 24.25
CA VAL A 811 -18.17 20.64 24.26
C VAL A 811 -17.43 20.98 25.55
N GLY A 812 -16.61 22.02 25.50
CA GLY A 812 -15.88 22.44 26.68
C GLY A 812 -16.78 23.09 27.71
N PHE A 813 -16.20 23.80 28.66
CA PHE A 813 -16.94 24.46 29.72
C PHE A 813 -16.66 25.95 29.68
N LYS A 814 -17.72 26.75 29.86
CA LYS A 814 -17.58 28.21 29.89
C LYS A 814 -16.91 28.63 31.18
N LYS A 815 -15.59 28.75 31.17
CA LYS A 815 -14.87 29.08 32.38
C LYS A 815 -15.18 30.50 32.85
N ASN A 816 -15.54 31.38 31.94
CA ASN A 816 -15.63 32.81 32.19
C ASN A 816 -17.07 33.31 32.21
N TRP A 817 -18.02 32.43 32.51
CA TRP A 817 -19.43 32.82 32.42
C TRP A 817 -19.83 33.86 33.45
N GLN A 818 -19.00 34.09 34.48
CA GLN A 818 -19.31 35.12 35.45
C GLN A 818 -19.01 36.52 34.91
N SER A 819 -17.96 36.65 34.11
CA SER A 819 -17.54 37.95 33.60
C SER A 819 -18.15 38.30 32.26
N ALA A 820 -18.36 37.32 31.38
CA ALA A 820 -18.82 37.60 30.03
C ALA A 820 -20.25 38.15 30.05
N HIS A 821 -20.60 38.83 28.97
CA HIS A 821 -21.92 39.43 28.84
C HIS A 821 -22.98 38.36 28.98
N PRO A 822 -24.02 38.57 29.79
CA PRO A 822 -25.01 37.50 30.00
C PRO A 822 -25.74 37.06 28.75
N ALA A 823 -25.54 37.73 27.62
CA ALA A 823 -26.12 37.24 26.38
C ALA A 823 -25.41 35.99 25.86
N THR A 824 -24.17 35.77 26.27
CA THR A 824 -23.44 34.59 25.82
C THR A 824 -23.91 33.33 26.53
N VAL A 825 -24.28 33.46 27.82
CA VAL A 825 -24.72 32.29 28.59
C VAL A 825 -25.98 31.71 28.00
N GLU A 826 -26.88 32.57 27.53
CA GLU A 826 -28.13 32.11 26.94
C GLU A 826 -27.87 31.21 25.74
N ASP A 827 -26.97 31.64 24.85
CA ASP A 827 -26.66 30.84 23.67
C ASP A 827 -25.87 29.59 24.03
N TYR A 828 -25.01 29.67 25.05
CA TYR A 828 -24.27 28.48 25.46
C TYR A 828 -25.22 27.40 25.95
N ILE A 829 -26.22 27.77 26.76
CA ILE A 829 -27.18 26.76 27.20
C ILE A 829 -28.09 26.34 26.05
N GLY A 830 -28.38 27.26 25.13
CA GLY A 830 -29.16 26.90 23.97
C GLY A 830 -28.50 25.86 23.10
N ILE A 831 -27.18 25.82 23.08
CA ILE A 831 -26.48 24.78 22.34
C ILE A 831 -26.83 23.40 22.89
N LEU A 832 -26.80 23.25 24.22
CA LEU A 832 -27.15 21.98 24.83
C LEU A 832 -28.61 21.64 24.61
N HIS A 833 -29.48 22.64 24.69
CA HIS A 833 -30.90 22.39 24.42
C HIS A 833 -31.11 21.93 22.98
N ASP A 834 -30.40 22.53 22.03
CA ASP A 834 -30.51 22.11 20.64
C ASP A 834 -29.99 20.70 20.45
N ALA A 835 -28.90 20.35 21.13
CA ALA A 835 -28.39 18.98 21.05
C ALA A 835 -29.41 17.99 21.57
N PHE A 836 -30.08 18.31 22.67
CA PHE A 836 -31.10 17.41 23.18
C PHE A 836 -32.31 17.34 22.27
N ASP A 837 -32.64 18.43 21.58
CA ASP A 837 -33.76 18.41 20.65
C ASP A 837 -33.46 17.58 19.40
N PHE A 838 -32.23 17.65 18.89
CA PHE A 838 -31.83 16.84 17.74
C PHE A 838 -31.54 15.39 18.09
N ASN A 839 -31.85 14.97 19.32
CA ASN A 839 -31.73 13.59 19.76
C ASN A 839 -30.25 13.16 19.82
N TYR A 840 -29.43 14.02 20.42
CA TYR A 840 -28.01 13.77 20.62
C TYR A 840 -27.74 13.38 22.06
N GLY A 841 -26.47 13.08 22.34
CA GLY A 841 -25.98 12.96 23.70
C GLY A 841 -24.81 13.89 23.88
N VAL A 842 -24.67 14.46 25.07
CA VAL A 842 -23.73 15.54 25.29
C VAL A 842 -22.71 15.14 26.36
N CYS A 843 -21.56 15.81 26.29
CA CYS A 843 -20.50 15.67 27.28
C CYS A 843 -19.86 17.03 27.48
N VAL A 844 -19.84 17.51 28.72
CA VAL A 844 -19.24 18.80 29.06
C VAL A 844 -17.97 18.53 29.84
N MET A 845 -16.85 19.01 29.33
CA MET A 845 -15.54 18.68 29.86
C MET A 845 -14.92 19.90 30.53
N ARG A 846 -14.55 19.75 31.80
CA ARG A 846 -14.02 20.86 32.58
C ARG A 846 -12.67 20.47 33.16
N MET A 847 -11.70 21.37 33.00
CA MET A 847 -10.41 21.25 33.68
C MET A 847 -10.18 22.49 34.53
N ARG A 848 -9.36 22.31 35.56
CA ARG A 848 -9.13 23.38 36.53
C ARG A 848 -8.48 24.59 35.86
N GLU A 849 -7.47 24.34 35.04
CA GLU A 849 -6.69 25.40 34.42
C GLU A 849 -7.26 25.86 33.09
N GLY A 850 -8.40 25.33 32.66
CA GLY A 850 -8.99 25.68 31.40
C GLY A 850 -8.47 24.86 30.24
N LEU A 851 -9.15 24.98 29.11
CA LEU A 851 -8.77 24.25 27.91
C LEU A 851 -8.07 25.12 26.88
N ASN A 852 -8.43 26.39 26.78
CA ASN A 852 -7.88 27.26 25.75
C ASN A 852 -6.44 27.61 26.10
N VAL A 853 -5.49 27.04 25.36
CA VAL A 853 -4.08 27.31 25.59
C VAL A 853 -3.58 28.52 24.81
N SER A 854 -4.42 29.11 23.96
CA SER A 854 -3.99 30.29 23.21
C SER A 854 -3.73 31.46 24.13
N LYS A 855 -4.58 31.65 25.13
CA LYS A 855 -4.43 32.75 26.08
C LYS A 855 -3.17 32.59 26.92
N GLU A 886 6.28 24.87 14.24
CA GLU A 886 6.73 25.05 15.62
C GLU A 886 6.85 23.69 16.32
N GLU A 887 6.16 23.54 17.46
CA GLU A 887 6.14 22.30 18.20
C GLU A 887 4.72 22.02 18.66
N GLN A 888 4.41 20.75 18.84
CA GLN A 888 3.10 20.37 19.36
C GLN A 888 3.09 20.44 20.88
N ALA A 889 2.04 21.03 21.43
CA ALA A 889 1.89 21.09 22.87
C ALA A 889 1.50 19.71 23.41
N THR A 890 1.78 19.50 24.69
CA THR A 890 1.48 18.23 25.35
C THR A 890 0.45 18.44 26.44
N THR A 891 -0.48 17.49 26.54
CA THR A 891 -1.53 17.51 27.55
C THR A 891 -1.37 16.29 28.45
N ILE A 892 -2.35 16.09 29.34
CA ILE A 892 -2.27 15.01 30.32
C ILE A 892 -2.94 13.73 29.84
N PHE A 893 -3.66 13.76 28.73
CA PHE A 893 -4.28 12.57 28.19
C PHE A 893 -3.34 11.77 27.31
N GLN A 894 -2.08 12.18 27.22
CA GLN A 894 -1.07 11.48 26.46
C GLN A 894 -0.17 10.62 27.33
N SER A 895 -0.42 10.56 28.63
CA SER A 895 0.49 9.94 29.58
C SER A 895 -0.21 8.85 30.37
N GLU A 896 0.58 7.89 30.83
CA GLU A 896 0.07 6.80 31.66
C GLU A 896 -0.49 7.35 32.96
N GLN A 897 -1.68 6.88 33.34
CA GLN A 897 -2.34 7.42 34.52
C GLN A 897 -1.80 6.81 35.80
N GLY A 898 -1.66 5.48 35.85
CA GLY A 898 -1.13 4.79 36.99
C GLY A 898 -2.17 3.86 37.61
N LYS A 899 -2.15 3.77 38.94
CA LYS A 899 -3.11 2.96 39.70
C LYS A 899 -4.09 3.83 40.47
N LYS A 900 -4.53 4.93 39.87
CA LYS A 900 -5.58 5.76 40.43
C LYS A 900 -6.93 5.14 40.09
N THR A 901 -8.01 5.89 40.31
CA THR A 901 -9.36 5.37 40.11
C THR A 901 -10.15 6.28 39.19
N ILE A 902 -11.19 5.70 38.60
CA ILE A 902 -12.14 6.40 37.73
C ILE A 902 -13.48 6.32 38.44
N ASP A 903 -13.98 7.46 38.92
CA ASP A 903 -15.19 7.48 39.74
C ASP A 903 -16.39 7.88 38.90
N ILE A 904 -17.42 7.02 38.91
CA ILE A 904 -18.61 7.22 38.10
C ILE A 904 -19.82 7.33 39.03
N TYR A 905 -20.56 8.42 38.90
CA TYR A 905 -21.71 8.71 39.77
C TYR A 905 -22.97 8.53 38.94
N TRP A 906 -23.49 7.31 38.94
CA TRP A 906 -24.60 6.92 38.06
C TRP A 906 -25.92 7.29 38.72
N LEU A 907 -26.48 8.43 38.31
CA LEU A 907 -27.66 8.99 38.94
C LEU A 907 -28.92 8.91 38.07
N PHE A 908 -28.83 8.36 36.86
CA PHE A 908 -29.97 8.34 35.95
C PHE A 908 -29.75 7.27 34.90
N ASP A 909 -30.81 6.51 34.61
CA ASP A 909 -30.75 5.48 33.58
C ASP A 909 -30.95 6.15 32.21
N ASP A 910 -29.91 6.87 31.80
CA ASP A 910 -29.95 7.59 30.53
C ASP A 910 -29.92 6.65 29.33
N GLY A 911 -29.48 5.42 29.51
CA GLY A 911 -29.41 4.48 28.41
C GLY A 911 -28.13 3.68 28.41
N GLY A 912 -27.05 4.28 28.90
CA GLY A 912 -25.82 3.56 29.03
C GLY A 912 -24.59 4.27 28.49
N LEU A 913 -24.72 5.55 28.11
CA LEU A 913 -23.56 6.28 27.65
C LEU A 913 -22.63 6.66 28.80
N THR A 914 -23.21 7.07 29.93
CA THR A 914 -22.42 7.43 31.10
C THR A 914 -21.51 6.29 31.52
N LEU A 915 -21.95 5.06 31.35
CA LEU A 915 -21.16 3.90 31.67
C LEU A 915 -20.30 3.42 30.51
N LEU A 916 -20.64 3.81 29.28
CA LEU A 916 -19.88 3.35 28.13
C LEU A 916 -18.63 4.16 27.86
N ILE A 917 -18.66 5.49 28.11
CA ILE A 917 -17.45 6.28 27.87
C ILE A 917 -16.28 5.83 28.75
N PRO A 918 -16.42 5.67 30.06
CA PRO A 918 -15.27 5.22 30.86
C PRO A 918 -14.91 3.76 30.63
N TYR A 919 -15.87 2.90 30.28
CA TYR A 919 -15.53 1.51 29.99
C TYR A 919 -14.67 1.40 28.74
N LEU A 920 -15.01 2.15 27.68
CA LEU A 920 -14.17 2.18 26.49
C LEU A 920 -12.84 2.87 26.75
N LEU A 921 -12.85 3.93 27.57
CA LEU A 921 -11.62 4.68 27.80
C LEU A 921 -10.63 3.88 28.63
N GLY A 922 -11.09 3.20 29.68
CA GLY A 922 -10.20 2.50 30.58
C GLY A 922 -9.65 1.20 30.04
N ARG A 923 -10.15 0.75 28.89
CA ARG A 923 -9.70 -0.47 28.25
C ARG A 923 -8.46 -0.25 27.39
N LYS A 924 -8.00 0.98 27.28
CA LYS A 924 -6.74 1.27 26.59
C LYS A 924 -5.57 1.09 27.56
N ARG A 925 -4.36 1.10 27.00
CA ARG A 925 -3.18 0.80 27.82
C ARG A 925 -2.97 1.85 28.89
N ARG A 926 -3.15 3.13 28.57
CA ARG A 926 -2.84 4.19 29.51
C ARG A 926 -3.79 4.22 30.69
N TRP A 927 -4.95 3.59 30.57
CA TRP A 927 -5.95 3.60 31.63
C TRP A 927 -6.28 2.19 32.14
N SER A 928 -5.56 1.16 31.69
CA SER A 928 -5.89 -0.20 32.04
C SER A 928 -5.49 -0.58 33.46
N LYS A 929 -4.64 0.23 34.11
CA LYS A 929 -4.19 -0.05 35.46
C LYS A 929 -4.99 0.72 36.50
N CYS A 930 -6.16 1.24 36.12
CA CYS A 930 -7.05 1.95 37.02
C CYS A 930 -8.29 1.09 37.25
N LYS A 931 -8.81 1.12 38.48
CA LYS A 931 -10.04 0.43 38.80
C LYS A 931 -11.16 1.44 38.87
N ILE A 932 -12.30 1.13 38.25
CA ILE A 932 -13.37 2.10 38.06
C ILE A 932 -14.51 1.74 39.01
N ARG A 933 -14.93 2.72 39.80
CA ARG A 933 -15.82 2.50 40.94
C ARG A 933 -17.16 3.20 40.70
N VAL A 934 -18.12 2.48 40.16
CA VAL A 934 -19.43 3.06 39.90
C VAL A 934 -20.21 3.20 41.20
N PHE A 935 -20.80 4.37 41.40
CA PHE A 935 -21.67 4.63 42.54
C PHE A 935 -23.12 4.60 42.07
N VAL A 936 -24.05 4.63 43.01
CA VAL A 936 -25.47 4.60 42.70
C VAL A 936 -26.22 5.51 43.67
N GLY A 937 -27.22 6.20 43.15
CA GLY A 937 -28.04 7.08 43.96
C GLY A 937 -28.77 6.37 45.09
N ILE A 951 -27.13 -4.39 41.63
CA ILE A 951 -25.99 -5.27 41.43
C ILE A 951 -26.19 -6.15 40.21
N SER A 952 -27.40 -6.72 40.07
CA SER A 952 -27.71 -7.51 38.88
C SER A 952 -27.90 -6.65 37.65
N LEU A 953 -28.16 -5.35 37.83
CA LEU A 953 -28.31 -4.46 36.68
C LEU A 953 -26.98 -4.30 35.95
N LEU A 954 -25.90 -4.08 36.69
CA LEU A 954 -24.59 -3.87 36.09
C LEU A 954 -23.95 -5.17 35.61
N SER A 955 -24.49 -6.32 36.03
CA SER A 955 -23.88 -7.61 35.74
C SER A 955 -24.11 -8.05 34.30
N LYS A 956 -25.33 -7.85 33.78
CA LYS A 956 -25.71 -8.50 32.52
C LYS A 956 -24.97 -7.91 31.33
N PHE A 957 -24.46 -6.69 31.45
CA PHE A 957 -23.71 -6.09 30.34
C PHE A 957 -22.30 -6.63 30.22
N ARG A 958 -21.77 -7.27 31.26
CA ARG A 958 -20.38 -7.70 31.32
C ARG A 958 -19.44 -6.53 31.02
N LEU A 959 -19.54 -5.50 31.85
CA LEU A 959 -18.70 -4.33 31.75
C LEU A 959 -17.42 -4.45 32.58
N GLY A 960 -17.27 -5.53 33.34
CA GLY A 960 -16.08 -5.70 34.16
C GLY A 960 -15.91 -4.61 35.21
N PHE A 961 -17.01 -4.21 35.84
CA PHE A 961 -16.98 -3.10 36.79
C PHE A 961 -16.51 -3.60 38.16
N HIS A 962 -15.65 -2.80 38.79
CA HIS A 962 -14.94 -3.27 39.98
C HIS A 962 -15.78 -3.16 41.24
N GLU A 963 -16.14 -1.94 41.63
CA GLU A 963 -16.81 -1.69 42.89
C GLU A 963 -18.19 -1.09 42.63
N VAL A 964 -19.11 -1.36 43.55
CA VAL A 964 -20.44 -0.78 43.53
C VAL A 964 -20.76 -0.30 44.94
N HIS A 965 -21.25 0.93 45.06
CA HIS A 965 -21.48 1.54 46.36
C HIS A 965 -22.89 2.10 46.42
N ILE A 966 -23.21 2.73 47.54
CA ILE A 966 -24.43 3.50 47.71
C ILE A 966 -24.07 4.84 48.33
N LEU A 967 -24.53 5.91 47.71
CA LEU A 967 -24.23 7.24 48.20
C LEU A 967 -24.82 7.43 49.60
N PRO A 968 -24.09 8.08 50.51
CA PRO A 968 -24.52 8.12 51.91
C PRO A 968 -25.87 8.80 52.13
N ASP A 969 -25.97 10.07 51.74
CA ASP A 969 -27.21 10.81 51.91
C ASP A 969 -27.18 11.99 50.96
N ILE A 970 -28.07 11.99 49.98
CA ILE A 970 -28.02 12.96 48.90
C ILE A 970 -28.87 14.19 49.18
N ASN A 971 -29.93 14.07 49.98
CA ASN A 971 -30.84 15.19 50.23
C ASN A 971 -30.85 15.52 51.72
N GLN A 972 -29.89 16.34 52.13
CA GLN A 972 -29.92 16.97 53.43
C GLN A 972 -29.26 18.34 53.29
N ASN A 973 -29.51 19.20 54.26
CA ASN A 973 -28.93 20.53 54.20
C ASN A 973 -27.42 20.43 54.30
N PRO A 974 -26.66 21.00 53.36
CA PRO A 974 -25.21 21.07 53.51
C PRO A 974 -24.82 22.23 54.42
N ARG A 975 -23.52 22.41 54.57
CA ARG A 975 -23.00 23.48 55.42
C ARG A 975 -23.46 24.84 54.92
N ALA A 976 -23.73 25.75 55.87
CA ALA A 976 -24.33 27.04 55.54
C ALA A 976 -23.43 27.86 54.62
N GLU A 977 -22.11 27.72 54.75
CA GLU A 977 -21.21 28.48 53.88
C GLU A 977 -21.37 28.08 52.42
N HIS A 978 -21.57 26.79 52.16
CA HIS A 978 -21.77 26.36 50.78
C HIS A 978 -23.09 26.88 50.22
N THR A 979 -24.15 26.87 51.03
CA THR A 979 -25.43 27.40 50.56
C THR A 979 -25.34 28.89 50.28
N LYS A 980 -24.67 29.66 51.13
CA LYS A 980 -24.53 31.08 50.82
C LYS A 980 -23.62 31.30 49.62
N ARG A 981 -22.65 30.41 49.41
CA ARG A 981 -21.80 30.48 48.22
C ARG A 981 -22.62 30.28 46.96
N PHE A 982 -23.58 29.36 47.00
CA PHE A 982 -24.47 29.21 45.86
C PHE A 982 -25.41 30.41 45.72
N GLU A 983 -25.94 30.91 46.84
CA GLU A 983 -26.95 31.96 46.79
C GLU A 983 -26.38 33.27 46.27
N ASP A 984 -25.18 33.65 46.71
CA ASP A 984 -24.63 34.93 46.29
C ASP A 984 -24.09 34.90 44.86
N MET A 985 -23.66 33.73 44.39
CA MET A 985 -23.17 33.60 43.02
C MET A 985 -24.27 33.77 42.00
N ILE A 986 -25.52 33.49 42.37
CA ILE A 986 -26.65 33.59 41.45
C ILE A 986 -27.39 34.92 41.61
N ALA A 987 -27.10 35.67 42.66
CA ALA A 987 -27.85 36.90 42.94
C ALA A 987 -27.78 37.92 41.81
N PRO A 988 -26.65 38.18 41.15
CA PRO A 988 -26.65 39.13 40.03
C PRO A 988 -27.51 38.70 38.84
N PHE A 989 -28.17 37.55 38.90
CA PHE A 989 -29.11 37.12 37.87
C PHE A 989 -30.54 37.07 38.37
N ARG A 990 -30.84 37.78 39.46
CA ARG A 990 -32.14 37.70 40.10
C ARG A 990 -32.97 38.92 39.73
N LEU A 991 -34.29 38.72 39.66
CA LEU A 991 -35.21 39.77 39.22
C LEU A 991 -35.75 40.63 40.35
N ASN A 992 -35.90 40.07 41.56
CA ASN A 992 -36.32 40.83 42.74
C ASN A 992 -37.68 41.49 42.54
N ASP A 993 -38.70 40.65 42.37
CA ASP A 993 -40.06 41.12 42.09
C ASP A 993 -41.04 40.71 43.17
N GLY A 994 -40.54 40.25 44.31
CA GLY A 994 -41.42 39.73 45.34
C GLY A 994 -42.10 38.47 44.86
N PHE A 995 -43.40 38.59 44.55
CA PHE A 995 -44.12 37.54 43.84
C PHE A 995 -45.20 38.21 43.02
N LYS A 996 -45.22 37.94 41.72
CA LYS A 996 -46.14 38.60 40.80
C LYS A 996 -46.65 37.59 39.79
N ASP A 997 -47.56 38.06 38.93
CA ASP A 997 -48.11 37.22 37.87
C ASP A 997 -47.01 36.81 36.90
N GLU A 998 -47.11 35.57 36.41
CA GLU A 998 -46.10 35.06 35.48
C GLU A 998 -46.03 35.89 34.22
N ALA A 999 -47.18 36.31 33.69
CA ALA A 999 -47.19 37.19 32.53
C ALA A 999 -46.54 38.52 32.86
N THR A 1000 -46.82 39.08 34.04
CA THR A 1000 -46.23 40.34 34.43
C THR A 1000 -44.71 40.23 34.54
N VAL A 1001 -44.23 39.10 35.08
CA VAL A 1001 -42.79 38.88 35.14
C VAL A 1001 -42.21 38.75 33.74
N ASN A 1002 -42.92 38.06 32.84
CA ASN A 1002 -42.47 37.96 31.47
C ASN A 1002 -42.41 39.31 30.78
N GLU A 1003 -43.24 40.27 31.23
CA GLU A 1003 -43.25 41.58 30.58
C GLU A 1003 -41.88 42.24 30.60
N MET A 1004 -41.16 42.13 31.73
CA MET A 1004 -39.79 42.61 31.76
C MET A 1004 -38.76 41.50 31.62
N ARG A 1005 -39.17 40.23 31.54
CA ARG A 1005 -38.26 39.16 31.19
C ARG A 1005 -38.08 39.01 29.68
N ARG A 1006 -38.91 39.68 28.89
CA ARG A 1006 -38.80 39.59 27.44
C ARG A 1006 -37.46 40.15 26.95
N ASP A 1007 -37.00 41.26 27.52
CA ASP A 1007 -35.75 41.86 27.07
C ASP A 1007 -34.54 41.08 27.58
N CYS A 1008 -34.64 40.48 28.76
CA CYS A 1008 -33.55 39.69 29.34
C CYS A 1008 -34.10 38.34 29.78
N PRO A 1009 -34.11 37.32 28.92
CA PRO A 1009 -34.71 36.04 29.29
C PRO A 1009 -33.91 35.25 30.31
N TRP A 1010 -32.70 35.69 30.65
CA TRP A 1010 -31.86 35.03 31.63
C TRP A 1010 -32.15 35.42 33.07
N LYS A 1011 -32.94 36.49 33.28
CA LYS A 1011 -33.40 36.85 34.62
C LYS A 1011 -34.21 35.72 35.24
N ILE A 1012 -34.05 35.55 36.56
CA ILE A 1012 -34.72 34.49 37.31
C ILE A 1012 -35.76 35.15 38.20
N SER A 1013 -37.00 34.66 38.12
CA SER A 1013 -38.06 35.16 38.98
C SER A 1013 -38.07 34.42 40.31
N ASP A 1014 -38.64 35.08 41.33
CA ASP A 1014 -38.63 34.50 42.67
C ASP A 1014 -39.48 33.24 42.75
N GLU A 1015 -40.56 33.18 41.98
CA GLU A 1015 -41.36 31.96 41.90
C GLU A 1015 -40.56 30.78 41.34
N GLU A 1016 -39.78 31.01 40.28
CA GLU A 1016 -38.92 29.95 39.76
C GLU A 1016 -37.91 29.50 40.80
N ILE A 1017 -37.34 30.44 41.55
CA ILE A 1017 -36.41 30.09 42.63
C ILE A 1017 -37.10 29.22 43.67
N THR A 1018 -38.32 29.59 44.05
CA THR A 1018 -39.01 28.85 45.10
C THR A 1018 -39.38 27.44 44.65
N LYS A 1019 -39.82 27.26 43.40
CA LYS A 1019 -40.31 25.95 43.02
C LYS A 1019 -39.23 25.01 42.49
N ASN A 1020 -37.96 25.35 42.61
CA ASN A 1020 -36.87 24.43 42.27
C ASN A 1020 -35.79 24.49 43.34
N ARG A 1021 -36.19 24.39 44.60
CA ARG A 1021 -35.25 24.50 45.71
C ARG A 1021 -34.62 23.17 46.07
N VAL A 1022 -35.41 22.10 46.07
CA VAL A 1022 -34.88 20.79 46.44
C VAL A 1022 -33.80 20.35 45.46
N LYS A 1023 -34.05 20.55 44.16
CA LYS A 1023 -33.06 20.13 43.16
C LYS A 1023 -31.77 20.92 43.27
N SER A 1024 -31.87 22.23 43.51
CA SER A 1024 -30.67 23.04 43.71
C SER A 1024 -29.90 22.60 44.94
N LEU A 1025 -30.61 22.26 46.02
CA LEU A 1025 -29.94 21.75 47.21
C LEU A 1025 -29.27 20.42 46.94
N ARG A 1026 -29.89 19.57 46.12
CA ARG A 1026 -29.24 18.32 45.73
C ARG A 1026 -27.94 18.59 44.99
N GLN A 1027 -27.97 19.55 44.05
CA GLN A 1027 -26.76 19.86 43.28
C GLN A 1027 -25.66 20.42 44.17
N VAL A 1028 -26.01 21.27 45.14
CA VAL A 1028 -24.97 21.82 46.01
C VAL A 1028 -24.49 20.78 47.02
N ARG A 1029 -25.34 19.81 47.33
CA ARG A 1029 -24.97 18.81 48.32
C ARG A 1029 -24.05 17.74 47.75
N LEU A 1030 -24.30 17.32 46.51
CA LEU A 1030 -23.52 16.24 45.92
C LEU A 1030 -22.07 16.65 45.66
N ASN A 1031 -21.81 17.96 45.57
CA ASN A 1031 -20.43 18.42 45.43
C ASN A 1031 -19.57 18.01 46.62
N GLU A 1032 -20.12 18.08 47.84
CA GLU A 1032 -19.34 17.71 49.01
C GLU A 1032 -18.98 16.23 49.01
N ILE A 1033 -19.93 15.38 48.61
CA ILE A 1033 -19.65 13.95 48.49
C ILE A 1033 -18.56 13.72 47.46
N VAL A 1034 -18.63 14.42 46.34
CA VAL A 1034 -17.59 14.28 45.31
C VAL A 1034 -16.24 14.71 45.85
N LEU A 1035 -16.20 15.80 46.60
CA LEU A 1035 -14.94 16.24 47.22
C LEU A 1035 -14.41 15.17 48.16
N ASP A 1036 -15.28 14.51 48.92
CA ASP A 1036 -14.84 13.47 49.83
C ASP A 1036 -14.24 12.29 49.08
N TYR A 1037 -15.05 11.60 48.28
CA TYR A 1037 -14.65 10.32 47.73
C TYR A 1037 -13.67 10.41 46.57
N SER A 1038 -13.45 11.59 46.01
CA SER A 1038 -12.70 11.72 44.77
C SER A 1038 -11.69 12.87 44.87
N ARG A 1039 -11.02 12.96 46.00
CA ARG A 1039 -10.02 14.01 46.17
C ARG A 1039 -8.84 13.80 45.22
N ASP A 1040 -8.44 12.55 45.00
CA ASP A 1040 -7.22 12.24 44.26
C ASP A 1040 -7.46 11.13 43.24
N ALA A 1041 -8.52 11.27 42.45
CA ALA A 1041 -8.76 10.35 41.34
C ALA A 1041 -8.04 10.84 40.09
N ALA A 1042 -8.23 10.13 38.99
CA ALA A 1042 -7.68 10.55 37.70
C ALA A 1042 -8.76 11.00 36.72
N LEU A 1043 -10.02 10.74 37.00
CA LEU A 1043 -11.13 11.16 36.16
C LEU A 1043 -12.44 11.01 36.91
N ILE A 1044 -13.28 12.03 36.88
CA ILE A 1044 -14.59 12.01 37.54
C ILE A 1044 -15.66 12.14 36.47
N VAL A 1045 -16.65 11.28 36.51
CA VAL A 1045 -17.73 11.27 35.53
C VAL A 1045 -19.05 11.36 36.28
N ILE A 1046 -19.81 12.43 36.04
CA ILE A 1046 -21.06 12.66 36.75
C ILE A 1046 -22.19 12.74 35.73
N THR A 1047 -23.38 12.31 36.15
CA THR A 1047 -24.56 12.48 35.31
C THR A 1047 -24.89 13.96 35.15
N LEU A 1048 -25.29 14.34 33.95
CA LEU A 1048 -25.59 15.73 33.60
C LEU A 1048 -27.05 16.03 33.92
N PRO A 1049 -27.33 17.13 34.64
CA PRO A 1049 -28.72 17.50 34.90
C PRO A 1049 -29.36 18.22 33.71
N ILE A 1050 -30.69 18.12 33.65
CA ILE A 1050 -31.50 18.77 32.63
C ILE A 1050 -32.44 19.77 33.31
N GLY A 1051 -32.45 21.00 32.81
CA GLY A 1051 -33.34 22.03 33.30
C GLY A 1051 -34.61 22.06 32.48
N ARG A 1052 -35.75 22.11 33.16
CA ARG A 1052 -37.04 22.14 32.46
C ARG A 1052 -37.13 23.38 31.59
N LYS A 1053 -37.31 23.18 30.30
CA LYS A 1053 -37.37 24.30 29.37
C LYS A 1053 -38.55 25.21 29.69
N GLY A 1054 -38.30 26.50 29.67
CA GLY A 1054 -39.29 27.49 30.03
C GLY A 1054 -39.37 27.79 31.51
N LYS A 1055 -39.49 26.75 32.34
CA LYS A 1055 -39.58 26.91 33.77
C LYS A 1055 -38.23 26.94 34.47
N CYS A 1056 -37.15 26.67 33.75
CA CYS A 1056 -35.80 26.77 34.30
C CYS A 1056 -34.99 27.66 33.37
N PRO A 1057 -34.55 28.82 33.83
CA PRO A 1057 -33.86 29.77 32.94
C PRO A 1057 -32.42 29.34 32.69
N SER A 1058 -31.70 30.15 31.92
CA SER A 1058 -30.35 29.81 31.52
C SER A 1058 -29.36 29.99 32.65
N SER A 1059 -29.47 31.09 33.41
CA SER A 1059 -28.48 31.40 34.42
C SER A 1059 -28.49 30.37 35.54
N LEU A 1060 -29.67 29.92 35.94
CA LEU A 1060 -29.76 28.96 37.03
C LEU A 1060 -29.24 27.59 36.63
N TYR A 1061 -29.54 27.16 35.40
CA TYR A 1061 -29.01 25.88 34.93
C TYR A 1061 -27.49 25.94 34.76
N MET A 1062 -26.98 27.07 34.29
CA MET A 1062 -25.54 27.24 34.22
C MET A 1062 -24.91 27.25 35.60
N ALA A 1063 -25.59 27.83 36.59
CA ALA A 1063 -25.08 27.79 37.96
C ALA A 1063 -25.06 26.37 38.51
N TRP A 1064 -26.06 25.57 38.19
CA TRP A 1064 -26.01 24.14 38.51
C TRP A 1064 -24.76 23.49 37.92
N LEU A 1065 -24.55 23.66 36.62
CA LEU A 1065 -23.35 23.10 36.01
C LEU A 1065 -22.07 23.60 36.67
N GLU A 1066 -22.08 24.84 37.13
CA GLU A 1066 -20.91 25.37 37.83
C GLU A 1066 -20.72 24.72 39.18
N THR A 1067 -21.83 24.39 39.86
CA THR A 1067 -21.76 23.98 41.26
C THR A 1067 -21.63 22.48 41.45
N LEU A 1068 -21.83 21.66 40.42
CA LEU A 1068 -21.50 20.23 40.55
C LEU A 1068 -20.01 19.93 40.39
N SER A 1069 -19.21 20.86 39.90
CA SER A 1069 -17.84 20.50 39.56
C SER A 1069 -16.82 21.56 39.95
N GLN A 1070 -17.04 22.31 41.02
CA GLN A 1070 -16.10 23.34 41.43
C GLN A 1070 -15.07 22.79 42.40
N ASP A 1071 -13.84 23.26 42.24
CA ASP A 1071 -12.71 22.90 43.13
C ASP A 1071 -12.46 21.40 43.14
N LEU A 1072 -12.07 20.85 41.99
CA LEU A 1072 -11.69 19.46 41.89
C LEU A 1072 -10.39 19.33 41.13
N ARG A 1073 -9.54 18.40 41.59
CA ARG A 1073 -8.23 18.23 40.95
C ARG A 1073 -8.37 17.67 39.53
N PRO A 1074 -9.10 16.57 39.30
CA PRO A 1074 -9.00 15.86 38.01
C PRO A 1074 -9.74 16.58 36.90
N PRO A 1075 -9.69 16.05 35.67
CA PRO A 1075 -10.72 16.37 34.68
C PRO A 1075 -12.07 15.85 35.09
N VAL A 1076 -13.12 16.61 34.79
CA VAL A 1076 -14.49 16.26 35.13
C VAL A 1076 -15.31 16.20 33.85
N ILE A 1077 -16.03 15.11 33.65
CA ILE A 1077 -16.85 14.90 32.47
C ILE A 1077 -18.30 14.75 32.93
N LEU A 1078 -19.20 15.54 32.38
CA LEU A 1078 -20.62 15.46 32.71
C LEU A 1078 -21.35 14.93 31.48
N ILE A 1079 -21.88 13.71 31.57
CA ILE A 1079 -22.43 13.00 30.43
C ILE A 1079 -23.92 12.77 30.66
N ARG A 1080 -24.68 12.71 29.58
CA ARG A 1080 -26.07 12.25 29.62
C ARG A 1080 -26.46 11.75 28.25
N GLY A 1081 -26.85 10.48 28.15
CA GLY A 1081 -27.23 9.89 26.90
C GLY A 1081 -28.61 10.34 26.46
N ASN A 1082 -29.11 9.69 25.40
CA ASN A 1082 -30.34 10.11 24.75
C ASN A 1082 -31.44 9.06 24.84
N GLN A 1083 -31.52 8.35 25.96
CA GLN A 1083 -32.58 7.37 26.20
C GLN A 1083 -32.62 6.33 25.08
N GLU A 1084 -31.48 5.72 24.82
CA GLU A 1084 -31.37 4.67 23.81
C GLU A 1084 -30.55 3.52 24.38
N ASN A 1085 -30.91 2.29 24.04
CA ASN A 1085 -30.20 1.13 24.55
C ASN A 1085 -28.81 1.09 23.93
N VAL A 1086 -27.81 1.46 24.70
CA VAL A 1086 -26.44 1.58 24.21
C VAL A 1086 -25.62 0.35 24.53
N LEU A 1087 -25.76 -0.19 25.76
CA LEU A 1087 -24.95 -1.31 26.22
C LEU A 1087 -25.47 -2.64 25.71
N THR A 1088 -26.32 -2.63 24.68
CA THR A 1088 -26.91 -3.86 24.14
C THR A 1088 -25.87 -4.86 23.66
N PHE A 1089 -24.60 -4.48 23.60
CA PHE A 1089 -23.53 -5.42 23.32
C PHE A 1089 -22.26 -4.85 23.98
N TYR A 1090 -21.09 -5.34 23.54
CA TYR A 1090 -19.84 -4.95 24.16
C TYR A 1090 -19.57 -3.45 24.02
N CYS A 1091 -19.77 -2.90 22.83
CA CYS A 1091 -19.40 -1.50 22.58
C CYS A 1091 -20.56 -0.70 21.98
N LYS B 202 -13.10 -21.30 39.61
CA LYS B 202 -12.00 -21.57 40.53
C LYS B 202 -10.84 -20.61 40.28
N GLU B 203 -9.70 -20.87 40.93
CA GLU B 203 -8.57 -19.97 40.89
C GLU B 203 -7.63 -20.38 39.77
N PRO B 204 -7.38 -19.51 38.79
CA PRO B 204 -6.58 -19.90 37.63
C PRO B 204 -5.09 -19.98 37.96
N VAL B 205 -4.47 -21.04 37.50
CA VAL B 205 -3.10 -21.37 37.86
C VAL B 205 -2.13 -20.52 37.06
N ARG B 206 -1.04 -20.11 37.71
CA ARG B 206 -0.02 -19.26 37.13
C ARG B 206 1.35 -19.81 37.50
N PHE B 207 2.38 -19.33 36.81
CA PHE B 207 3.74 -19.78 37.02
C PHE B 207 4.70 -18.61 37.15
N GLY B 208 5.78 -18.83 37.88
CA GLY B 208 6.83 -17.84 38.03
C GLY B 208 7.63 -17.69 36.77
N TRP B 209 8.89 -17.29 36.91
CA TRP B 209 9.75 -17.21 35.74
C TRP B 209 10.65 -18.43 35.59
N VAL B 210 11.16 -18.97 36.68
CA VAL B 210 12.03 -20.15 36.61
C VAL B 210 11.25 -21.34 36.05
N LYS B 211 10.07 -21.60 36.59
CA LYS B 211 9.30 -22.76 36.20
C LYS B 211 8.46 -22.52 34.94
N GLY B 212 8.32 -21.28 34.52
CA GLY B 212 7.41 -20.97 33.44
C GLY B 212 8.08 -20.57 32.14
N VAL B 213 9.26 -19.97 32.21
CA VAL B 213 9.98 -19.51 31.04
C VAL B 213 11.33 -20.19 30.90
N MET B 214 12.14 -20.18 31.96
CA MET B 214 13.50 -20.66 31.82
C MET B 214 13.53 -22.16 31.60
N ILE B 215 12.77 -22.92 32.39
CA ILE B 215 12.75 -24.37 32.21
C ILE B 215 12.22 -24.75 30.84
N ARG B 216 11.15 -24.08 30.40
CA ARG B 216 10.58 -24.39 29.08
C ARG B 216 11.56 -24.11 27.96
N CYS B 217 12.27 -22.99 28.02
CA CYS B 217 13.23 -22.68 26.97
C CYS B 217 14.44 -23.60 27.01
N MET B 218 14.96 -23.91 28.21
CA MET B 218 15.94 -24.98 28.34
C MET B 218 15.51 -26.21 27.57
N LEU B 219 14.37 -26.78 27.96
CA LEU B 219 14.00 -28.09 27.46
C LEU B 219 13.65 -28.05 25.98
N ASN B 220 13.21 -26.90 25.49
CA ASN B 220 12.92 -26.77 24.06
C ASN B 220 14.21 -26.73 23.27
N ILE B 221 15.24 -26.09 23.82
CA ILE B 221 16.50 -25.96 23.11
C ILE B 221 17.32 -27.25 23.18
N TRP B 222 17.32 -27.96 24.31
CA TRP B 222 17.97 -29.26 24.39
C TRP B 222 17.41 -30.20 23.34
N GLY B 223 18.30 -30.85 22.59
CA GLY B 223 17.92 -31.82 21.59
C GLY B 223 18.79 -33.06 21.65
N VAL B 224 18.67 -33.89 20.61
CA VAL B 224 19.55 -35.05 20.49
C VAL B 224 20.95 -34.64 20.03
N ILE B 225 21.05 -33.52 19.29
CA ILE B 225 22.35 -33.03 18.83
C ILE B 225 23.33 -32.90 19.99
N LEU B 226 22.82 -32.57 21.17
CA LEU B 226 23.68 -32.49 22.35
C LEU B 226 24.32 -33.82 22.68
N TYR B 227 23.70 -34.92 22.30
CA TYR B 227 24.13 -36.26 22.69
C TYR B 227 24.78 -37.05 21.56
N LEU B 228 24.34 -36.85 20.33
CA LEU B 228 24.74 -37.70 19.22
C LEU B 228 25.61 -37.02 18.18
N ARG B 229 25.72 -35.69 18.19
CA ARG B 229 26.45 -35.04 17.11
C ARG B 229 27.47 -33.99 17.54
N LEU B 230 27.43 -33.43 18.74
CA LEU B 230 28.55 -32.58 19.14
C LEU B 230 29.88 -33.31 19.19
N PRO B 231 29.99 -34.53 19.73
CA PRO B 231 31.28 -35.22 19.62
C PRO B 231 31.76 -35.39 18.19
N TRP B 232 30.84 -35.74 17.29
CA TRP B 232 31.22 -35.88 15.88
C TRP B 232 31.64 -34.54 15.29
N ILE B 233 30.91 -33.47 15.59
CA ILE B 233 31.26 -32.15 15.07
C ILE B 233 32.60 -31.69 15.62
N THR B 234 32.87 -31.96 16.90
CA THR B 234 34.14 -31.58 17.50
C THR B 234 35.30 -32.33 16.85
N ALA B 235 35.14 -33.63 16.64
CA ALA B 235 36.20 -34.37 15.94
C ALA B 235 36.39 -33.87 14.53
N GLN B 236 35.29 -33.55 13.84
CA GLN B 236 35.36 -33.17 12.43
C GLN B 236 35.90 -31.76 12.24
N ALA B 237 35.73 -30.86 13.21
CA ALA B 237 36.09 -29.46 13.02
C ALA B 237 36.97 -28.90 14.12
N GLY B 238 37.31 -29.68 15.13
CA GLY B 238 38.16 -29.18 16.19
C GLY B 238 37.40 -28.38 17.22
N ILE B 239 38.11 -27.96 18.25
CA ILE B 239 37.50 -27.23 19.35
C ILE B 239 37.27 -25.78 18.98
N VAL B 240 38.33 -25.09 18.53
CA VAL B 240 38.28 -23.65 18.33
C VAL B 240 37.30 -23.23 17.26
N LEU B 241 36.97 -24.11 16.32
CA LEU B 241 36.07 -23.75 15.23
C LEU B 241 34.65 -24.23 15.49
N THR B 242 34.49 -25.28 16.29
CA THR B 242 33.19 -25.61 16.85
C THR B 242 32.68 -24.48 17.75
N TRP B 243 33.58 -23.87 18.53
CA TRP B 243 33.17 -22.73 19.33
C TRP B 243 32.69 -21.58 18.46
N ILE B 244 33.34 -21.35 17.33
CA ILE B 244 32.89 -20.31 16.41
C ILE B 244 31.51 -20.64 15.86
N ILE B 245 31.28 -21.91 15.51
CA ILE B 245 29.96 -22.30 15.02
C ILE B 245 28.90 -22.02 16.07
N ILE B 246 29.15 -22.41 17.32
CA ILE B 246 28.16 -22.23 18.37
C ILE B 246 27.87 -20.76 18.62
N LEU B 247 28.91 -19.92 18.67
CA LEU B 247 28.70 -18.50 18.95
C LEU B 247 27.99 -17.80 17.79
N LEU B 248 28.37 -18.12 16.56
CA LEU B 248 27.67 -17.55 15.41
C LEU B 248 26.22 -17.99 15.39
N SER B 249 25.92 -19.22 15.82
CA SER B 249 24.53 -19.65 15.85
C SER B 249 23.74 -18.93 16.92
N VAL B 250 24.32 -18.72 18.10
CA VAL B 250 23.56 -18.12 19.18
C VAL B 250 23.45 -16.61 19.06
N THR B 251 24.26 -15.97 18.22
CA THR B 251 24.07 -14.54 17.98
C THR B 251 22.71 -14.24 17.38
N VAL B 252 22.28 -15.04 16.40
CA VAL B 252 20.99 -14.82 15.76
C VAL B 252 19.85 -14.99 16.77
N THR B 253 19.89 -16.07 17.54
CA THR B 253 18.86 -16.31 18.53
C THR B 253 18.86 -15.31 19.67
N SER B 254 20.01 -14.77 20.07
CA SER B 254 20.01 -13.73 21.09
C SER B 254 19.50 -12.40 20.57
N ILE B 255 19.78 -12.04 19.32
CA ILE B 255 19.16 -10.84 18.77
C ILE B 255 17.65 -10.99 18.68
N THR B 256 17.18 -12.14 18.21
CA THR B 256 15.73 -12.35 18.20
C THR B 256 15.15 -12.42 19.61
N GLY B 257 15.94 -12.86 20.59
CA GLY B 257 15.47 -12.84 21.96
C GLY B 257 15.30 -11.42 22.49
N LEU B 258 16.23 -10.53 22.13
CA LEU B 258 16.07 -9.13 22.48
C LEU B 258 14.80 -8.56 21.86
N SER B 259 14.53 -8.89 20.59
CA SER B 259 13.30 -8.41 19.97
C SER B 259 12.06 -8.95 20.68
N ILE B 260 12.02 -10.28 20.90
CA ILE B 260 10.85 -10.93 21.48
C ILE B 260 10.64 -10.53 22.93
N SER B 261 11.67 -10.04 23.61
CA SER B 261 11.54 -9.55 24.98
C SER B 261 11.28 -8.06 25.04
N ALA B 262 11.55 -7.32 23.95
CA ALA B 262 11.05 -5.96 23.81
C ALA B 262 9.57 -5.92 23.50
N ILE B 263 9.05 -6.92 22.79
CA ILE B 263 7.62 -6.99 22.55
C ILE B 263 6.84 -7.24 23.84
N SER B 264 7.41 -8.02 24.76
CA SER B 264 6.67 -8.43 25.95
C SER B 264 6.57 -7.33 27.00
N THR B 265 7.46 -6.33 26.97
CA THR B 265 7.35 -5.19 27.87
C THR B 265 6.51 -4.07 27.29
N ASN B 266 5.70 -4.36 26.28
CA ASN B 266 4.84 -3.38 25.60
C ASN B 266 3.41 -3.91 25.68
N GLY B 267 2.73 -3.60 26.77
CA GLY B 267 1.39 -4.06 26.95
C GLY B 267 1.35 -5.49 27.47
N LYS B 268 0.15 -6.06 27.44
CA LYS B 268 -0.09 -7.43 27.85
C LYS B 268 -0.82 -8.16 26.74
N VAL B 269 -0.45 -9.42 26.53
CA VAL B 269 -0.95 -10.22 25.42
C VAL B 269 -1.45 -11.54 25.96
N LYS B 270 -2.40 -12.15 25.26
CA LYS B 270 -2.89 -13.47 25.62
C LYS B 270 -1.88 -14.51 25.16
N SER B 271 -2.23 -15.79 25.34
CA SER B 271 -1.33 -16.85 24.90
C SER B 271 -1.35 -16.98 23.37
N GLY B 272 -0.18 -17.05 22.76
CA GLY B 272 -0.08 -17.17 21.31
C GLY B 272 -0.18 -15.90 20.49
N GLY B 273 -0.20 -14.74 21.16
CA GLY B 273 -0.23 -13.46 20.45
C GLY B 273 1.13 -13.06 19.93
N THR B 274 1.96 -14.05 19.59
CA THR B 274 3.28 -13.80 19.07
C THR B 274 3.15 -13.04 17.75
N TYR B 275 2.16 -13.38 16.93
CA TYR B 275 1.91 -12.71 15.68
C TYR B 275 1.20 -11.40 15.77
N PHE B 276 0.65 -11.05 16.92
CA PHE B 276 -0.15 -9.86 17.05
C PHE B 276 0.61 -8.59 16.76
N LEU B 277 1.92 -8.57 16.91
CA LEU B 277 2.66 -7.37 16.49
C LEU B 277 2.83 -7.31 14.98
N ILE B 278 2.99 -8.45 14.32
CA ILE B 278 3.07 -8.44 12.85
C ILE B 278 1.77 -7.91 12.27
N SER B 279 0.63 -8.32 12.82
CA SER B 279 -0.66 -7.87 12.30
C SER B 279 -0.99 -6.45 12.73
N ARG B 280 -0.32 -5.93 13.75
CA ARG B 280 -0.52 -4.53 14.09
C ARG B 280 0.36 -3.61 13.24
N SER B 281 1.56 -4.06 12.89
CA SER B 281 2.51 -3.20 12.20
C SER B 281 2.47 -3.35 10.69
N LEU B 282 2.07 -4.50 10.17
CA LEU B 282 2.04 -4.74 8.73
C LEU B 282 0.67 -5.21 8.24
N GLY B 283 -0.37 -5.05 9.03
CA GLY B 283 -1.71 -5.39 8.60
C GLY B 283 -2.09 -6.79 8.97
N PRO B 284 -3.37 -7.02 9.25
CA PRO B 284 -3.78 -8.34 9.73
C PRO B 284 -4.01 -9.36 8.63
N GLU B 285 -3.14 -9.38 7.63
CA GLU B 285 -3.10 -10.42 6.62
C GLU B 285 -1.79 -11.18 6.68
N LEU B 286 -0.67 -10.46 6.62
CA LEU B 286 0.61 -11.06 6.95
C LEU B 286 0.61 -11.61 8.36
N GLY B 287 0.05 -10.87 9.31
CA GLY B 287 0.04 -11.36 10.68
C GLY B 287 -0.67 -12.68 10.83
N GLY B 288 -1.87 -12.77 10.26
CA GLY B 288 -2.63 -14.01 10.34
C GLY B 288 -1.95 -15.16 9.61
N SER B 289 -1.42 -14.91 8.42
CA SER B 289 -0.76 -15.96 7.67
C SER B 289 0.48 -16.48 8.40
N ILE B 290 1.27 -15.56 8.96
CA ILE B 290 2.47 -15.97 9.68
C ILE B 290 2.11 -16.71 10.95
N GLY B 291 1.04 -16.31 11.63
CA GLY B 291 0.59 -17.07 12.79
C GLY B 291 0.17 -18.48 12.43
N LEU B 292 -0.57 -18.62 11.33
CA LEU B 292 -1.00 -19.95 10.90
C LEU B 292 0.20 -20.83 10.57
N ILE B 293 1.18 -20.30 9.84
CA ILE B 293 2.36 -21.07 9.49
C ILE B 293 3.17 -21.43 10.73
N PHE B 294 3.31 -20.48 11.65
CA PHE B 294 4.05 -20.74 12.89
C PHE B 294 3.39 -21.83 13.73
N ALA B 295 2.06 -21.91 13.72
CA ALA B 295 1.42 -22.98 14.47
C ALA B 295 1.55 -24.32 13.76
N PHE B 296 1.42 -24.33 12.42
CA PHE B 296 1.55 -25.59 11.68
C PHE B 296 2.94 -26.18 11.82
N ALA B 297 3.97 -25.34 11.79
CA ALA B 297 5.33 -25.84 11.91
C ALA B 297 5.57 -26.49 13.27
N ASN B 298 4.95 -25.94 14.31
CA ASN B 298 5.06 -26.56 15.63
C ASN B 298 4.35 -27.91 15.60
N ALA B 299 3.15 -27.93 15.01
CA ALA B 299 2.40 -29.18 14.95
C ALA B 299 3.18 -30.27 14.25
N VAL B 300 4.03 -29.91 13.29
CA VAL B 300 4.85 -30.94 12.65
C VAL B 300 6.09 -31.27 13.47
N GLY B 301 6.68 -30.27 14.14
CA GLY B 301 7.80 -30.55 15.02
C GLY B 301 7.47 -31.56 16.10
N VAL B 302 6.20 -31.58 16.53
CA VAL B 302 5.76 -32.64 17.44
C VAL B 302 6.00 -34.01 16.80
N ALA B 303 5.61 -34.16 15.54
CA ALA B 303 5.77 -35.43 14.84
C ALA B 303 7.24 -35.79 14.70
N MET B 304 8.07 -34.81 14.38
CA MET B 304 9.49 -35.09 14.15
C MET B 304 10.19 -35.54 15.42
N HIS B 305 9.92 -34.87 16.54
CA HIS B 305 10.52 -35.31 17.79
C HIS B 305 9.97 -36.66 18.23
N THR B 306 8.67 -36.90 18.02
CA THR B 306 8.12 -38.18 18.44
C THR B 306 8.73 -39.33 17.64
N VAL B 307 8.92 -39.17 16.34
CA VAL B 307 9.56 -40.26 15.59
C VAL B 307 11.03 -40.38 15.95
N GLY B 308 11.70 -39.27 16.28
CA GLY B 308 13.07 -39.37 16.76
C GLY B 308 13.19 -40.13 18.06
N PHE B 309 12.17 -40.05 18.91
CA PHE B 309 12.14 -40.86 20.14
C PHE B 309 11.77 -42.31 19.85
N ALA B 310 10.86 -42.52 18.90
CA ALA B 310 10.46 -43.88 18.55
C ALA B 310 11.62 -44.65 17.95
N ALA B 311 12.48 -43.99 17.17
CA ALA B 311 13.64 -44.67 16.61
C ALA B 311 14.56 -45.17 17.73
N THR B 312 14.81 -44.34 18.74
CA THR B 312 15.67 -44.73 19.84
C THR B 312 15.07 -45.89 20.61
N VAL B 313 13.77 -45.84 20.91
CA VAL B 313 13.18 -46.92 21.68
C VAL B 313 13.13 -48.21 20.86
N ARG B 314 12.90 -48.12 19.55
CA ARG B 314 12.91 -49.33 18.72
C ARG B 314 14.28 -49.95 18.68
N ASP B 315 15.33 -49.14 18.51
CA ASP B 315 16.68 -49.68 18.43
C ASP B 315 17.13 -50.24 19.77
N LEU B 316 16.66 -49.68 20.88
CA LEU B 316 16.90 -50.32 22.18
C LEU B 316 16.15 -51.64 22.29
N LEU B 317 14.91 -51.69 21.81
CA LEU B 317 14.06 -52.86 22.03
C LEU B 317 14.52 -54.05 21.20
N GLN B 318 14.97 -53.79 19.97
CA GLN B 318 15.42 -54.89 19.11
C GLN B 318 16.62 -55.62 19.70
N GLU B 319 17.40 -54.94 20.55
CA GLU B 319 18.60 -55.54 21.12
C GLU B 319 18.26 -56.51 22.26
N TYR B 320 17.57 -56.03 23.30
CA TYR B 320 17.30 -56.83 24.48
C TYR B 320 16.21 -57.87 24.27
N GLY B 321 15.53 -57.84 23.14
CA GLY B 321 14.47 -58.78 22.85
C GLY B 321 14.39 -59.04 21.36
N ALA B 322 13.17 -59.12 20.85
CA ALA B 322 12.93 -59.35 19.44
C ALA B 322 11.95 -58.33 18.90
N PRO B 323 12.06 -57.95 17.63
CA PRO B 323 11.11 -57.00 17.05
C PRO B 323 9.86 -57.73 16.57
N ILE B 324 8.71 -57.31 17.09
CA ILE B 324 7.47 -58.02 16.81
C ILE B 324 7.05 -57.87 15.36
N VAL B 325 7.26 -56.69 14.78
CA VAL B 325 6.83 -56.39 13.42
C VAL B 325 7.98 -55.66 12.72
N ASP B 326 7.72 -55.20 11.49
CA ASP B 326 8.70 -54.58 10.61
C ASP B 326 9.31 -53.35 11.26
N PRO B 327 10.57 -53.01 10.94
CA PRO B 327 11.19 -51.82 11.55
C PRO B 327 10.42 -50.54 11.29
N ILE B 328 9.88 -50.37 10.08
CA ILE B 328 9.20 -49.12 9.76
C ILE B 328 7.88 -49.00 10.50
N ASN B 329 7.15 -50.11 10.66
CA ASN B 329 5.84 -50.03 11.30
C ASN B 329 5.93 -49.90 12.81
N ASP B 330 7.00 -50.44 13.41
CA ASP B 330 7.20 -50.25 14.85
C ASP B 330 7.31 -48.77 15.18
N ILE B 331 7.93 -47.99 14.31
CA ILE B 331 7.96 -46.55 14.48
C ILE B 331 6.54 -45.98 14.46
N ARG B 332 5.73 -46.42 13.50
CA ARG B 332 4.38 -45.90 13.36
C ARG B 332 3.44 -46.35 14.47
N ILE B 333 3.80 -47.37 15.24
CA ILE B 333 3.02 -47.74 16.41
C ILE B 333 3.48 -46.97 17.64
N ILE B 334 4.79 -46.97 17.90
CA ILE B 334 5.30 -46.33 19.11
C ILE B 334 5.06 -44.83 19.05
N GLY B 335 5.22 -44.21 17.88
CA GLY B 335 5.01 -42.78 17.79
C GLY B 335 3.56 -42.39 18.08
N VAL B 336 2.62 -43.15 17.55
CA VAL B 336 1.21 -42.85 17.78
C VAL B 336 0.86 -43.02 19.25
N VAL B 337 1.37 -44.08 19.88
CA VAL B 337 1.11 -44.28 21.30
C VAL B 337 1.69 -43.13 22.12
N SER B 338 2.92 -42.72 21.80
CA SER B 338 3.56 -41.64 22.54
C SER B 338 2.83 -40.31 22.37
N VAL B 339 2.37 -40.01 21.16
CA VAL B 339 1.65 -38.75 20.96
C VAL B 339 0.30 -38.79 21.67
N THR B 340 -0.36 -39.96 21.67
CA THR B 340 -1.61 -40.07 22.43
C THR B 340 -1.36 -39.80 23.91
N VAL B 341 -0.29 -40.36 24.46
CA VAL B 341 -0.02 -40.14 25.88
C VAL B 341 0.34 -38.70 26.16
N LEU B 342 1.11 -38.06 25.26
CA LEU B 342 1.44 -36.65 25.44
C LEU B 342 0.20 -35.79 25.40
N LEU B 343 -0.72 -36.09 24.48
CA LEU B 343 -1.99 -35.36 24.42
C LEU B 343 -2.79 -35.57 25.70
N ALA B 344 -2.83 -36.80 26.21
CA ALA B 344 -3.58 -37.05 27.43
C ALA B 344 -3.01 -36.26 28.61
N ILE B 345 -1.68 -36.21 28.72
CA ILE B 345 -1.05 -35.41 29.77
C ILE B 345 -1.40 -33.94 29.59
N SER B 346 -1.30 -33.43 28.36
CA SER B 346 -1.44 -32.01 28.10
C SER B 346 -2.87 -31.52 28.27
N LEU B 347 -3.84 -32.32 27.84
CA LEU B 347 -5.24 -31.93 27.80
C LEU B 347 -5.90 -31.92 29.16
N ALA B 348 -5.24 -32.49 30.17
CA ALA B 348 -5.78 -32.61 31.53
C ALA B 348 -5.17 -31.62 32.48
N GLY B 349 -4.97 -30.38 32.04
CA GLY B 349 -4.48 -29.32 32.89
C GLY B 349 -3.05 -28.94 32.59
N MET B 350 -2.72 -27.70 32.93
CA MET B 350 -1.38 -27.17 32.71
C MET B 350 -0.54 -27.21 33.98
N GLU B 351 -1.04 -27.84 35.04
CA GLU B 351 -0.19 -28.12 36.19
C GLU B 351 0.52 -29.46 36.05
N TRP B 352 -0.11 -30.43 35.38
CA TRP B 352 0.50 -31.73 35.19
C TRP B 352 1.58 -31.68 34.12
N GLU B 353 1.32 -30.91 33.06
CA GLU B 353 2.33 -30.70 32.03
C GLU B 353 3.58 -30.07 32.61
N SER B 354 3.40 -29.08 33.50
CA SER B 354 4.52 -28.40 34.14
C SER B 354 5.24 -29.26 35.17
N LYS B 355 4.69 -30.41 35.53
CA LYS B 355 5.38 -31.36 36.40
C LYS B 355 6.14 -32.40 35.59
N ALA B 356 5.52 -32.89 34.51
CA ALA B 356 6.24 -33.75 33.59
C ALA B 356 7.47 -33.05 33.05
N GLN B 357 7.35 -31.75 32.74
CA GLN B 357 8.46 -31.04 32.14
C GLN B 357 9.42 -30.47 33.19
N VAL B 358 9.38 -30.99 34.41
CA VAL B 358 10.41 -30.77 35.40
C VAL B 358 11.04 -32.12 35.71
N LEU B 359 10.24 -33.18 35.59
CA LEU B 359 10.81 -34.52 35.62
C LEU B 359 11.81 -34.71 34.48
N PHE B 360 11.47 -34.21 33.30
CA PHE B 360 12.39 -34.28 32.16
C PHE B 360 13.67 -33.51 32.44
N PHE B 361 13.55 -32.34 33.06
CA PHE B 361 14.72 -31.55 33.42
C PHE B 361 15.62 -32.32 34.36
N LEU B 362 15.04 -32.97 35.36
CA LEU B 362 15.83 -33.76 36.30
C LEU B 362 16.55 -34.92 35.60
N VAL B 363 15.86 -35.58 34.68
CA VAL B 363 16.49 -36.70 33.96
C VAL B 363 17.67 -36.21 33.13
N ILE B 364 17.55 -35.02 32.53
CA ILE B 364 18.66 -34.49 31.74
C ILE B 364 19.84 -34.11 32.64
N MET B 365 19.53 -33.48 33.78
CA MET B 365 20.60 -33.03 34.67
C MET B 365 21.30 -34.21 35.36
N VAL B 366 20.65 -35.37 35.47
CA VAL B 366 21.39 -36.49 36.01
C VAL B 366 22.32 -37.09 34.94
N SER B 367 21.94 -37.01 33.67
CA SER B 367 22.81 -37.49 32.60
C SER B 367 24.05 -36.62 32.44
N PHE B 368 23.91 -35.30 32.60
CA PHE B 368 25.10 -34.45 32.55
C PHE B 368 26.11 -34.86 33.61
N ALA B 369 25.63 -35.08 34.84
CA ALA B 369 26.52 -35.50 35.93
C ALA B 369 27.10 -36.87 35.66
N ASN B 370 26.30 -37.80 35.12
CA ASN B 370 26.82 -39.11 34.77
C ASN B 370 27.99 -39.00 33.81
N TYR B 371 27.81 -38.25 32.73
CA TYR B 371 28.88 -38.09 31.75
C TYR B 371 30.12 -37.46 32.38
N LEU B 372 29.93 -36.41 33.18
CA LEU B 372 31.06 -35.66 33.70
C LEU B 372 31.79 -36.40 34.82
N VAL B 373 31.14 -37.35 35.49
CA VAL B 373 31.88 -38.16 36.45
C VAL B 373 32.51 -39.35 35.76
N GLY B 374 31.92 -39.80 34.64
CA GLY B 374 32.55 -40.82 33.85
C GLY B 374 33.85 -40.37 33.20
N THR B 375 33.93 -39.11 32.78
CA THR B 375 35.18 -38.66 32.15
C THR B 375 36.36 -38.63 33.11
N LEU B 376 36.13 -38.64 34.43
CA LEU B 376 37.23 -38.50 35.39
C LEU B 376 37.83 -39.83 35.83
N ILE B 377 37.07 -40.91 35.79
CA ILE B 377 37.60 -42.23 36.19
C ILE B 377 38.65 -42.68 35.18
N PRO B 378 39.79 -43.21 35.62
CA PRO B 378 40.80 -43.70 34.67
C PRO B 378 40.25 -44.83 33.82
N PRO B 379 40.69 -44.94 32.57
CA PRO B 379 40.05 -45.87 31.64
C PRO B 379 40.27 -47.32 32.00
N SER B 380 39.30 -48.14 31.64
CA SER B 380 39.43 -49.59 31.73
C SER B 380 40.09 -50.13 30.47
N GLU B 381 40.40 -51.42 30.50
CA GLU B 381 41.08 -52.03 29.36
C GLU B 381 40.18 -52.03 28.13
N ASP B 382 38.88 -52.25 28.32
CA ASP B 382 37.93 -52.16 27.22
C ASP B 382 37.72 -50.72 26.78
N LYS B 383 37.59 -49.81 27.74
CA LYS B 383 37.26 -48.42 27.42
C LYS B 383 38.40 -47.74 26.69
N ALA B 384 39.65 -48.01 27.08
CA ALA B 384 40.81 -47.47 26.38
C ALA B 384 41.04 -48.12 25.03
N SER B 385 40.50 -49.33 24.82
CA SER B 385 40.58 -50.01 23.53
C SER B 385 39.70 -49.34 22.49
N LYS B 386 38.84 -48.40 22.88
CA LYS B 386 37.99 -47.71 21.95
C LYS B 386 38.37 -46.26 21.76
N GLY B 387 39.20 -45.69 22.62
CA GLY B 387 39.70 -44.34 22.39
C GLY B 387 39.78 -43.47 23.63
N PHE B 388 39.15 -43.88 24.72
CA PHE B 388 39.03 -43.01 25.88
C PHE B 388 40.29 -43.06 26.73
N PHE B 389 40.90 -41.89 26.93
CA PHE B 389 41.92 -41.67 27.94
C PHE B 389 41.53 -40.41 28.70
N SER B 390 41.93 -40.32 29.95
CA SER B 390 41.45 -39.22 30.78
C SER B 390 41.96 -37.89 30.24
N TYR B 391 41.58 -36.80 30.91
CA TYR B 391 41.99 -35.47 30.48
C TYR B 391 43.51 -35.39 30.42
N ARG B 392 44.04 -35.00 29.28
CA ARG B 392 45.48 -34.89 29.11
C ARG B 392 45.81 -33.94 27.97
N ALA B 393 46.97 -33.31 28.08
CA ALA B 393 47.25 -32.09 27.32
C ALA B 393 47.49 -32.35 25.84
N ASP B 394 48.18 -33.44 25.49
CA ASP B 394 48.57 -33.61 24.10
C ASP B 394 47.37 -33.90 23.20
N ILE B 395 46.36 -34.61 23.71
CA ILE B 395 45.14 -34.79 22.94
C ILE B 395 44.44 -33.45 22.72
N PHE B 396 44.39 -32.62 23.76
CA PHE B 396 43.77 -31.31 23.63
C PHE B 396 44.48 -30.47 22.58
N VAL B 397 45.82 -30.49 22.59
CA VAL B 397 46.58 -29.72 21.61
C VAL B 397 46.37 -30.29 20.21
N GLN B 398 46.24 -31.61 20.10
CA GLN B 398 45.98 -32.23 18.80
C GLN B 398 44.63 -31.78 18.24
N ASN B 399 43.60 -31.75 19.08
CA ASN B 399 42.23 -31.56 18.62
C ASN B 399 41.83 -30.09 18.48
N LEU B 400 42.76 -29.16 18.65
CA LEU B 400 42.41 -27.75 18.48
C LEU B 400 42.22 -27.36 17.02
N VAL B 401 42.53 -28.23 16.07
CA VAL B 401 42.54 -27.84 14.66
C VAL B 401 41.66 -28.77 13.85
N PRO B 402 41.07 -28.31 12.75
CA PRO B 402 40.10 -29.14 12.02
C PRO B 402 40.75 -30.35 11.39
N ASP B 403 39.93 -31.37 11.15
CA ASP B 403 40.34 -32.58 10.42
C ASP B 403 39.11 -33.03 9.64
N TRP B 404 38.98 -32.53 8.41
CA TRP B 404 37.78 -32.79 7.63
C TRP B 404 37.90 -34.12 6.90
N ARG B 405 36.94 -35.01 7.12
CA ARG B 405 36.87 -36.27 6.39
C ARG B 405 35.43 -36.59 6.04
N GLY B 406 35.20 -37.07 4.83
CA GLY B 406 33.89 -37.45 4.40
C GLY B 406 33.27 -36.43 3.45
N PRO B 407 32.10 -36.76 2.92
CA PRO B 407 31.39 -35.83 2.02
C PRO B 407 30.72 -34.67 2.72
N ASP B 408 30.65 -34.68 4.05
CA ASP B 408 30.05 -33.59 4.82
C ASP B 408 31.09 -32.83 5.64
N GLY B 409 32.38 -33.09 5.43
CA GLY B 409 33.41 -32.41 6.18
C GLY B 409 33.67 -31.00 5.71
N THR B 410 32.73 -30.10 6.00
CA THR B 410 32.86 -28.69 5.64
C THR B 410 32.45 -27.86 6.84
N PHE B 411 32.94 -26.62 6.91
CA PHE B 411 32.48 -25.71 7.96
C PHE B 411 30.98 -25.49 7.83
N PHE B 412 30.51 -25.21 6.62
CA PHE B 412 29.08 -25.07 6.41
C PHE B 412 28.35 -26.39 6.57
N GLY B 413 29.01 -27.50 6.29
CA GLY B 413 28.39 -28.79 6.53
C GLY B 413 28.07 -29.05 7.99
N MET B 414 28.84 -28.45 8.90
CA MET B 414 28.58 -28.55 10.32
C MET B 414 27.64 -27.46 10.81
N PHE B 415 27.70 -26.28 10.21
CA PHE B 415 26.74 -25.22 10.53
C PHE B 415 25.32 -25.64 10.18
N SER B 416 25.12 -26.27 9.02
CA SER B 416 23.79 -26.69 8.61
C SER B 416 23.24 -27.79 9.50
N ILE B 417 24.08 -28.44 10.29
CA ILE B 417 23.64 -29.46 11.22
C ILE B 417 23.38 -28.89 12.61
N PHE B 418 24.24 -27.97 13.05
CA PHE B 418 24.04 -27.41 14.39
C PHE B 418 22.94 -26.38 14.44
N PHE B 419 22.94 -25.41 13.51
CA PHE B 419 22.13 -24.20 13.72
C PHE B 419 20.66 -24.47 13.99
N PRO B 420 19.93 -25.26 13.19
CA PRO B 420 18.52 -25.50 13.52
C PRO B 420 18.30 -26.23 14.84
N SER B 421 19.34 -26.61 15.56
CA SER B 421 19.22 -27.22 16.87
C SER B 421 19.37 -26.21 18.00
N ALA B 422 19.56 -24.94 17.69
CA ALA B 422 19.69 -23.90 18.70
C ALA B 422 18.47 -23.01 18.80
N THR B 423 17.48 -23.19 17.94
CA THR B 423 16.26 -22.40 18.00
C THR B 423 15.22 -23.09 18.85
N GLY B 424 14.21 -22.33 19.25
CA GLY B 424 13.24 -22.82 20.20
C GLY B 424 13.12 -21.90 21.40
N ILE B 425 13.50 -20.63 21.20
CA ILE B 425 13.49 -19.65 22.27
C ILE B 425 12.12 -19.05 22.53
N LEU B 426 11.12 -19.37 21.71
CA LEU B 426 9.79 -18.79 21.85
C LEU B 426 8.85 -19.68 22.66
N ALA B 427 9.36 -20.73 23.28
CA ALA B 427 8.48 -21.63 24.03
C ALA B 427 7.96 -21.02 25.31
N GLY B 428 8.58 -19.94 25.79
CA GLY B 428 8.10 -19.29 26.99
C GLY B 428 7.25 -18.08 26.71
N ALA B 429 7.36 -17.52 25.51
CA ALA B 429 6.55 -16.38 25.10
C ALA B 429 5.20 -16.79 24.51
N ASN B 430 4.98 -18.08 24.26
CA ASN B 430 3.71 -18.57 23.75
C ASN B 430 2.71 -18.83 24.86
N ILE B 431 3.09 -18.65 26.12
CA ILE B 431 2.19 -18.86 27.24
C ILE B 431 2.16 -17.61 28.10
N SER B 432 2.34 -16.45 27.48
CA SER B 432 2.40 -15.20 28.24
C SER B 432 1.10 -14.94 28.99
N GLY B 433 0.01 -15.57 28.59
CA GLY B 433 -1.24 -15.42 29.30
C GLY B 433 -1.35 -16.20 30.58
N ASP B 434 -0.48 -17.19 30.80
CA ASP B 434 -0.45 -17.96 32.03
C ASP B 434 0.68 -17.54 32.96
N LEU B 435 1.43 -16.51 32.60
CA LEU B 435 2.53 -16.06 33.43
C LEU B 435 2.03 -15.08 34.49
N LYS B 436 2.73 -15.05 35.61
CA LYS B 436 2.36 -14.20 36.73
C LYS B 436 2.72 -12.74 36.47
N ASP B 437 3.83 -12.51 35.76
CA ASP B 437 4.35 -11.16 35.53
C ASP B 437 5.10 -11.16 34.20
N PRO B 438 4.38 -11.15 33.09
CA PRO B 438 5.02 -11.37 31.78
C PRO B 438 6.01 -10.30 31.37
N ALA B 439 6.02 -9.13 31.99
CA ALA B 439 6.94 -8.07 31.58
C ALA B 439 8.27 -8.11 32.33
N ILE B 440 8.42 -9.02 33.28
CA ILE B 440 9.67 -9.19 34.01
C ILE B 440 10.12 -10.64 33.86
N ALA B 441 9.15 -11.53 33.67
CA ALA B 441 9.44 -12.95 33.60
C ALA B 441 10.02 -13.36 32.25
N ILE B 442 9.53 -12.78 31.16
CA ILE B 442 9.92 -13.25 29.83
C ILE B 442 11.31 -12.72 29.45
N PRO B 443 11.61 -11.42 29.57
CA PRO B 443 12.96 -10.97 29.20
C PRO B 443 14.08 -11.62 29.98
N LYS B 444 13.83 -12.05 31.21
CA LYS B 444 14.87 -12.62 32.04
C LYS B 444 15.01 -14.12 31.86
N GLY B 445 13.91 -14.87 31.92
CA GLY B 445 13.98 -16.29 31.67
C GLY B 445 14.41 -16.63 30.26
N THR B 446 13.86 -15.95 29.26
CA THR B 446 14.23 -16.24 27.88
C THR B 446 15.70 -16.00 27.64
N LEU B 447 16.24 -14.90 28.17
CA LEU B 447 17.63 -14.56 27.92
C LEU B 447 18.61 -15.29 28.82
N MET B 448 18.16 -15.88 29.93
CA MET B 448 19.05 -16.72 30.72
C MET B 448 19.08 -18.15 30.22
N ALA B 449 17.98 -18.64 29.65
CA ALA B 449 18.00 -19.98 29.09
C ALA B 449 18.99 -20.10 27.94
N ILE B 450 19.05 -19.09 27.07
CA ILE B 450 20.00 -19.11 25.96
C ILE B 450 21.43 -19.17 26.48
N PHE B 451 21.73 -18.34 27.48
CA PHE B 451 23.06 -18.32 28.06
C PHE B 451 23.43 -19.67 28.66
N TRP B 452 22.52 -20.27 29.42
CA TRP B 452 22.86 -21.51 30.10
C TRP B 452 22.91 -22.70 29.16
N THR B 453 22.19 -22.68 28.04
CA THR B 453 22.38 -23.77 27.08
C THR B 453 23.67 -23.61 26.30
N THR B 454 24.05 -22.39 25.94
CA THR B 454 25.29 -22.24 25.19
C THR B 454 26.52 -22.53 26.04
N ILE B 455 26.48 -22.24 27.35
CA ILE B 455 27.57 -22.66 28.21
C ILE B 455 27.72 -24.18 28.21
N SER B 456 26.60 -24.90 28.27
CA SER B 456 26.68 -26.36 28.26
C SER B 456 27.25 -26.88 26.94
N TYR B 457 26.83 -26.29 25.82
CA TYR B 457 27.34 -26.74 24.53
C TYR B 457 28.86 -26.56 24.46
N LEU B 458 29.32 -25.37 24.84
CA LEU B 458 30.76 -25.12 24.84
C LEU B 458 31.50 -26.07 25.76
N ALA B 459 30.94 -26.31 26.96
CA ALA B 459 31.61 -27.17 27.92
C ALA B 459 31.74 -28.60 27.41
N ILE B 460 30.66 -29.16 26.87
CA ILE B 460 30.73 -30.54 26.39
C ILE B 460 31.71 -30.67 25.23
N SER B 461 31.66 -29.75 24.27
CA SER B 461 32.59 -29.87 23.15
C SER B 461 34.04 -29.80 23.64
N ALA B 462 34.36 -28.79 24.45
CA ALA B 462 35.75 -28.64 24.89
C ALA B 462 36.18 -29.68 25.92
N THR B 463 35.25 -30.40 26.54
CA THR B 463 35.65 -31.40 27.53
C THR B 463 35.69 -32.81 26.97
N ILE B 464 35.03 -33.07 25.84
CA ILE B 464 35.26 -34.33 25.14
C ILE B 464 36.37 -34.20 24.11
N GLY B 465 36.73 -32.99 23.71
CA GLY B 465 37.89 -32.84 22.84
C GLY B 465 39.21 -33.11 23.52
N SER B 466 39.26 -33.02 24.84
CA SER B 466 40.46 -33.30 25.61
C SER B 466 40.52 -34.75 26.07
N CYS B 467 39.61 -35.58 25.59
CA CYS B 467 39.32 -36.85 26.23
C CYS B 467 39.55 -38.05 25.32
N VAL B 468 39.03 -38.04 24.10
CA VAL B 468 39.16 -39.20 23.23
C VAL B 468 39.96 -38.82 21.99
N VAL B 469 40.41 -39.85 21.28
CA VAL B 469 41.17 -39.68 20.05
C VAL B 469 40.21 -39.88 18.89
N ARG B 470 40.62 -39.37 17.72
CA ARG B 470 39.70 -39.32 16.59
C ARG B 470 39.40 -40.68 15.99
N ASP B 471 40.25 -41.69 16.20
CA ASP B 471 39.99 -43.01 15.66
C ASP B 471 40.75 -44.07 16.44
N ALA B 472 40.13 -45.25 16.56
CA ALA B 472 40.66 -46.33 17.39
C ALA B 472 40.10 -47.65 16.91
N SER B 473 40.86 -48.72 17.18
CA SER B 473 40.57 -50.01 16.58
C SER B 473 39.29 -50.65 17.15
N GLY B 474 39.15 -50.65 18.46
CA GLY B 474 38.05 -51.32 19.11
C GLY B 474 38.30 -52.77 19.48
N VAL B 475 39.50 -53.28 19.27
CA VAL B 475 39.85 -54.65 19.62
C VAL B 475 40.85 -54.62 20.78
N LEU B 476 40.78 -55.66 21.61
CA LEU B 476 41.58 -55.72 22.83
C LEU B 476 42.98 -56.27 22.61
N ASN B 477 43.27 -56.83 21.44
CA ASN B 477 44.54 -57.51 21.18
C ASN B 477 45.58 -56.62 20.54
N ASP B 478 45.58 -55.32 20.86
CA ASP B 478 46.57 -54.39 20.37
C ASP B 478 47.56 -54.00 21.46
N THR B 479 47.94 -54.97 22.29
CA THR B 479 48.98 -54.78 23.27
C THR B 479 50.30 -54.51 22.55
N VAL B 480 51.00 -53.45 22.98
CA VAL B 480 52.20 -53.00 22.29
C VAL B 480 53.43 -53.56 22.99
N THR B 481 54.34 -54.13 22.20
CA THR B 481 55.62 -54.68 22.64
C THR B 481 56.73 -54.08 21.79
N PRO B 482 57.93 -53.90 22.35
CA PRO B 482 59.02 -53.33 21.55
C PRO B 482 59.64 -54.35 20.61
N GLY B 483 59.90 -53.90 19.38
CA GLY B 483 60.58 -54.70 18.39
C GLY B 483 59.99 -54.63 16.99
N TRP B 484 58.67 -54.51 16.85
CA TRP B 484 58.03 -54.44 15.54
C TRP B 484 57.92 -52.98 15.14
N GLY B 485 58.88 -52.52 14.34
CA GLY B 485 58.91 -51.18 13.80
C GLY B 485 58.68 -50.12 14.85
N ALA B 486 58.06 -49.03 14.43
CA ALA B 486 57.70 -47.93 15.31
C ALA B 486 56.18 -47.84 15.41
N CYS B 487 55.70 -46.94 16.26
CA CYS B 487 54.28 -46.74 16.48
C CYS B 487 53.81 -45.53 15.68
N GLU B 488 52.74 -45.73 14.91
CA GLU B 488 52.22 -44.71 14.01
C GLU B 488 50.97 -44.12 14.63
N GLY B 489 51.15 -43.09 15.45
CA GLY B 489 50.05 -42.40 16.07
C GLY B 489 50.45 -41.86 17.43
N LEU B 490 49.48 -41.24 18.08
CA LEU B 490 49.67 -40.68 19.42
C LEU B 490 49.21 -41.61 20.52
N ALA B 491 48.34 -42.57 20.21
CA ALA B 491 47.85 -43.48 21.22
C ALA B 491 48.90 -44.48 21.65
N CYS B 492 49.99 -44.63 20.88
CA CYS B 492 51.02 -45.58 21.25
C CYS B 492 51.77 -45.15 22.51
N SER B 493 51.76 -43.86 22.83
CA SER B 493 52.41 -43.40 24.05
C SER B 493 51.71 -43.87 25.31
N TYR B 494 50.50 -44.44 25.18
CA TYR B 494 49.79 -45.00 26.33
C TYR B 494 49.70 -46.52 26.26
N GLY B 495 50.26 -47.13 25.21
CA GLY B 495 50.32 -48.57 25.12
C GLY B 495 49.35 -49.22 24.16
N TRP B 496 48.86 -48.50 23.15
CA TRP B 496 47.89 -49.03 22.20
C TRP B 496 48.34 -48.76 20.78
N ASN B 497 48.30 -49.80 19.96
CA ASN B 497 48.70 -49.74 18.55
C ASN B 497 47.46 -49.50 17.71
N PHE B 498 47.37 -48.32 17.09
CA PHE B 498 46.25 -47.97 16.24
C PHE B 498 46.71 -47.63 14.82
N THR B 499 47.67 -48.39 14.30
CA THR B 499 48.12 -48.18 12.93
C THR B 499 47.23 -48.91 11.93
N GLU B 500 46.52 -49.94 12.37
CA GLU B 500 45.69 -50.72 11.44
C GLU B 500 44.61 -49.87 10.78
N CYS B 501 43.94 -49.01 11.54
CA CYS B 501 42.96 -48.09 10.96
C CYS B 501 43.58 -46.83 10.38
N THR B 502 44.62 -46.29 11.00
CA THR B 502 45.10 -44.95 10.63
C THR B 502 45.54 -44.91 9.17
N GLN B 503 46.12 -46.00 8.68
CA GLN B 503 46.55 -46.04 7.27
C GLN B 503 45.43 -46.50 6.34
N GLN B 504 44.53 -47.35 6.80
CA GLN B 504 43.54 -47.97 5.93
C GLN B 504 42.18 -47.29 5.97
N HIS B 505 41.92 -46.43 6.96
CA HIS B 505 40.62 -45.82 7.17
C HIS B 505 39.53 -46.88 7.32
N SER B 506 39.76 -47.80 8.26
CA SER B 506 38.88 -48.98 8.36
C SER B 506 38.54 -49.36 9.79
N CYS B 507 38.42 -48.40 10.71
CA CYS B 507 38.03 -48.68 12.08
C CYS B 507 36.65 -48.09 12.38
N HIS B 508 35.89 -48.82 13.18
CA HIS B 508 34.50 -48.49 13.46
C HIS B 508 34.31 -47.71 14.75
N TYR B 509 35.37 -47.38 15.47
CA TYR B 509 35.30 -46.65 16.72
C TYR B 509 36.21 -45.43 16.67
N GLY B 510 36.17 -44.64 17.73
CA GLY B 510 36.84 -43.37 17.80
C GLY B 510 35.86 -42.22 17.74
N LEU B 511 36.38 -41.01 17.89
CA LEU B 511 35.51 -39.84 17.96
C LEU B 511 34.89 -39.49 16.61
N ILE B 512 35.57 -39.80 15.51
CA ILE B 512 35.10 -39.38 14.20
C ILE B 512 34.35 -40.49 13.48
N ASN B 513 34.27 -41.69 14.05
CA ASN B 513 33.59 -42.82 13.41
C ASN B 513 32.44 -43.36 14.22
N TYR B 514 32.46 -43.21 15.54
CA TYR B 514 31.44 -43.76 16.44
C TYR B 514 30.55 -42.65 16.93
N TYR B 515 29.25 -42.75 16.64
CA TYR B 515 28.32 -41.68 16.98
C TYR B 515 27.94 -41.69 18.46
N GLN B 516 28.02 -42.83 19.12
CA GLN B 516 27.56 -43.00 20.50
C GLN B 516 28.69 -42.93 21.50
N THR B 517 29.67 -42.04 21.29
CA THR B 517 30.84 -42.00 22.16
C THR B 517 30.48 -41.66 23.60
N MET B 518 29.50 -40.78 23.83
CA MET B 518 29.13 -40.44 25.20
C MET B 518 28.57 -41.64 25.96
N SER B 519 27.97 -42.60 25.26
CA SER B 519 27.46 -43.78 25.95
C SER B 519 28.57 -44.65 26.50
N MET B 520 29.81 -44.50 26.03
CA MET B 520 30.92 -45.27 26.58
C MET B 520 31.86 -44.43 27.44
N VAL B 521 32.02 -43.14 27.13
CA VAL B 521 32.83 -42.29 28.00
C VAL B 521 32.19 -42.20 29.38
N SER B 522 30.86 -42.15 29.44
CA SER B 522 30.16 -41.97 30.69
C SER B 522 30.37 -43.15 31.62
N GLY B 523 30.16 -42.90 32.92
CA GLY B 523 30.35 -43.94 33.92
C GLY B 523 29.26 -44.97 33.96
N PHE B 524 28.17 -44.78 33.21
CA PHE B 524 27.06 -45.72 33.14
C PHE B 524 26.23 -45.39 31.90
N ALA B 525 25.96 -46.39 31.08
CA ALA B 525 25.37 -46.16 29.76
C ALA B 525 23.88 -45.87 29.79
N PRO B 526 23.04 -46.64 30.51
CA PRO B 526 21.59 -46.42 30.39
C PRO B 526 21.13 -45.03 30.84
N LEU B 527 21.89 -44.33 31.67
CA LEU B 527 21.48 -42.99 32.05
C LEU B 527 21.56 -42.03 30.87
N ILE B 528 22.46 -42.26 29.92
CA ILE B 528 22.47 -41.43 28.72
C ILE B 528 21.27 -41.74 27.83
N THR B 529 20.85 -43.00 27.77
CA THR B 529 19.60 -43.30 27.05
C THR B 529 18.43 -42.59 27.71
N ALA B 530 18.39 -42.58 29.04
CA ALA B 530 17.34 -41.84 29.74
C ALA B 530 17.40 -40.36 29.40
N GLY B 531 18.60 -39.81 29.34
CA GLY B 531 18.73 -38.40 28.96
C GLY B 531 18.20 -38.12 27.57
N ILE B 532 18.44 -39.03 26.64
CA ILE B 532 17.92 -38.87 25.28
C ILE B 532 16.40 -38.91 25.29
N PHE B 533 15.82 -39.85 26.04
CA PHE B 533 14.37 -39.93 26.14
C PHE B 533 13.78 -38.63 26.65
N GLY B 534 14.35 -38.09 27.73
CA GLY B 534 13.86 -36.82 28.24
C GLY B 534 14.05 -35.67 27.26
N ALA B 535 15.22 -35.59 26.63
CA ALA B 535 15.52 -34.51 25.71
C ALA B 535 14.61 -34.53 24.49
N THR B 536 14.06 -35.68 24.14
CA THR B 536 13.16 -35.72 23.00
C THR B 536 11.70 -35.47 23.40
N LEU B 537 11.26 -36.08 24.50
CA LEU B 537 9.87 -35.90 24.91
C LEU B 537 9.58 -34.48 25.37
N SER B 538 10.55 -33.81 26.01
CA SER B 538 10.32 -32.44 26.42
C SER B 538 10.11 -31.52 25.22
N SER B 539 10.91 -31.69 24.17
CA SER B 539 10.72 -30.92 22.96
C SER B 539 9.36 -31.20 22.33
N ALA B 540 8.95 -32.47 22.31
CA ALA B 540 7.65 -32.80 21.73
C ALA B 540 6.51 -32.14 22.50
N LEU B 541 6.57 -32.16 23.84
CA LEU B 541 5.53 -31.54 24.65
C LEU B 541 5.49 -30.03 24.48
N ALA B 542 6.67 -29.40 24.49
CA ALA B 542 6.73 -27.95 24.30
C ALA B 542 6.25 -27.52 22.93
N CYS B 543 6.44 -28.34 21.92
CA CYS B 543 5.87 -28.06 20.60
C CYS B 543 4.38 -28.33 20.54
N LEU B 544 3.86 -29.26 21.35
CA LEU B 544 2.42 -29.52 21.32
C LEU B 544 1.63 -28.45 22.04
N VAL B 545 2.16 -27.83 23.09
CA VAL B 545 1.36 -26.79 23.75
C VAL B 545 1.43 -25.46 23.00
N SER B 546 2.56 -25.13 22.39
CA SER B 546 2.67 -23.89 21.64
C SER B 546 1.82 -23.89 20.39
N ALA B 547 1.59 -25.04 19.78
CA ALA B 547 0.67 -25.13 18.65
C ALA B 547 -0.77 -24.94 19.08
N ALA B 548 -1.16 -25.53 20.22
CA ALA B 548 -2.53 -25.37 20.70
C ALA B 548 -2.82 -23.92 21.07
N LYS B 549 -1.89 -23.26 21.75
CA LYS B 549 -2.12 -21.86 22.12
C LYS B 549 -2.31 -20.97 20.89
N VAL B 550 -1.46 -21.13 19.88
CA VAL B 550 -1.55 -20.28 18.70
C VAL B 550 -2.79 -20.60 17.89
N PHE B 551 -3.14 -21.89 17.75
CA PHE B 551 -4.35 -22.24 17.02
C PHE B 551 -5.60 -21.72 17.71
N GLN B 552 -5.64 -21.77 19.05
CA GLN B 552 -6.78 -21.22 19.77
C GLN B 552 -6.87 -19.71 19.59
N CYS B 553 -5.75 -19.00 19.70
CA CYS B 553 -5.76 -17.56 19.49
C CYS B 553 -6.18 -17.20 18.07
N LEU B 554 -5.85 -18.05 17.09
CA LEU B 554 -6.28 -17.79 15.72
C LEU B 554 -7.77 -18.03 15.55
N CYS B 555 -8.28 -19.11 16.11
CA CYS B 555 -9.71 -19.40 15.99
C CYS B 555 -10.56 -18.39 16.76
N GLU B 556 -9.99 -17.74 17.76
CA GLU B 556 -10.71 -16.71 18.50
C GLU B 556 -10.48 -15.31 17.95
N ASP B 557 -9.64 -15.19 16.93
CA ASP B 557 -9.32 -13.89 16.35
C ASP B 557 -10.46 -13.35 15.50
N GLN B 558 -10.79 -12.06 15.68
CA GLN B 558 -11.86 -11.45 14.92
C GLN B 558 -11.40 -10.89 13.58
N LEU B 559 -10.11 -10.67 13.40
CA LEU B 559 -9.56 -10.05 12.21
C LEU B 559 -9.03 -11.09 11.22
N TYR B 560 -9.29 -12.37 11.48
CA TYR B 560 -8.83 -13.45 10.61
C TYR B 560 -9.77 -14.65 10.72
N PRO B 561 -10.80 -14.71 9.87
CA PRO B 561 -11.79 -15.80 9.97
C PRO B 561 -11.44 -17.05 9.17
N LEU B 562 -10.34 -17.05 8.42
CA LEU B 562 -9.94 -18.20 7.61
C LEU B 562 -10.20 -19.53 8.29
N ILE B 563 -9.71 -19.67 9.53
CA ILE B 563 -9.91 -20.91 10.30
C ILE B 563 -10.67 -20.79 11.62
N GLY B 564 -11.56 -19.82 11.68
CA GLY B 564 -12.34 -19.60 12.87
C GLY B 564 -13.51 -20.50 13.09
N PHE B 565 -13.74 -21.44 12.19
CA PHE B 565 -14.91 -22.31 12.28
C PHE B 565 -14.62 -23.75 12.64
N PHE B 566 -13.44 -24.03 13.17
CA PHE B 566 -13.06 -25.41 13.44
C PHE B 566 -13.95 -26.26 14.36
N GLY B 567 -14.19 -25.81 15.59
CA GLY B 567 -14.95 -26.61 16.54
C GLY B 567 -15.52 -25.83 17.71
N LYS B 568 -16.11 -26.53 18.68
CA LYS B 568 -16.60 -25.88 19.89
C LYS B 568 -15.60 -26.25 20.97
N GLY B 569 -15.08 -25.26 21.70
CA GLY B 569 -14.03 -25.52 22.66
C GLY B 569 -14.50 -25.56 24.05
N TYR B 570 -13.90 -26.43 24.84
CA TYR B 570 -14.30 -26.59 26.23
C TYR B 570 -13.52 -25.64 27.11
N GLY B 571 -14.16 -24.53 27.44
CA GLY B 571 -13.51 -23.51 28.22
C GLY B 571 -13.89 -23.56 29.67
N LYS B 572 -14.51 -24.65 30.08
CA LYS B 572 -14.87 -24.81 31.47
C LYS B 572 -13.58 -24.81 32.29
N ASN B 573 -12.55 -25.47 31.79
CA ASN B 573 -11.26 -25.46 32.47
C ASN B 573 -10.37 -24.60 31.61
N LYS B 574 -10.96 -23.90 30.66
CA LYS B 574 -10.21 -22.98 29.82
C LYS B 574 -9.03 -23.66 29.16
N GLU B 575 -9.27 -24.83 28.59
CA GLU B 575 -8.21 -25.52 27.88
C GLU B 575 -8.47 -25.28 26.41
N PRO B 576 -7.41 -25.17 25.60
CA PRO B 576 -7.68 -25.04 24.17
C PRO B 576 -7.93 -26.40 23.57
N VAL B 577 -9.04 -27.03 23.92
CA VAL B 577 -9.34 -28.39 23.45
C VAL B 577 -9.34 -28.44 21.92
N ARG B 578 -10.05 -27.52 21.30
CA ARG B 578 -10.12 -27.50 19.83
C ARG B 578 -8.93 -26.77 19.23
N GLY B 579 -7.88 -26.55 20.01
CA GLY B 579 -6.57 -26.22 19.48
C GLY B 579 -5.63 -27.37 19.75
N TYR B 580 -6.05 -28.29 20.61
CA TYR B 580 -5.28 -29.49 20.89
C TYR B 580 -5.62 -30.59 19.90
N LEU B 581 -6.89 -30.75 19.56
CA LEU B 581 -7.30 -31.79 18.64
C LEU B 581 -6.92 -31.49 17.19
N LEU B 582 -6.48 -30.28 16.88
CA LEU B 582 -5.95 -29.96 15.57
C LEU B 582 -4.46 -30.29 15.48
N ALA B 583 -3.70 -29.86 16.49
CA ALA B 583 -2.28 -30.21 16.55
C ALA B 583 -2.11 -31.72 16.63
N TYR B 584 -2.98 -32.40 17.37
CA TYR B 584 -2.90 -33.85 17.46
C TYR B 584 -3.13 -34.51 16.11
N ALA B 585 -4.10 -34.03 15.35
CA ALA B 585 -4.36 -34.61 14.04
C ALA B 585 -3.19 -34.39 13.08
N ILE B 586 -2.64 -33.18 13.05
CA ILE B 586 -1.52 -32.93 12.15
C ILE B 586 -0.30 -33.76 12.55
N ALA B 587 -0.01 -33.84 13.84
CA ALA B 587 1.13 -34.63 14.30
C ALA B 587 0.95 -36.11 13.96
N VAL B 588 -0.26 -36.65 14.14
CA VAL B 588 -0.48 -38.06 13.85
C VAL B 588 -0.36 -38.32 12.35
N ALA B 589 -0.88 -37.41 11.51
CA ALA B 589 -0.73 -37.58 10.08
C ALA B 589 0.73 -37.65 9.68
N PHE B 590 1.52 -36.66 10.12
CA PHE B 590 2.92 -36.64 9.72
C PHE B 590 3.75 -37.75 10.36
N ILE B 591 3.30 -38.32 11.48
CA ILE B 591 3.97 -39.52 11.99
C ILE B 591 3.66 -40.72 11.10
N ILE B 592 2.41 -40.87 10.69
CA ILE B 592 2.05 -42.01 9.85
C ILE B 592 2.79 -41.95 8.52
N ILE B 593 2.96 -40.76 7.97
CA ILE B 593 3.72 -40.61 6.73
C ILE B 593 5.16 -41.11 6.90
N ALA B 594 5.80 -40.69 7.99
CA ALA B 594 7.15 -41.13 8.37
C ALA B 594 8.23 -40.69 7.37
N GLU B 595 7.84 -39.99 6.31
CA GLU B 595 8.81 -39.30 5.46
C GLU B 595 9.24 -38.02 6.17
N LEU B 596 10.51 -37.93 6.57
CA LEU B 596 10.97 -36.79 7.35
C LEU B 596 12.02 -35.97 6.64
N ASN B 597 13.13 -36.58 6.24
CA ASN B 597 14.34 -35.84 5.87
C ASN B 597 14.15 -34.97 4.64
N THR B 598 13.10 -35.18 3.87
CA THR B 598 12.77 -34.29 2.76
C THR B 598 11.80 -33.19 3.16
N ILE B 599 11.26 -33.24 4.36
CA ILE B 599 10.36 -32.20 4.85
C ILE B 599 10.99 -31.38 5.98
N ALA B 600 12.08 -31.86 6.58
CA ALA B 600 12.76 -31.08 7.60
C ALA B 600 13.20 -29.70 7.15
N PRO B 601 13.78 -29.49 5.95
CA PRO B 601 14.20 -28.13 5.58
C PRO B 601 13.03 -27.19 5.30
N ILE B 602 11.97 -27.70 4.68
CA ILE B 602 10.81 -26.86 4.40
C ILE B 602 10.27 -26.27 5.69
N ILE B 603 10.19 -27.08 6.74
CA ILE B 603 9.64 -26.64 8.02
C ILE B 603 10.67 -25.93 8.89
N SER B 604 11.96 -26.18 8.68
CA SER B 604 12.96 -25.36 9.34
C SER B 604 12.99 -23.95 8.78
N ASN B 605 12.49 -23.74 7.55
CA ASN B 605 12.44 -22.39 7.00
C ASN B 605 11.16 -21.64 7.35
N PHE B 606 10.09 -22.32 7.76
CA PHE B 606 8.91 -21.63 8.28
C PHE B 606 9.26 -20.82 9.52
N PHE B 607 10.05 -21.42 10.42
CA PHE B 607 10.45 -20.72 11.64
C PHE B 607 11.34 -19.53 11.33
N LEU B 608 12.17 -19.61 10.29
CA LEU B 608 13.02 -18.48 9.95
C LEU B 608 12.23 -17.36 9.25
N CYS B 609 11.18 -17.71 8.50
CA CYS B 609 10.25 -16.69 8.04
C CYS B 609 9.62 -15.96 9.21
N SER B 610 9.19 -16.70 10.23
CA SER B 610 8.64 -16.08 11.43
C SER B 610 9.65 -15.16 12.10
N TYR B 611 10.90 -15.62 12.25
CA TYR B 611 11.92 -14.81 12.90
C TYR B 611 12.16 -13.50 12.13
N ALA B 612 12.29 -13.61 10.81
CA ALA B 612 12.54 -12.43 9.99
C ALA B 612 11.42 -11.42 10.09
N LEU B 613 10.17 -11.89 10.05
CA LEU B 613 9.06 -10.95 10.09
C LEU B 613 8.84 -10.37 11.48
N ILE B 614 9.16 -11.12 12.54
CA ILE B 614 9.09 -10.55 13.89
C ILE B 614 10.10 -9.42 14.05
N ASN B 615 11.36 -9.67 13.66
CA ASN B 615 12.37 -8.62 13.77
C ASN B 615 12.04 -7.42 12.91
N PHE B 616 11.57 -7.64 11.69
CA PHE B 616 11.24 -6.50 10.85
C PHE B 616 10.03 -5.75 11.36
N SER B 617 9.06 -6.43 11.99
CA SER B 617 7.93 -5.71 12.55
C SER B 617 8.37 -4.79 13.68
N CYS B 618 9.29 -5.26 14.53
CA CYS B 618 9.86 -4.38 15.53
C CYS B 618 10.53 -3.17 14.89
N PHE B 619 11.36 -3.40 13.86
CA PHE B 619 12.05 -2.28 13.22
C PHE B 619 11.08 -1.30 12.57
N HIS B 620 10.06 -1.82 11.89
CA HIS B 620 9.09 -0.98 11.20
C HIS B 620 8.31 -0.11 12.19
N ALA B 621 7.81 -0.73 13.26
CA ALA B 621 7.06 0.05 14.23
C ALA B 621 7.95 1.07 14.94
N SER B 622 9.23 0.79 15.09
CA SER B 622 10.11 1.74 15.75
C SER B 622 10.59 2.85 14.82
N ILE B 623 10.67 2.60 13.52
CA ILE B 623 11.11 3.63 12.59
C ILE B 623 9.98 4.56 12.18
N THR B 624 8.75 4.07 12.10
CA THR B 624 7.63 4.91 11.71
C THR B 624 6.97 5.62 12.89
N ASN B 625 7.57 5.56 14.07
CA ASN B 625 7.04 6.23 15.26
C ASN B 625 5.57 5.91 15.49
N SER B 626 5.22 4.63 15.35
CA SER B 626 3.83 4.24 15.41
C SER B 626 3.25 4.61 16.78
N PRO B 627 2.04 5.15 16.82
CA PRO B 627 1.46 5.54 18.11
C PRO B 627 0.89 4.36 18.87
N GLY B 628 1.71 3.69 19.66
CA GLY B 628 1.26 2.51 20.35
C GLY B 628 2.35 1.47 20.47
N TRP B 629 3.45 1.68 19.76
CA TRP B 629 4.66 0.91 19.94
C TRP B 629 5.60 1.76 20.79
N ARG B 630 5.70 1.42 22.07
CA ARG B 630 6.56 2.11 23.02
C ARG B 630 6.95 1.16 24.13
N PRO B 631 7.98 0.35 23.91
CA PRO B 631 8.40 -0.63 24.92
C PRO B 631 9.30 -0.02 25.96
N SER B 632 9.34 -0.67 27.13
CA SER B 632 10.26 -0.30 28.20
C SER B 632 11.18 -1.49 28.44
N PHE B 633 12.23 -1.59 27.62
CA PHE B 633 13.25 -2.61 27.77
C PHE B 633 14.58 -1.93 27.49
N GLN B 634 15.57 -2.17 28.34
CA GLN B 634 16.78 -1.37 28.28
C GLN B 634 17.53 -1.59 26.97
N TYR B 635 17.83 -2.85 26.65
CA TYR B 635 18.78 -3.21 25.61
C TYR B 635 18.04 -3.57 24.33
N TYR B 636 17.27 -2.62 23.81
CA TYR B 636 16.60 -2.84 22.55
C TYR B 636 16.99 -1.71 21.61
N ASN B 637 17.53 -2.07 20.44
CA ASN B 637 17.90 -1.11 19.41
C ASN B 637 17.33 -1.59 18.09
N LYS B 638 16.74 -0.67 17.32
CA LYS B 638 16.08 -1.07 16.08
C LYS B 638 17.06 -1.53 15.01
N TRP B 639 18.31 -1.09 15.08
CA TRP B 639 19.29 -1.53 14.10
C TRP B 639 19.67 -2.99 14.31
N ALA B 640 19.72 -3.43 15.57
CA ALA B 640 19.90 -4.85 15.85
C ALA B 640 18.70 -5.65 15.38
N ALA B 641 17.49 -5.12 15.55
CA ALA B 641 16.29 -5.77 15.06
C ALA B 641 16.17 -5.75 13.54
N LEU B 642 16.96 -4.94 12.85
CA LEU B 642 17.03 -5.01 11.39
C LEU B 642 18.10 -5.99 10.93
N PHE B 643 19.24 -6.02 11.62
CA PHE B 643 20.24 -7.03 11.32
C PHE B 643 19.69 -8.42 11.52
N GLY B 644 18.88 -8.62 12.55
CA GLY B 644 18.27 -9.92 12.75
C GLY B 644 17.40 -10.35 11.58
N ALA B 645 16.64 -9.42 11.01
CA ALA B 645 15.81 -9.76 9.87
C ALA B 645 16.64 -10.07 8.63
N ILE B 646 17.65 -9.25 8.35
CA ILE B 646 18.49 -9.50 7.18
C ILE B 646 19.17 -10.86 7.28
N ILE B 647 19.70 -11.19 8.46
CA ILE B 647 20.39 -12.47 8.63
C ILE B 647 19.42 -13.64 8.60
N SER B 648 18.24 -13.49 9.19
CA SER B 648 17.27 -14.58 9.12
C SER B 648 16.86 -14.85 7.69
N VAL B 649 16.91 -13.85 6.82
CA VAL B 649 16.61 -14.12 5.41
C VAL B 649 17.81 -14.67 4.65
N VAL B 650 19.03 -14.26 5.00
CA VAL B 650 20.22 -14.83 4.35
C VAL B 650 20.35 -16.32 4.66
N ILE B 651 20.13 -16.70 5.92
CA ILE B 651 20.34 -18.08 6.33
C ILE B 651 19.32 -19.02 5.70
N MET B 652 18.11 -18.55 5.43
CA MET B 652 17.13 -19.39 4.75
C MET B 652 17.68 -19.89 3.42
N PHE B 653 18.23 -18.99 2.61
CA PHE B 653 18.72 -19.33 1.29
C PHE B 653 20.11 -19.94 1.33
N LEU B 654 20.86 -19.75 2.41
CA LEU B 654 22.12 -20.47 2.53
C LEU B 654 21.89 -21.93 2.89
N LEU B 655 20.97 -22.21 3.80
CA LEU B 655 20.80 -23.59 4.28
C LEU B 655 20.27 -24.49 3.17
N THR B 656 19.07 -24.21 2.67
CA THR B 656 18.51 -24.96 1.55
C THR B 656 17.77 -23.98 0.66
N TRP B 657 18.21 -23.84 -0.58
CA TRP B 657 17.68 -22.77 -1.42
C TRP B 657 16.28 -23.09 -1.95
N TRP B 658 16.00 -24.35 -2.26
CA TRP B 658 14.71 -24.69 -2.83
C TRP B 658 13.61 -24.85 -1.79
N ALA B 659 13.96 -24.89 -0.50
CA ALA B 659 12.98 -24.95 0.56
C ALA B 659 12.66 -23.59 1.11
N ALA B 660 13.49 -22.59 0.84
CA ALA B 660 13.18 -21.20 1.13
C ALA B 660 12.31 -20.56 0.07
N LEU B 661 12.23 -21.13 -1.12
CA LEU B 661 11.29 -20.67 -2.14
C LEU B 661 9.95 -21.36 -2.05
N ILE B 662 9.84 -22.46 -1.32
CA ILE B 662 8.54 -23.02 -1.00
C ILE B 662 7.96 -22.36 0.24
N ALA B 663 8.78 -22.05 1.24
CA ALA B 663 8.30 -21.36 2.42
C ALA B 663 7.76 -19.99 2.07
N ILE B 664 8.46 -19.26 1.20
CA ILE B 664 8.00 -17.93 0.80
C ILE B 664 6.77 -18.03 -0.09
N GLY B 665 6.74 -19.00 -0.99
CA GLY B 665 5.62 -19.17 -1.88
C GLY B 665 4.36 -19.67 -1.22
N VAL B 666 4.43 -20.09 0.03
CA VAL B 666 3.24 -20.46 0.78
C VAL B 666 2.71 -19.29 1.60
N VAL B 667 3.59 -18.41 2.06
CA VAL B 667 3.14 -17.17 2.69
C VAL B 667 2.36 -16.32 1.69
N LEU B 668 2.81 -16.29 0.44
CA LEU B 668 2.16 -15.49 -0.59
C LEU B 668 0.86 -16.12 -1.08
N PHE B 669 0.76 -17.45 -1.11
CA PHE B 669 -0.53 -18.06 -1.43
C PHE B 669 -1.57 -17.73 -0.38
N LEU B 670 -1.22 -17.85 0.90
CA LEU B 670 -2.16 -17.54 1.97
C LEU B 670 -2.48 -16.05 2.01
N LEU B 671 -1.48 -15.20 1.82
CA LEU B 671 -1.70 -13.76 1.94
C LEU B 671 -2.58 -13.23 0.82
N LEU B 672 -2.40 -13.71 -0.41
CA LEU B 672 -3.19 -13.24 -1.54
C LEU B 672 -4.53 -13.95 -1.65
N TYR B 673 -4.77 -15.00 -0.87
CA TYR B 673 -6.06 -15.64 -0.87
C TYR B 673 -7.01 -15.04 0.15
N VAL B 674 -6.49 -14.43 1.22
CA VAL B 674 -7.37 -13.82 2.21
C VAL B 674 -7.69 -12.37 1.83
N ILE B 675 -6.84 -11.71 1.05
CA ILE B 675 -7.18 -10.38 0.57
C ILE B 675 -8.34 -10.45 -0.41
N TYR B 676 -8.27 -11.37 -1.36
CA TYR B 676 -9.27 -11.50 -2.42
C TYR B 676 -10.12 -12.75 -2.25
N SER B 691 -18.07 -3.64 7.20
CA SER B 691 -18.60 -2.57 6.37
C SER B 691 -18.19 -1.22 6.92
N TYR B 692 -18.53 -0.99 8.18
CA TYR B 692 -18.24 0.30 8.81
C TYR B 692 -16.76 0.46 9.11
N ASN B 693 -16.07 -0.61 9.49
CA ASN B 693 -14.67 -0.49 9.84
C ASN B 693 -13.80 -0.27 8.63
N LEU B 694 -14.26 -0.63 7.44
CA LEU B 694 -13.54 -0.34 6.21
C LEU B 694 -13.94 0.98 5.61
N ALA B 695 -15.19 1.40 5.76
CA ALA B 695 -15.59 2.72 5.30
C ALA B 695 -14.85 3.81 6.04
N LEU B 696 -14.53 3.58 7.31
CA LEU B 696 -13.91 4.57 8.16
C LEU B 696 -12.39 4.55 8.08
N SER B 697 -11.78 3.39 7.90
CA SER B 697 -10.33 3.34 7.80
C SER B 697 -9.80 3.86 6.47
N TYR B 698 -10.64 3.87 5.44
CA TYR B 698 -10.27 4.37 4.12
C TYR B 698 -10.61 5.83 3.94
N SER B 699 -11.61 6.34 4.67
CA SER B 699 -11.92 7.76 4.63
C SER B 699 -10.90 8.57 5.40
N VAL B 700 -10.38 8.03 6.50
CA VAL B 700 -9.32 8.69 7.24
C VAL B 700 -8.00 8.61 6.50
N GLY B 701 -7.85 7.66 5.59
CA GLY B 701 -6.67 7.59 4.76
C GLY B 701 -6.60 8.62 3.66
N LEU B 702 -7.75 9.17 3.26
CA LEU B 702 -7.76 10.27 2.31
C LEU B 702 -7.17 11.55 2.89
N ASN B 703 -7.10 11.68 4.20
CA ASN B 703 -6.62 12.94 4.75
C ASN B 703 -5.15 13.19 4.48
N GLU B 704 -4.37 12.17 4.12
CA GLU B 704 -2.96 12.39 3.83
C GLU B 704 -2.68 12.68 2.36
N VAL B 705 -3.53 12.23 1.43
CA VAL B 705 -3.28 12.48 0.02
C VAL B 705 -3.58 13.95 -0.27
N GLU B 706 -2.77 14.56 -1.11
CA GLU B 706 -3.01 15.94 -1.49
C GLU B 706 -3.78 15.99 -2.82
N ASP B 707 -4.25 17.17 -3.16
CA ASP B 707 -5.09 17.36 -4.33
C ASP B 707 -4.25 17.84 -5.51
N HIS B 708 -4.48 17.23 -6.67
CA HIS B 708 -3.82 17.62 -7.90
C HIS B 708 -4.88 17.79 -8.99
N ILE B 709 -4.54 18.60 -9.99
CA ILE B 709 -5.46 18.89 -11.08
C ILE B 709 -5.74 17.64 -11.90
N LYS B 710 -4.82 16.68 -11.88
CA LYS B 710 -5.02 15.47 -12.65
C LYS B 710 -6.07 14.56 -12.05
N ASN B 711 -6.24 14.58 -10.73
CA ASN B 711 -7.21 13.73 -10.05
C ASN B 711 -8.46 14.49 -9.64
N TYR B 712 -8.86 15.50 -10.40
CA TYR B 712 -10.07 16.24 -10.05
C TYR B 712 -11.29 15.40 -10.35
N ARG B 713 -12.21 15.31 -9.38
CA ARG B 713 -13.46 14.59 -9.52
C ARG B 713 -14.62 15.55 -9.34
N PRO B 714 -15.64 15.50 -10.21
CA PRO B 714 -16.83 16.32 -10.02
C PRO B 714 -17.80 15.67 -9.05
N GLN B 715 -17.83 16.20 -7.82
CA GLN B 715 -18.75 15.71 -6.82
C GLN B 715 -19.96 16.59 -6.93
N CYS B 716 -21.13 16.00 -6.76
CA CYS B 716 -22.36 16.76 -6.98
C CYS B 716 -23.24 16.84 -5.74
N LEU B 717 -24.03 17.90 -5.68
CA LEU B 717 -25.12 18.07 -4.73
C LEU B 717 -26.39 18.26 -5.56
N VAL B 718 -27.20 17.21 -5.68
CA VAL B 718 -28.40 17.26 -6.48
C VAL B 718 -29.54 17.74 -5.59
N LEU B 719 -30.16 18.86 -5.95
CA LEU B 719 -31.35 19.34 -5.25
C LEU B 719 -32.56 18.65 -5.89
N THR B 720 -32.88 17.48 -5.35
CA THR B 720 -33.83 16.59 -5.98
C THR B 720 -35.16 16.49 -5.26
N GLY B 721 -35.27 17.03 -4.05
CA GLY B 721 -36.47 16.84 -3.27
C GLY B 721 -36.64 15.40 -2.89
N PRO B 722 -37.88 14.94 -2.75
CA PRO B 722 -38.12 13.51 -2.59
C PRO B 722 -37.70 12.78 -3.86
N PRO B 723 -36.69 11.92 -3.78
CA PRO B 723 -36.06 11.40 -5.00
C PRO B 723 -37.01 10.75 -5.99
N ASN B 724 -38.25 10.50 -5.59
CA ASN B 724 -39.22 9.88 -6.49
C ASN B 724 -40.20 10.87 -7.08
N PHE B 725 -40.05 12.17 -6.83
CA PHE B 725 -40.79 13.17 -7.57
C PHE B 725 -40.11 13.62 -8.85
N ARG B 726 -38.83 13.38 -8.99
CA ARG B 726 -38.18 13.73 -10.25
C ARG B 726 -37.03 12.76 -10.50
N PRO B 727 -37.33 11.58 -11.02
CA PRO B 727 -36.26 10.58 -11.25
C PRO B 727 -35.34 10.95 -12.39
N ALA B 728 -35.73 11.90 -13.24
CA ALA B 728 -34.88 12.27 -14.37
C ALA B 728 -33.58 12.90 -13.89
N LEU B 729 -33.65 13.73 -12.85
CA LEU B 729 -32.47 14.38 -12.32
C LEU B 729 -31.48 13.37 -11.76
N VAL B 730 -31.97 12.40 -10.97
CA VAL B 730 -31.10 11.40 -10.40
C VAL B 730 -30.55 10.48 -11.48
N ASP B 731 -31.38 10.16 -12.48
CA ASP B 731 -30.92 9.30 -13.58
C ASP B 731 -29.84 9.98 -14.40
N PHE B 732 -29.96 11.28 -14.64
CA PHE B 732 -28.92 11.99 -15.36
C PHE B 732 -27.64 12.05 -14.56
N VAL B 733 -27.71 12.49 -13.30
CA VAL B 733 -26.47 12.70 -12.54
C VAL B 733 -25.85 11.41 -12.04
N GLY B 734 -26.59 10.30 -12.01
CA GLY B 734 -26.01 9.05 -11.58
C GLY B 734 -25.50 8.26 -12.75
N THR B 735 -25.30 8.93 -13.88
CA THR B 735 -24.70 8.31 -15.05
C THR B 735 -23.21 8.57 -15.15
N PHE B 736 -22.78 9.82 -15.04
CA PHE B 736 -21.37 10.13 -15.12
C PHE B 736 -20.66 10.07 -13.77
N THR B 737 -21.38 10.05 -12.66
CA THR B 737 -20.77 9.93 -11.35
C THR B 737 -20.74 8.50 -10.83
N ARG B 738 -21.25 7.54 -11.60
CA ARG B 738 -21.26 6.16 -11.14
C ARG B 738 -19.84 5.61 -11.16
N ASN B 739 -19.40 5.05 -10.04
CA ASN B 739 -18.06 4.50 -9.88
C ASN B 739 -16.97 5.53 -10.09
N LEU B 740 -17.32 6.81 -10.10
CA LEU B 740 -16.36 7.87 -10.37
C LEU B 740 -16.24 8.87 -9.24
N SER B 741 -17.35 9.39 -8.73
CA SER B 741 -17.27 10.47 -7.75
C SER B 741 -18.53 10.46 -6.89
N LEU B 742 -18.52 11.34 -5.88
CA LEU B 742 -19.57 11.44 -4.89
C LEU B 742 -20.85 12.02 -5.49
N MET B 743 -21.99 11.55 -5.00
CA MET B 743 -23.28 12.11 -5.37
C MET B 743 -24.18 12.10 -4.15
N ILE B 744 -24.85 13.22 -3.90
CA ILE B 744 -25.73 13.39 -2.74
C ILE B 744 -27.07 13.93 -3.22
N CYS B 745 -28.15 13.36 -2.70
CA CYS B 745 -29.51 13.77 -3.07
C CYS B 745 -30.09 14.61 -1.94
N GLY B 746 -30.04 15.92 -2.07
CA GLY B 746 -30.52 16.79 -1.02
C GLY B 746 -32.04 16.88 -0.97
N HIS B 747 -32.54 17.29 0.20
CA HIS B 747 -33.97 17.45 0.42
C HIS B 747 -34.19 18.39 1.60
N VAL B 748 -34.98 19.44 1.42
CA VAL B 748 -35.20 20.44 2.45
C VAL B 748 -36.67 20.42 2.85
N LEU B 749 -36.94 20.14 4.12
CA LEU B 749 -38.30 20.09 4.63
C LEU B 749 -38.65 21.43 5.24
N ILE B 750 -39.61 22.13 4.64
CA ILE B 750 -39.98 23.47 5.06
C ILE B 750 -40.98 23.39 6.20
N GLY B 751 -40.61 23.95 7.33
CA GLY B 751 -41.47 23.92 8.49
C GLY B 751 -40.80 24.71 9.59
N PRO B 752 -41.53 25.05 10.68
CA PRO B 752 -40.79 25.78 11.72
C PRO B 752 -39.87 24.84 12.44
N HIS B 753 -39.25 25.27 13.52
CA HIS B 753 -38.29 24.38 14.16
C HIS B 753 -38.99 23.09 14.45
N LYS B 754 -38.38 21.98 14.09
CA LYS B 754 -39.09 20.72 14.24
C LYS B 754 -38.25 19.72 14.98
N GLN B 755 -38.90 18.87 15.76
CA GLN B 755 -38.15 17.92 16.57
C GLN B 755 -37.63 16.79 15.71
N ARG B 756 -36.37 16.40 15.91
CA ARG B 756 -35.87 15.25 15.19
C ARG B 756 -36.76 14.15 15.73
N MET B 757 -37.31 13.32 14.85
CA MET B 757 -38.28 12.34 15.33
C MET B 757 -38.09 10.93 14.78
N PRO B 758 -38.54 9.89 15.53
CA PRO B 758 -38.45 8.58 14.88
C PRO B 758 -39.00 8.51 13.46
N GLU B 759 -40.13 9.13 13.18
CA GLU B 759 -40.73 9.01 11.85
C GLU B 759 -39.81 9.59 10.80
N LEU B 760 -39.14 10.68 11.12
CA LEU B 760 -38.21 11.34 10.20
C LEU B 760 -37.14 10.37 9.72
N GLN B 761 -36.58 9.59 10.65
CA GLN B 761 -35.60 8.58 10.24
C GLN B 761 -36.26 7.45 9.47
N LEU B 762 -37.53 7.17 9.75
CA LEU B 762 -38.26 6.17 8.97
C LEU B 762 -38.42 6.61 7.51
N ILE B 763 -38.75 7.90 7.31
CA ILE B 763 -38.85 8.45 5.97
C ILE B 763 -37.50 8.44 5.27
N ALA B 764 -36.45 8.86 5.98
CA ALA B 764 -35.11 8.81 5.42
C ALA B 764 -34.70 7.41 5.02
N ASN B 765 -35.14 6.39 5.76
CA ASN B 765 -34.85 5.02 5.37
C ASN B 765 -35.67 4.58 4.16
N GLY B 766 -36.92 5.03 4.07
CA GLY B 766 -37.71 4.71 2.89
C GLY B 766 -37.10 5.25 1.61
N HIS B 767 -36.62 6.50 1.65
CA HIS B 767 -35.99 7.07 0.47
C HIS B 767 -34.69 6.37 0.09
N THR B 768 -33.90 5.97 1.09
CA THR B 768 -32.70 5.20 0.79
C THR B 768 -33.04 3.85 0.18
N LYS B 769 -34.10 3.20 0.65
CA LYS B 769 -34.50 1.93 0.04
C LYS B 769 -34.93 2.14 -1.40
N TRP B 770 -35.66 3.21 -1.68
CA TRP B 770 -36.04 3.50 -3.06
C TRP B 770 -34.83 3.72 -3.94
N LEU B 771 -33.84 4.46 -3.44
CA LEU B 771 -32.62 4.68 -4.21
C LEU B 771 -31.88 3.38 -4.48
N ASN B 772 -31.81 2.49 -3.49
CA ASN B 772 -31.08 1.24 -3.67
C ASN B 772 -31.80 0.29 -4.62
N LYS B 773 -33.13 0.30 -4.61
CA LYS B 773 -33.88 -0.55 -5.52
C LYS B 773 -33.61 -0.19 -6.98
N ARG B 774 -33.53 1.11 -7.27
CA ARG B 774 -33.18 1.60 -8.60
C ARG B 774 -31.71 1.38 -8.95
N LYS B 775 -30.90 0.93 -7.99
CA LYS B 775 -29.46 0.73 -8.17
C LYS B 775 -28.74 2.03 -8.49
N ILE B 776 -29.22 3.13 -7.94
CA ILE B 776 -28.51 4.40 -8.02
C ILE B 776 -27.53 4.47 -6.87
N LYS B 777 -26.29 4.86 -7.18
CA LYS B 777 -25.18 4.79 -6.24
C LYS B 777 -24.95 6.18 -5.66
N ALA B 778 -25.77 6.54 -4.67
CA ALA B 778 -25.80 7.90 -4.15
C ALA B 778 -26.14 7.86 -2.67
N PHE B 779 -25.90 8.99 -2.01
CA PHE B 779 -26.27 9.20 -0.62
C PHE B 779 -27.51 10.08 -0.55
N TYR B 780 -28.16 10.07 0.60
CA TYR B 780 -29.36 10.87 0.80
C TYR B 780 -29.19 11.70 2.05
N SER B 781 -29.66 12.95 1.99
CA SER B 781 -29.51 13.88 3.09
C SER B 781 -30.70 14.81 3.11
N ASP B 782 -31.23 15.07 4.30
CA ASP B 782 -32.31 16.02 4.47
C ASP B 782 -32.02 16.94 5.65
N VAL B 783 -32.45 18.19 5.53
CA VAL B 783 -32.29 19.19 6.56
C VAL B 783 -33.64 19.86 6.77
N ILE B 784 -33.77 20.58 7.87
CA ILE B 784 -34.99 21.32 8.20
C ILE B 784 -34.65 22.80 8.21
N ALA B 785 -35.49 23.60 7.56
CA ALA B 785 -35.25 25.04 7.50
C ALA B 785 -36.58 25.74 7.30
N GLU B 786 -36.58 27.05 7.54
CA GLU B 786 -37.77 27.86 7.40
C GLU B 786 -38.17 28.07 5.94
N ASP B 787 -37.20 28.12 5.03
CA ASP B 787 -37.47 28.19 3.60
C ASP B 787 -36.37 27.42 2.87
N LEU B 788 -36.55 27.26 1.56
CA LEU B 788 -35.70 26.36 0.79
C LEU B 788 -34.27 26.90 0.66
N ARG B 789 -34.12 28.19 0.42
CA ARG B 789 -32.81 28.77 0.21
C ARG B 789 -31.92 28.60 1.44
N ARG B 790 -32.46 28.87 2.63
CA ARG B 790 -31.69 28.80 3.85
C ARG B 790 -31.36 27.37 4.27
N GLY B 791 -32.00 26.38 3.65
CA GLY B 791 -31.65 25.00 3.89
C GLY B 791 -30.62 24.52 2.90
N VAL B 792 -30.70 25.04 1.68
CA VAL B 792 -29.68 24.70 0.69
C VAL B 792 -28.34 25.29 1.10
N GLN B 793 -28.34 26.43 1.80
CA GLN B 793 -27.08 26.94 2.34
C GLN B 793 -26.48 25.98 3.36
N ILE B 794 -27.30 25.42 4.23
CA ILE B 794 -26.83 24.44 5.22
C ILE B 794 -26.22 23.25 4.50
N LEU B 795 -26.90 22.74 3.49
CA LEU B 795 -26.40 21.59 2.75
C LEU B 795 -25.08 21.91 2.05
N MET B 796 -24.94 23.10 1.46
CA MET B 796 -23.67 23.43 0.83
C MET B 796 -22.55 23.54 1.86
N GLN B 797 -22.82 24.18 2.99
CA GLN B 797 -21.76 24.44 3.97
C GLN B 797 -21.27 23.21 4.70
N ALA B 798 -22.14 22.28 5.09
CA ALA B 798 -21.68 21.25 6.01
C ALA B 798 -21.69 19.82 5.47
N ALA B 799 -22.38 19.52 4.38
CA ALA B 799 -22.48 18.14 3.93
C ALA B 799 -21.13 17.60 3.48
N GLY B 800 -20.94 16.31 3.66
CA GLY B 800 -19.72 15.64 3.25
C GLY B 800 -18.94 15.11 4.44
N LEU B 801 -17.72 14.65 4.15
CA LEU B 801 -16.85 14.09 5.19
C LEU B 801 -15.41 14.18 4.71
N GLY B 802 -14.70 15.21 5.16
CA GLY B 802 -13.28 15.32 4.84
C GLY B 802 -13.01 15.84 3.45
N ARG B 803 -12.38 15.03 2.61
CA ARG B 803 -12.10 15.39 1.23
C ARG B 803 -13.20 14.96 0.27
N MET B 804 -14.22 14.26 0.75
CA MET B 804 -15.38 13.90 -0.06
C MET B 804 -16.50 14.87 0.25
N LYS B 805 -16.39 16.07 -0.30
CA LYS B 805 -17.46 17.04 -0.13
C LYS B 805 -17.78 17.66 -1.49
N PRO B 806 -19.04 18.02 -1.72
CA PRO B 806 -19.44 18.44 -3.06
C PRO B 806 -18.81 19.74 -3.51
N ASN B 807 -18.69 19.89 -4.82
CA ASN B 807 -18.23 21.14 -5.41
C ASN B 807 -19.02 21.53 -6.66
N ILE B 808 -20.09 20.80 -7.00
CA ILE B 808 -21.02 21.17 -8.06
C ILE B 808 -22.41 21.18 -7.46
N LEU B 809 -23.23 22.13 -7.88
CA LEU B 809 -24.64 22.18 -7.50
C LEU B 809 -25.49 21.94 -8.74
N VAL B 810 -26.38 20.96 -8.65
CA VAL B 810 -27.27 20.60 -9.74
C VAL B 810 -28.70 20.89 -9.33
N VAL B 811 -29.39 21.72 -10.10
CA VAL B 811 -30.77 22.08 -9.84
C VAL B 811 -31.60 21.81 -11.08
N GLY B 812 -32.93 21.84 -10.92
CA GLY B 812 -33.84 21.81 -12.03
C GLY B 812 -34.25 23.20 -12.45
N PHE B 813 -35.15 23.25 -13.43
CA PHE B 813 -35.60 24.52 -13.98
C PHE B 813 -36.90 24.94 -13.33
N LYS B 814 -36.98 26.19 -12.91
CA LYS B 814 -38.17 26.79 -12.32
C LYS B 814 -39.21 26.96 -13.42
N LYS B 815 -39.93 25.88 -13.72
CA LYS B 815 -40.71 25.83 -14.95
C LYS B 815 -41.82 26.87 -14.98
N ASN B 816 -42.38 27.22 -13.83
CA ASN B 816 -43.55 28.08 -13.81
C ASN B 816 -43.26 29.43 -13.16
N TRP B 817 -42.10 30.01 -13.49
CA TRP B 817 -41.78 31.32 -12.95
C TRP B 817 -42.65 32.42 -13.54
N GLN B 818 -43.30 32.16 -14.67
CA GLN B 818 -44.20 33.15 -15.27
C GLN B 818 -45.38 33.44 -14.33
N SER B 819 -45.99 32.39 -13.78
CA SER B 819 -47.23 32.52 -13.03
C SER B 819 -47.06 32.40 -11.52
N ALA B 820 -45.90 31.97 -11.04
CA ALA B 820 -45.69 31.88 -9.61
C ALA B 820 -45.56 33.26 -9.00
N HIS B 821 -45.58 33.31 -7.67
CA HIS B 821 -45.43 34.58 -6.99
C HIS B 821 -44.00 35.08 -7.17
N PRO B 822 -43.82 36.31 -7.68
CA PRO B 822 -42.47 36.77 -8.05
C PRO B 822 -41.48 36.84 -6.90
N ALA B 823 -41.86 36.51 -5.68
CA ALA B 823 -40.90 36.42 -4.59
C ALA B 823 -40.21 35.07 -4.53
N THR B 824 -40.75 34.06 -5.20
CA THR B 824 -40.12 32.76 -5.30
C THR B 824 -38.96 32.74 -6.30
N VAL B 825 -39.06 33.49 -7.40
CA VAL B 825 -37.93 33.59 -8.32
C VAL B 825 -36.77 34.35 -7.70
N GLU B 826 -37.05 35.27 -6.77
CA GLU B 826 -36.00 35.91 -6.00
C GLU B 826 -35.16 34.87 -5.26
N ASP B 827 -35.82 33.91 -4.61
CA ASP B 827 -35.10 32.89 -3.86
C ASP B 827 -34.43 31.88 -4.79
N TYR B 828 -35.11 31.54 -5.90
CA TYR B 828 -34.51 30.62 -6.86
C TYR B 828 -33.21 31.17 -7.42
N ILE B 829 -33.17 32.46 -7.77
CA ILE B 829 -31.94 33.04 -8.26
C ILE B 829 -30.94 33.24 -7.12
N GLY B 830 -31.43 33.49 -5.91
CA GLY B 830 -30.52 33.59 -4.77
C GLY B 830 -29.79 32.30 -4.50
N ILE B 831 -30.39 31.17 -4.85
CA ILE B 831 -29.70 29.88 -4.69
C ILE B 831 -28.45 29.85 -5.55
N LEU B 832 -28.57 30.26 -6.81
CA LEU B 832 -27.40 30.30 -7.69
C LEU B 832 -26.39 31.33 -7.21
N HIS B 833 -26.87 32.46 -6.69
CA HIS B 833 -25.94 33.46 -6.18
C HIS B 833 -25.14 32.92 -5.00
N ASP B 834 -25.78 32.20 -4.09
CA ASP B 834 -25.07 31.59 -2.96
C ASP B 834 -24.11 30.51 -3.43
N ALA B 835 -24.52 29.70 -4.41
CA ALA B 835 -23.61 28.70 -4.96
C ALA B 835 -22.35 29.36 -5.49
N PHE B 836 -22.49 30.46 -6.22
CA PHE B 836 -21.31 31.17 -6.70
C PHE B 836 -20.54 31.80 -5.56
N ASP B 837 -21.21 32.15 -4.47
CA ASP B 837 -20.52 32.72 -3.32
C ASP B 837 -19.65 31.70 -2.60
N PHE B 838 -20.01 30.41 -2.68
CA PHE B 838 -19.24 29.38 -2.00
C PHE B 838 -18.16 28.74 -2.89
N ASN B 839 -17.89 29.29 -4.08
CA ASN B 839 -17.03 28.67 -5.09
C ASN B 839 -17.53 27.30 -5.53
N TYR B 840 -18.73 27.30 -6.09
CA TYR B 840 -19.34 26.12 -6.64
C TYR B 840 -19.47 26.26 -8.15
N GLY B 841 -19.63 25.14 -8.83
CA GLY B 841 -20.06 25.11 -10.21
C GLY B 841 -21.56 24.84 -10.22
N VAL B 842 -22.26 25.30 -11.24
CA VAL B 842 -23.71 25.24 -11.29
C VAL B 842 -24.14 24.55 -12.57
N CYS B 843 -25.11 23.66 -12.47
CA CYS B 843 -25.78 23.05 -13.61
C CYS B 843 -27.27 23.21 -13.44
N VAL B 844 -27.95 23.68 -14.48
CA VAL B 844 -29.39 23.83 -14.49
C VAL B 844 -29.93 22.96 -15.62
N MET B 845 -30.82 22.05 -15.28
CA MET B 845 -31.35 21.10 -16.24
C MET B 845 -32.80 21.41 -16.60
N ARG B 846 -33.13 21.28 -17.88
CA ARG B 846 -34.47 21.57 -18.35
C ARG B 846 -34.98 20.49 -19.30
N MET B 847 -36.25 20.13 -19.14
CA MET B 847 -36.94 19.28 -20.10
C MET B 847 -38.26 19.92 -20.51
N ARG B 848 -38.73 19.53 -21.69
CA ARG B 848 -39.94 20.11 -22.27
C ARG B 848 -41.15 19.82 -21.39
N GLU B 849 -41.27 18.59 -20.90
CA GLU B 849 -42.43 18.15 -20.13
C GLU B 849 -42.23 18.30 -18.63
N GLY B 850 -41.20 19.04 -18.23
CA GLY B 850 -40.94 19.25 -16.81
C GLY B 850 -40.22 18.09 -16.16
N LEU B 851 -39.66 18.32 -14.97
CA LEU B 851 -38.93 17.30 -14.23
C LEU B 851 -39.80 16.56 -13.23
N ASN B 852 -40.78 17.23 -12.64
CA ASN B 852 -41.60 16.65 -11.59
C ASN B 852 -42.64 15.71 -12.20
N VAL B 853 -42.69 14.47 -11.71
CA VAL B 853 -43.60 13.46 -12.22
C VAL B 853 -44.72 13.13 -11.26
N SER B 854 -44.74 13.73 -10.07
CA SER B 854 -45.87 13.53 -9.17
C SER B 854 -47.14 14.15 -9.72
N LYS B 855 -47.02 15.05 -10.69
CA LYS B 855 -48.16 15.73 -11.27
C LYS B 855 -48.69 14.99 -12.51
N GLU B 886 -44.25 -2.37 -6.61
CA GLU B 886 -44.77 -2.02 -7.92
C GLU B 886 -43.64 -1.86 -8.94
N GLU B 887 -43.78 -0.88 -9.81
CA GLU B 887 -42.78 -0.55 -10.81
C GLU B 887 -42.41 0.93 -10.67
N GLN B 888 -41.12 1.22 -10.82
CA GLN B 888 -40.65 2.60 -10.75
C GLN B 888 -40.77 3.26 -12.12
N ALA B 889 -40.83 4.59 -12.11
CA ALA B 889 -40.97 5.35 -13.33
C ALA B 889 -39.70 5.25 -14.18
N THR B 890 -39.89 5.24 -15.50
CA THR B 890 -38.82 5.11 -16.46
C THR B 890 -38.63 6.41 -17.22
N THR B 891 -37.39 6.87 -17.30
CA THR B 891 -37.05 8.11 -17.97
C THR B 891 -36.30 7.80 -19.26
N ILE B 892 -35.93 8.86 -19.98
CA ILE B 892 -35.18 8.69 -21.23
C ILE B 892 -33.69 8.49 -21.00
N PHE B 893 -33.22 8.69 -19.78
CA PHE B 893 -31.82 8.50 -19.46
C PHE B 893 -31.50 7.06 -19.09
N GLN B 894 -32.49 6.18 -19.17
CA GLN B 894 -32.33 4.77 -18.87
C GLN B 894 -32.22 3.92 -20.13
N SER B 895 -32.06 4.53 -21.29
CA SER B 895 -32.09 3.82 -22.55
C SER B 895 -30.90 4.24 -23.41
N GLU B 896 -30.54 3.38 -24.35
CA GLU B 896 -29.46 3.63 -25.29
C GLU B 896 -29.81 4.80 -26.18
N GLN B 897 -28.92 5.80 -26.26
CA GLN B 897 -29.26 6.98 -27.05
C GLN B 897 -29.08 6.72 -28.54
N GLY B 898 -28.05 5.96 -28.92
CA GLY B 898 -27.86 5.60 -30.31
C GLY B 898 -26.79 6.40 -31.01
N LYS B 899 -27.11 6.94 -32.18
CA LYS B 899 -26.15 7.65 -33.01
C LYS B 899 -26.29 9.17 -32.95
N LYS B 900 -27.22 9.69 -32.15
CA LYS B 900 -27.46 11.13 -32.12
C LYS B 900 -26.27 11.84 -31.49
N THR B 901 -26.34 13.16 -31.46
CA THR B 901 -25.18 13.99 -31.16
C THR B 901 -25.30 14.71 -29.83
N ILE B 902 -24.14 15.10 -29.30
CA ILE B 902 -24.01 15.99 -28.15
C ILE B 902 -23.45 17.30 -28.67
N ASP B 903 -24.14 18.40 -28.40
CA ASP B 903 -23.75 19.71 -28.93
C ASP B 903 -23.33 20.60 -27.78
N ILE B 904 -22.07 21.01 -27.77
CA ILE B 904 -21.49 21.79 -26.69
C ILE B 904 -21.27 23.21 -27.22
N TYR B 905 -22.10 24.15 -26.80
CA TYR B 905 -21.95 25.54 -27.19
C TYR B 905 -21.02 26.24 -26.19
N TRP B 906 -19.73 25.97 -26.36
CA TRP B 906 -18.69 26.48 -25.46
C TRP B 906 -18.44 27.94 -25.79
N LEU B 907 -19.07 28.84 -25.04
CA LEU B 907 -19.01 30.27 -25.33
C LEU B 907 -18.03 31.03 -24.46
N PHE B 908 -17.88 30.65 -23.19
CA PHE B 908 -16.99 31.35 -22.28
C PHE B 908 -16.09 30.34 -21.57
N ASP B 909 -14.90 30.78 -21.20
CA ASP B 909 -13.89 29.92 -20.60
C ASP B 909 -14.12 29.86 -19.11
N ASP B 910 -14.61 28.72 -18.63
CA ASP B 910 -14.93 28.52 -17.22
C ASP B 910 -14.01 27.54 -16.53
N GLY B 911 -12.87 27.22 -17.13
CA GLY B 911 -11.97 26.24 -16.59
C GLY B 911 -12.10 24.86 -17.20
N GLY B 912 -13.20 24.60 -17.92
CA GLY B 912 -13.36 23.35 -18.64
C GLY B 912 -14.40 22.40 -18.09
N LEU B 913 -15.23 22.78 -17.12
CA LEU B 913 -16.22 21.84 -16.61
C LEU B 913 -17.29 21.56 -17.67
N THR B 914 -17.66 22.57 -18.45
CA THR B 914 -18.61 22.38 -19.54
C THR B 914 -18.11 21.43 -20.60
N LEU B 915 -16.80 21.20 -20.70
CA LEU B 915 -16.25 20.18 -21.58
C LEU B 915 -16.05 18.84 -20.89
N LEU B 916 -15.92 18.81 -19.57
CA LEU B 916 -15.62 17.57 -18.87
C LEU B 916 -16.85 16.81 -18.41
N ILE B 917 -18.00 17.46 -18.23
CA ILE B 917 -19.21 16.68 -17.95
C ILE B 917 -19.59 15.82 -19.16
N PRO B 918 -19.68 16.36 -20.38
CA PRO B 918 -20.00 15.49 -21.53
C PRO B 918 -18.97 14.42 -21.82
N TYR B 919 -17.69 14.68 -21.55
CA TYR B 919 -16.67 13.66 -21.77
C TYR B 919 -16.91 12.46 -20.87
N LEU B 920 -17.23 12.71 -19.59
CA LEU B 920 -17.50 11.60 -18.68
C LEU B 920 -18.83 10.94 -18.96
N LEU B 921 -19.79 11.71 -19.49
CA LEU B 921 -21.05 11.11 -19.92
C LEU B 921 -20.83 10.15 -21.07
N GLY B 922 -19.97 10.50 -22.02
CA GLY B 922 -19.69 9.65 -23.16
C GLY B 922 -18.75 8.51 -22.90
N ARG B 923 -18.19 8.43 -21.70
CA ARG B 923 -17.38 7.31 -21.28
C ARG B 923 -18.23 6.10 -20.90
N LYS B 924 -19.54 6.26 -20.87
CA LYS B 924 -20.47 5.21 -20.47
C LYS B 924 -21.13 4.58 -21.69
N ARG B 925 -21.73 3.42 -21.49
CA ARG B 925 -22.18 2.56 -22.57
C ARG B 925 -23.35 3.13 -23.36
N ARG B 926 -24.22 3.90 -22.72
CA ARG B 926 -25.39 4.44 -23.41
C ARG B 926 -25.07 5.65 -24.28
N TRP B 927 -23.95 6.34 -24.02
CA TRP B 927 -23.59 7.54 -24.75
C TRP B 927 -22.30 7.37 -25.54
N SER B 928 -21.78 6.14 -25.65
CA SER B 928 -20.47 5.95 -26.27
C SER B 928 -20.52 5.97 -27.78
N LYS B 929 -21.71 5.82 -28.39
CA LYS B 929 -21.85 5.87 -29.84
C LYS B 929 -22.37 7.22 -30.32
N CYS B 930 -22.24 8.25 -29.50
CA CYS B 930 -22.79 9.57 -29.79
C CYS B 930 -21.68 10.46 -30.33
N LYS B 931 -21.93 11.07 -31.48
CA LYS B 931 -20.98 12.05 -32.02
C LYS B 931 -21.06 13.33 -31.21
N ILE B 932 -19.92 13.98 -31.01
CA ILE B 932 -19.82 15.18 -30.19
C ILE B 932 -19.36 16.33 -31.07
N ARG B 933 -20.12 17.42 -31.09
CA ARG B 933 -19.80 18.60 -31.86
C ARG B 933 -19.63 19.79 -30.92
N VAL B 934 -18.61 20.59 -31.16
CA VAL B 934 -18.29 21.74 -30.31
C VAL B 934 -18.44 23.00 -31.15
N PHE B 935 -19.34 23.89 -30.72
CA PHE B 935 -19.58 25.16 -31.39
C PHE B 935 -18.95 26.28 -30.58
N VAL B 936 -18.12 27.10 -31.23
CA VAL B 936 -17.46 28.20 -30.56
C VAL B 936 -17.72 29.46 -31.40
N GLY B 937 -17.67 30.60 -30.73
CA GLY B 937 -17.89 31.87 -31.37
C GLY B 937 -16.59 32.50 -31.81
N GLY B 938 -16.67 33.34 -32.84
CA GLY B 938 -15.48 33.98 -33.37
C GLY B 938 -15.85 34.94 -34.48
N GLN B 939 -14.81 35.54 -35.08
CA GLN B 939 -15.00 36.53 -36.12
C GLN B 939 -15.27 35.86 -37.46
N ILE B 940 -15.47 36.68 -38.49
CA ILE B 940 -15.68 36.18 -39.84
C ILE B 940 -14.43 36.27 -40.71
N ASN B 941 -13.48 37.14 -40.35
CA ASN B 941 -12.24 37.24 -41.09
C ASN B 941 -11.18 36.24 -40.63
N ARG B 942 -11.40 35.57 -39.51
CA ARG B 942 -10.49 34.57 -38.95
C ARG B 942 -11.24 33.29 -38.66
N MET B 943 -12.00 32.81 -39.65
CA MET B 943 -12.71 31.54 -39.48
C MET B 943 -11.73 30.39 -39.33
N ASP B 944 -10.78 30.27 -40.26
CA ASP B 944 -9.81 29.18 -40.19
C ASP B 944 -8.77 29.42 -39.10
N GLN B 945 -8.28 30.66 -38.98
CA GLN B 945 -7.26 30.95 -37.99
C GLN B 945 -7.72 30.59 -36.58
N GLU B 946 -9.02 30.68 -36.31
CA GLU B 946 -9.57 30.29 -35.02
C GLU B 946 -10.02 28.84 -34.97
N ARG B 947 -10.54 28.31 -36.07
CA ARG B 947 -10.97 26.90 -36.07
C ARG B 947 -9.80 25.96 -35.86
N LYS B 948 -8.66 26.24 -36.52
CA LYS B 948 -7.47 25.43 -36.29
C LYS B 948 -6.96 25.58 -34.87
N ALA B 949 -7.03 26.79 -34.32
CA ALA B 949 -6.57 27.01 -32.95
C ALA B 949 -7.41 26.24 -31.94
N ILE B 950 -8.73 26.23 -32.14
CA ILE B 950 -9.59 25.48 -31.22
C ILE B 950 -9.36 23.98 -31.37
N ILE B 951 -9.20 23.49 -32.61
CA ILE B 951 -8.92 22.08 -32.80
C ILE B 951 -7.59 21.69 -32.15
N SER B 952 -6.60 22.57 -32.23
CA SER B 952 -5.33 22.32 -31.58
C SER B 952 -5.48 22.29 -30.07
N LEU B 953 -6.29 23.19 -29.52
CA LEU B 953 -6.49 23.21 -28.07
C LEU B 953 -7.18 21.94 -27.60
N LEU B 954 -8.26 21.53 -28.27
CA LEU B 954 -8.99 20.35 -27.86
C LEU B 954 -8.21 19.06 -28.06
N SER B 955 -7.09 19.11 -28.78
CA SER B 955 -6.25 17.92 -28.98
C SER B 955 -5.19 17.77 -27.92
N LYS B 956 -4.81 18.85 -27.25
CA LYS B 956 -3.90 18.79 -26.13
C LYS B 956 -4.58 18.36 -24.84
N PHE B 957 -5.90 18.40 -24.79
CA PHE B 957 -6.68 17.88 -23.69
C PHE B 957 -7.08 16.42 -23.89
N ARG B 958 -6.76 15.82 -25.03
CA ARG B 958 -7.05 14.43 -25.32
C ARG B 958 -8.53 14.09 -25.15
N LEU B 959 -9.42 15.06 -25.31
CA LEU B 959 -10.82 14.83 -25.03
C LEU B 959 -11.47 13.93 -26.07
N GLY B 960 -11.11 14.08 -27.34
CA GLY B 960 -11.64 13.22 -28.36
C GLY B 960 -12.95 13.65 -28.97
N PHE B 961 -13.15 14.95 -29.14
CA PHE B 961 -14.38 15.47 -29.72
C PHE B 961 -14.25 15.57 -31.23
N HIS B 962 -15.36 15.32 -31.92
CA HIS B 962 -15.33 15.02 -33.35
C HIS B 962 -15.27 16.27 -34.24
N GLU B 963 -16.29 17.11 -34.21
CA GLU B 963 -16.29 18.33 -35.01
C GLU B 963 -15.94 19.56 -34.18
N VAL B 964 -15.65 20.65 -34.88
CA VAL B 964 -15.52 21.98 -34.30
C VAL B 964 -16.08 23.00 -35.29
N HIS B 965 -17.22 23.59 -34.97
CA HIS B 965 -17.83 24.59 -35.82
C HIS B 965 -17.55 25.98 -35.27
N ILE B 966 -17.84 26.99 -36.08
CA ILE B 966 -17.61 28.38 -35.70
C ILE B 966 -18.89 29.16 -35.95
N LEU B 967 -19.17 30.13 -35.07
CA LEU B 967 -20.35 30.99 -35.17
C LEU B 967 -19.91 32.43 -35.38
N PRO B 968 -19.98 32.96 -36.60
CA PRO B 968 -19.58 34.35 -36.81
C PRO B 968 -20.72 35.35 -36.67
N ASP B 969 -21.95 34.88 -36.82
CA ASP B 969 -23.14 35.74 -36.76
C ASP B 969 -23.74 35.75 -35.37
N ILE B 970 -22.92 35.99 -34.35
CA ILE B 970 -23.38 35.93 -32.97
C ILE B 970 -23.77 37.30 -32.44
N ASN B 971 -23.38 38.37 -33.13
CA ASN B 971 -23.67 39.73 -32.69
C ASN B 971 -24.70 40.44 -33.57
N GLN B 972 -25.43 39.68 -34.38
CA GLN B 972 -26.50 40.30 -35.15
C GLN B 972 -27.72 40.58 -34.27
N ASN B 973 -28.65 41.33 -34.82
CA ASN B 973 -29.93 41.56 -34.18
C ASN B 973 -30.86 40.41 -34.49
N PRO B 974 -31.68 39.96 -33.54
CA PRO B 974 -32.64 38.90 -33.84
C PRO B 974 -33.80 39.39 -34.69
N ARG B 975 -34.72 38.48 -35.03
CA ARG B 975 -35.93 38.89 -35.71
C ARG B 975 -36.77 39.79 -34.80
N ALA B 976 -37.56 40.65 -35.43
CA ALA B 976 -38.37 41.60 -34.65
C ALA B 976 -39.38 40.88 -33.78
N GLU B 977 -40.02 39.84 -34.30
CA GLU B 977 -41.06 39.12 -33.58
C GLU B 977 -40.50 38.11 -32.58
N HIS B 978 -39.18 38.06 -32.41
CA HIS B 978 -38.55 37.36 -31.30
C HIS B 978 -38.10 38.32 -30.19
N THR B 979 -37.55 39.47 -30.57
CA THR B 979 -37.30 40.53 -29.60
C THR B 979 -38.60 40.96 -28.93
N LYS B 980 -39.70 41.02 -29.70
CA LYS B 980 -40.99 41.34 -29.10
C LYS B 980 -41.44 40.26 -28.11
N ARG B 981 -41.21 38.99 -28.47
CA ARG B 981 -41.56 37.91 -27.54
C ARG B 981 -40.75 37.99 -26.27
N PHE B 982 -39.49 38.45 -26.35
CA PHE B 982 -38.73 38.67 -25.13
C PHE B 982 -39.30 39.84 -24.32
N GLU B 983 -39.60 40.95 -24.99
CA GLU B 983 -39.92 42.18 -24.25
C GLU B 983 -41.32 42.15 -23.66
N ASP B 984 -42.25 41.38 -24.24
CA ASP B 984 -43.57 41.26 -23.62
C ASP B 984 -43.50 40.40 -22.36
N MET B 985 -42.49 39.52 -22.23
CA MET B 985 -42.30 38.72 -20.98
C MET B 985 -41.53 39.42 -19.84
N ILE B 986 -40.78 40.44 -20.13
CA ILE B 986 -40.08 41.20 -19.10
C ILE B 986 -40.97 42.35 -18.62
N ALA B 987 -42.20 42.41 -19.11
CA ALA B 987 -43.12 43.50 -18.77
C ALA B 987 -43.72 43.52 -17.38
N PRO B 988 -44.35 42.42 -16.91
CA PRO B 988 -44.85 42.60 -15.53
C PRO B 988 -43.76 42.88 -14.51
N PHE B 989 -42.49 42.67 -14.84
CA PHE B 989 -41.40 42.86 -13.90
C PHE B 989 -40.71 44.19 -14.10
N ARG B 990 -41.30 45.06 -14.92
CA ARG B 990 -40.67 46.33 -15.27
C ARG B 990 -41.16 47.42 -14.33
N LEU B 991 -40.24 48.21 -13.81
CA LEU B 991 -40.56 49.23 -12.81
C LEU B 991 -41.32 50.41 -13.39
N ASN B 992 -40.93 50.86 -14.59
CA ASN B 992 -41.51 52.06 -15.20
C ASN B 992 -41.36 53.26 -14.27
N ASP B 993 -40.11 53.62 -13.99
CA ASP B 993 -39.81 54.69 -13.05
C ASP B 993 -39.30 55.95 -13.73
N GLY B 994 -39.55 56.13 -15.02
CA GLY B 994 -38.87 57.20 -15.73
C GLY B 994 -37.39 56.91 -15.77
N PHE B 995 -36.58 57.89 -15.38
CA PHE B 995 -35.12 57.71 -15.32
C PHE B 995 -34.63 58.52 -14.13
N LYS B 996 -34.47 57.84 -12.99
CA LYS B 996 -34.19 58.51 -11.73
C LYS B 996 -32.82 58.07 -11.20
N ASP B 997 -32.38 58.72 -10.13
CA ASP B 997 -31.16 58.35 -9.46
C ASP B 997 -31.34 57.01 -8.75
N GLU B 998 -30.22 56.42 -8.33
CA GLU B 998 -30.29 55.10 -7.69
C GLU B 998 -31.07 55.14 -6.39
N ALA B 999 -31.02 56.26 -5.66
CA ALA B 999 -31.77 56.35 -4.42
C ALA B 999 -33.27 56.30 -4.67
N THR B 1000 -33.74 57.01 -5.69
CA THR B 1000 -35.17 56.99 -6.00
C THR B 1000 -35.62 55.60 -6.43
N VAL B 1001 -34.78 54.89 -7.19
CA VAL B 1001 -35.11 53.53 -7.58
C VAL B 1001 -35.20 52.63 -6.36
N ASN B 1002 -34.21 52.72 -5.46
CA ASN B 1002 -34.24 51.93 -4.25
C ASN B 1002 -35.48 52.26 -3.41
N GLU B 1003 -35.97 53.50 -3.48
CA GLU B 1003 -37.12 53.89 -2.68
C GLU B 1003 -38.31 52.99 -2.94
N MET B 1004 -38.64 52.75 -4.21
CA MET B 1004 -39.75 51.87 -4.55
C MET B 1004 -39.32 50.43 -4.78
N ARG B 1005 -38.03 50.13 -4.75
CA ARG B 1005 -37.58 48.76 -4.91
C ARG B 1005 -37.20 48.08 -3.60
N ARG B 1006 -37.27 48.79 -2.48
CA ARG B 1006 -36.94 48.17 -1.20
C ARG B 1006 -37.98 47.11 -0.82
N ASP B 1007 -39.25 47.39 -1.10
CA ASP B 1007 -40.30 46.42 -0.78
C ASP B 1007 -40.23 45.22 -1.70
N CYS B 1008 -40.01 45.44 -2.99
CA CYS B 1008 -39.87 44.37 -3.98
C CYS B 1008 -38.55 44.53 -4.72
N PRO B 1009 -37.53 43.73 -4.40
CA PRO B 1009 -36.23 43.89 -5.04
C PRO B 1009 -36.07 43.18 -6.38
N TRP B 1010 -37.14 42.57 -6.91
CA TRP B 1010 -37.04 41.82 -8.16
C TRP B 1010 -37.45 42.63 -9.38
N LYS B 1011 -37.89 43.87 -9.21
CA LYS B 1011 -38.34 44.68 -10.33
C LYS B 1011 -37.16 45.40 -10.98
N ILE B 1012 -37.34 45.73 -12.25
CA ILE B 1012 -36.25 46.18 -13.12
C ILE B 1012 -36.37 47.67 -13.34
N SER B 1013 -35.38 48.42 -12.88
CA SER B 1013 -35.33 49.85 -13.16
C SER B 1013 -35.08 50.06 -14.66
N ASP B 1014 -35.38 51.29 -15.11
CA ASP B 1014 -35.32 51.56 -16.55
C ASP B 1014 -33.87 51.66 -17.02
N GLU B 1015 -33.00 52.21 -16.17
CA GLU B 1015 -31.58 52.23 -16.50
C GLU B 1015 -31.03 50.82 -16.69
N GLU B 1016 -31.43 49.89 -15.84
CA GLU B 1016 -30.99 48.50 -15.99
C GLU B 1016 -31.58 47.84 -17.22
N ILE B 1017 -32.70 48.33 -17.72
CA ILE B 1017 -33.22 47.87 -19.00
C ILE B 1017 -32.33 48.38 -20.14
N THR B 1018 -31.92 49.65 -20.07
CA THR B 1018 -31.16 50.21 -21.18
C THR B 1018 -29.72 49.71 -21.21
N LYS B 1019 -29.10 49.51 -20.05
CA LYS B 1019 -27.71 49.06 -20.04
C LYS B 1019 -27.58 47.57 -20.28
N ASN B 1020 -28.67 46.82 -20.27
CA ASN B 1020 -28.65 45.38 -20.50
C ASN B 1020 -29.38 45.03 -21.80
N ARG B 1021 -29.20 45.85 -22.82
CA ARG B 1021 -29.93 45.67 -24.07
C ARG B 1021 -29.20 44.71 -25.00
N VAL B 1022 -27.91 44.96 -25.25
CA VAL B 1022 -27.14 44.10 -26.15
C VAL B 1022 -26.90 42.74 -25.51
N LYS B 1023 -26.63 42.71 -24.20
CA LYS B 1023 -26.42 41.45 -23.51
C LYS B 1023 -27.64 40.56 -23.58
N SER B 1024 -28.83 41.15 -23.71
CA SER B 1024 -30.08 40.41 -23.79
C SER B 1024 -30.41 39.99 -25.21
N LEU B 1025 -30.22 40.88 -26.19
CA LEU B 1025 -30.40 40.48 -27.56
C LEU B 1025 -29.42 39.39 -27.97
N ARG B 1026 -28.25 39.33 -27.32
CA ARG B 1026 -27.33 38.23 -27.56
C ARG B 1026 -27.96 36.89 -27.19
N GLN B 1027 -28.63 36.83 -26.04
CA GLN B 1027 -29.33 35.60 -25.67
C GLN B 1027 -30.44 35.28 -26.67
N VAL B 1028 -31.17 36.32 -27.10
CA VAL B 1028 -32.28 36.09 -28.02
C VAL B 1028 -31.78 35.49 -29.34
N ARG B 1029 -30.65 36.00 -29.85
CA ARG B 1029 -30.11 35.46 -31.10
C ARG B 1029 -29.43 34.11 -30.90
N LEU B 1030 -28.73 33.92 -29.79
CA LEU B 1030 -28.04 32.66 -29.61
C LEU B 1030 -29.03 31.52 -29.45
N ASN B 1031 -30.22 31.81 -28.92
CA ASN B 1031 -31.29 30.81 -28.96
C ASN B 1031 -31.64 30.44 -30.39
N GLU B 1032 -31.70 31.43 -31.29
CA GLU B 1032 -32.00 31.14 -32.68
C GLU B 1032 -30.95 30.23 -33.29
N ILE B 1033 -29.67 30.51 -33.01
CA ILE B 1033 -28.60 29.67 -33.53
C ILE B 1033 -28.72 28.24 -33.00
N VAL B 1034 -28.93 28.11 -31.68
CA VAL B 1034 -29.03 26.78 -31.08
C VAL B 1034 -30.18 25.99 -31.66
N LEU B 1035 -31.33 26.62 -31.82
CA LEU B 1035 -32.48 25.95 -32.40
C LEU B 1035 -32.27 25.68 -33.88
N ASP B 1036 -31.40 26.44 -34.55
CA ASP B 1036 -31.07 26.21 -35.95
C ASP B 1036 -30.24 24.95 -36.13
N TYR B 1037 -29.17 24.80 -35.34
CA TYR B 1037 -28.28 23.66 -35.50
C TYR B 1037 -28.81 22.41 -34.81
N SER B 1038 -29.15 22.53 -33.52
CA SER B 1038 -29.32 21.38 -32.64
C SER B 1038 -30.80 21.04 -32.50
N ARG B 1039 -31.40 20.64 -33.61
CA ARG B 1039 -32.83 20.35 -33.60
C ARG B 1039 -33.12 18.96 -33.06
N ASP B 1040 -32.29 17.98 -33.40
CA ASP B 1040 -32.56 16.57 -33.10
C ASP B 1040 -31.31 15.93 -32.50
N ALA B 1041 -30.76 16.59 -31.49
CA ALA B 1041 -29.62 16.04 -30.77
C ALA B 1041 -30.12 15.22 -29.58
N ALA B 1042 -29.20 14.59 -28.88
CA ALA B 1042 -29.56 13.87 -27.66
C ALA B 1042 -29.32 14.69 -26.40
N LEU B 1043 -28.54 15.76 -26.49
CA LEU B 1043 -28.21 16.58 -25.34
C LEU B 1043 -27.57 17.88 -25.81
N ILE B 1044 -28.03 19.01 -25.29
CA ILE B 1044 -27.50 20.33 -25.63
C ILE B 1044 -26.87 20.91 -24.38
N VAL B 1045 -25.68 21.48 -24.53
CA VAL B 1045 -24.92 22.05 -23.42
C VAL B 1045 -24.57 23.48 -23.78
N ILE B 1046 -25.10 24.45 -23.04
CA ILE B 1046 -24.77 25.85 -23.24
C ILE B 1046 -24.11 26.36 -21.97
N THR B 1047 -23.09 27.20 -22.13
CA THR B 1047 -22.46 27.83 -20.98
C THR B 1047 -23.41 28.84 -20.35
N LEU B 1048 -23.43 28.87 -19.02
CA LEU B 1048 -24.39 29.65 -18.27
C LEU B 1048 -23.89 31.08 -18.09
N PRO B 1049 -24.69 32.09 -18.41
CA PRO B 1049 -24.30 33.46 -18.08
C PRO B 1049 -24.41 33.71 -16.60
N ILE B 1050 -23.61 34.66 -16.10
CA ILE B 1050 -23.69 35.07 -14.71
C ILE B 1050 -23.84 36.58 -14.66
N GLY B 1051 -24.80 37.05 -13.87
CA GLY B 1051 -25.07 38.46 -13.76
C GLY B 1051 -24.45 39.06 -12.52
N ARG B 1052 -23.92 40.27 -12.68
CA ARG B 1052 -23.24 40.96 -11.59
C ARG B 1052 -24.19 41.15 -10.41
N LYS B 1053 -23.71 40.83 -9.21
CA LYS B 1053 -24.52 40.93 -8.01
C LYS B 1053 -24.84 42.39 -7.75
N GLY B 1054 -26.10 42.77 -7.93
CA GLY B 1054 -26.52 44.13 -7.73
C GLY B 1054 -26.65 44.95 -9.00
N LYS B 1055 -26.31 44.38 -10.16
CA LYS B 1055 -26.54 45.04 -11.43
C LYS B 1055 -27.40 44.20 -12.36
N CYS B 1056 -28.10 43.20 -11.83
CA CYS B 1056 -28.98 42.35 -12.63
C CYS B 1056 -30.06 41.82 -11.70
N PRO B 1057 -31.26 42.41 -11.74
CA PRO B 1057 -32.34 41.92 -10.89
C PRO B 1057 -32.76 40.50 -11.26
N SER B 1058 -33.26 39.79 -10.27
CA SER B 1058 -33.50 38.36 -10.37
C SER B 1058 -34.55 37.99 -11.40
N SER B 1059 -35.33 38.93 -11.91
CA SER B 1059 -36.23 38.64 -13.01
C SER B 1059 -35.56 38.77 -14.38
N LEU B 1060 -34.60 39.68 -14.52
CA LEU B 1060 -33.82 39.74 -15.76
C LEU B 1060 -33.00 38.47 -15.97
N TYR B 1061 -32.36 37.98 -14.91
CA TYR B 1061 -31.48 36.82 -15.06
C TYR B 1061 -32.30 35.57 -15.33
N MET B 1062 -33.48 35.46 -14.71
CA MET B 1062 -34.38 34.37 -15.04
C MET B 1062 -34.93 34.51 -16.46
N ALA B 1063 -35.12 35.73 -16.94
CA ALA B 1063 -35.55 35.92 -18.33
C ALA B 1063 -34.48 35.44 -19.30
N TRP B 1064 -33.21 35.72 -19.00
CA TRP B 1064 -32.13 35.18 -19.82
C TRP B 1064 -32.13 33.67 -19.81
N LEU B 1065 -32.28 33.06 -18.63
CA LEU B 1065 -32.27 31.60 -18.56
C LEU B 1065 -33.45 30.99 -19.32
N GLU B 1066 -34.60 31.67 -19.29
CA GLU B 1066 -35.76 31.21 -20.06
C GLU B 1066 -35.54 31.37 -21.55
N THR B 1067 -34.90 32.47 -21.96
CA THR B 1067 -34.66 32.71 -23.38
C THR B 1067 -33.67 31.70 -23.97
N LEU B 1068 -32.62 31.36 -23.23
CA LEU B 1068 -31.59 30.52 -23.83
C LEU B 1068 -32.07 29.12 -24.22
N SER B 1069 -33.21 28.66 -23.72
CA SER B 1069 -33.51 27.23 -23.84
C SER B 1069 -34.95 26.90 -24.21
N GLN B 1070 -35.76 27.84 -24.67
CA GLN B 1070 -37.15 27.47 -24.90
C GLN B 1070 -37.35 26.90 -26.29
N ASP B 1071 -38.45 26.18 -26.45
CA ASP B 1071 -38.87 25.60 -27.74
C ASP B 1071 -37.80 24.64 -28.27
N LEU B 1072 -37.31 23.77 -27.39
CA LEU B 1072 -36.34 22.75 -27.77
C LEU B 1072 -36.80 21.40 -27.23
N ARG B 1073 -36.63 20.37 -28.04
CA ARG B 1073 -37.02 19.02 -27.67
C ARG B 1073 -36.01 18.33 -26.73
N PRO B 1074 -34.72 18.30 -27.04
CA PRO B 1074 -33.80 17.50 -26.23
C PRO B 1074 -33.57 18.13 -24.87
N PRO B 1075 -33.06 17.36 -23.91
CA PRO B 1075 -32.66 17.95 -22.62
C PRO B 1075 -31.56 18.98 -22.78
N VAL B 1076 -31.66 20.05 -22.00
CA VAL B 1076 -30.73 21.16 -22.06
C VAL B 1076 -30.03 21.28 -20.72
N ILE B 1077 -28.71 21.34 -20.73
CA ILE B 1077 -27.92 21.53 -19.52
C ILE B 1077 -27.17 22.84 -19.66
N LEU B 1078 -27.11 23.60 -18.57
CA LEU B 1078 -26.47 24.91 -18.56
C LEU B 1078 -25.38 24.87 -17.49
N ILE B 1079 -24.14 24.57 -17.88
CA ILE B 1079 -23.03 24.40 -16.95
C ILE B 1079 -22.25 25.70 -16.86
N ARG B 1080 -21.64 25.93 -15.70
CA ARG B 1080 -20.69 27.04 -15.53
C ARG B 1080 -19.78 26.70 -14.36
N GLY B 1081 -18.53 26.35 -14.65
CA GLY B 1081 -17.57 26.07 -13.61
C GLY B 1081 -17.25 27.32 -12.80
N ASN B 1082 -16.30 27.17 -11.88
CA ASN B 1082 -15.92 28.27 -11.00
C ASN B 1082 -14.60 28.91 -11.39
N GLN B 1083 -14.32 29.00 -12.70
CA GLN B 1083 -13.17 29.73 -13.22
C GLN B 1083 -11.84 29.18 -12.73
N GLU B 1084 -11.78 27.89 -12.42
CA GLU B 1084 -10.54 27.24 -12.06
C GLU B 1084 -10.32 26.04 -12.97
N ASN B 1085 -9.07 25.83 -13.38
CA ASN B 1085 -8.77 24.78 -14.34
C ASN B 1085 -9.12 23.41 -13.81
N VAL B 1086 -9.81 22.61 -14.63
CA VAL B 1086 -10.06 21.21 -14.34
C VAL B 1086 -9.47 20.30 -15.40
N LEU B 1087 -8.75 20.86 -16.37
CA LEU B 1087 -8.12 20.13 -17.47
C LEU B 1087 -6.67 20.59 -17.55
N THR B 1088 -5.78 19.72 -18.03
CA THR B 1088 -4.36 20.04 -18.02
C THR B 1088 -3.64 19.43 -19.21
N PHE B 1089 -2.65 20.15 -19.75
CA PHE B 1089 -1.80 19.59 -20.80
C PHE B 1089 -0.81 18.60 -20.22
N TYR B 1090 -0.31 18.89 -19.03
CA TYR B 1090 0.91 18.27 -18.54
C TYR B 1090 0.60 16.98 -17.79
N CYS B 1091 1.67 16.31 -17.38
CA CYS B 1091 1.59 15.14 -16.54
C CYS B 1091 2.27 15.33 -15.20
N GLN B 1092 3.05 16.38 -15.04
CA GLN B 1092 3.73 16.67 -13.79
C GLN B 1092 2.90 17.66 -13.00
N ASN C 138 -9.56 40.68 -15.39
CA ASN C 138 -10.16 42.00 -15.46
C ASN C 138 -11.63 42.00 -15.02
N THR C 139 -12.51 42.39 -15.91
CA THR C 139 -13.91 42.56 -15.54
C THR C 139 -14.88 41.76 -16.41
N ILE C 140 -14.61 41.63 -17.71
CA ILE C 140 -15.50 40.93 -18.61
C ILE C 140 -15.04 39.50 -18.77
N ASP C 141 -15.99 38.62 -19.07
CA ASP C 141 -15.68 37.21 -19.22
C ASP C 141 -14.85 36.99 -20.48
N ALA C 142 -14.16 35.86 -20.54
CA ALA C 142 -13.20 35.58 -21.59
C ALA C 142 -13.65 34.40 -22.44
N VAL C 143 -13.50 34.55 -23.75
CA VAL C 143 -13.76 33.48 -24.72
C VAL C 143 -12.63 32.46 -24.60
N PRO C 144 -12.83 31.20 -25.00
CA PRO C 144 -11.81 30.18 -24.78
C PRO C 144 -10.49 30.55 -25.44
N LYS C 145 -9.39 30.19 -24.79
CA LYS C 145 -8.09 30.62 -25.27
C LYS C 145 -7.02 29.69 -24.71
N ILE C 146 -5.92 29.56 -25.47
CA ILE C 146 -4.85 28.65 -25.11
C ILE C 146 -4.02 29.17 -23.93
N ASP C 147 -3.89 30.49 -23.78
CA ASP C 147 -2.98 31.05 -22.78
C ASP C 147 -3.44 30.79 -21.36
N PHE C 148 -4.75 30.58 -21.14
CA PHE C 148 -5.24 30.38 -19.78
C PHE C 148 -4.75 29.08 -19.17
N TYR C 149 -4.38 28.10 -19.99
CA TYR C 149 -4.03 26.78 -19.51
C TYR C 149 -2.52 26.52 -19.52
N ARG C 150 -1.73 27.39 -20.13
CA ARG C 150 -0.29 27.19 -20.17
C ARG C 150 0.33 27.44 -18.80
N GLN C 151 1.63 27.16 -18.71
CA GLN C 151 2.41 27.41 -17.51
C GLN C 151 3.69 28.10 -17.92
N THR C 152 3.92 29.30 -17.39
CA THR C 152 5.10 30.08 -17.74
C THR C 152 5.37 31.18 -16.71
N LYS C 159 0.82 36.17 -18.65
CA LYS C 159 -0.15 37.20 -19.00
C LYS C 159 -1.45 36.57 -19.46
N LEU C 160 -2.50 37.39 -19.58
CA LEU C 160 -3.83 36.95 -19.99
C LEU C 160 -4.35 35.85 -19.05
N ILE C 161 -4.63 36.27 -17.82
CA ILE C 161 -5.22 35.42 -16.79
C ILE C 161 -6.72 35.61 -16.82
N ARG C 162 -7.48 34.50 -16.82
CA ARG C 162 -8.92 34.63 -16.85
C ARG C 162 -9.41 35.25 -15.54
N PRO C 163 -10.49 36.04 -15.58
CA PRO C 163 -10.97 36.69 -14.37
C PRO C 163 -11.47 35.68 -13.35
N THR C 164 -11.29 36.01 -12.08
CA THR C 164 -11.73 35.16 -10.99
C THR C 164 -13.24 35.27 -10.82
N LEU C 165 -13.84 34.24 -10.23
CA LEU C 165 -15.28 34.24 -10.02
C LEU C 165 -15.73 35.39 -9.14
N SER C 166 -14.83 35.93 -8.30
CA SER C 166 -15.14 37.09 -7.49
C SER C 166 -15.07 38.39 -8.27
N GLU C 167 -14.47 38.37 -9.46
CA GLU C 167 -14.40 39.56 -10.31
C GLU C 167 -15.59 39.68 -11.26
N LEU C 168 -16.20 38.57 -11.65
CA LEU C 168 -17.39 38.62 -12.48
C LEU C 168 -18.68 38.67 -11.68
N HIS C 169 -18.62 38.46 -10.37
CA HIS C 169 -19.82 38.28 -9.57
C HIS C 169 -19.96 39.31 -8.46
N ASP C 170 -18.89 39.61 -7.73
CA ASP C 170 -18.99 40.54 -6.61
C ASP C 170 -19.30 41.94 -7.09
N GLU C 171 -20.10 42.66 -6.29
CA GLU C 171 -20.49 44.02 -6.64
C GLU C 171 -19.27 44.92 -6.69
N LEU C 172 -19.19 45.74 -7.73
CA LEU C 172 -18.06 46.62 -7.94
C LEU C 172 -18.22 47.95 -7.21
PG ATP D . -12.09 27.69 27.68
O1G ATP D . -11.89 28.89 28.57
O2G ATP D . -10.89 26.78 27.62
O3G ATP D . -13.39 26.96 27.86
PB ATP D . -13.38 29.31 25.81
O1B ATP D . -13.09 29.85 24.44
O2B ATP D . -13.63 30.25 26.96
O3B ATP D . -12.22 28.27 26.19
PA ATP D . -16.06 29.24 25.75
O1A ATP D . -15.94 30.37 24.77
O2A ATP D . -16.37 29.55 27.19
O3A ATP D . -14.70 28.41 25.72
O5' ATP D . -17.10 28.16 25.21
C5' ATP D . -16.99 26.84 25.72
C4' ATP D . -16.79 25.84 24.60
O4' ATP D . -17.51 26.19 23.42
C3' ATP D . -15.36 25.76 24.12
O3' ATP D . -14.55 24.97 24.98
C2' ATP D . -15.55 25.10 22.79
O2' ATP D . -15.74 23.72 22.97
C1' ATP D . -16.82 25.71 22.27
N9 ATP D . -16.46 26.81 21.38
C8 ATP D . -16.17 28.07 21.75
N7 ATP D . -15.85 28.82 20.67
C5 ATP D . -15.93 28.05 19.59
C6 ATP D . -15.71 28.20 18.15
N6 ATP D . -15.35 29.40 17.62
N1 ATP D . -15.90 27.13 17.36
C2 ATP D . -16.26 25.95 17.86
N3 ATP D . -16.47 25.74 19.15
C4 ATP D . -16.32 26.72 20.05
N12 XZF E . 20.65 -5.00 -23.58
C15 XZF E . 19.65 -5.86 -22.84
C17 XZF E . 18.47 -3.49 -22.26
C20 XZF E . 19.42 -1.38 -22.74
C21 XZF E . 17.22 -2.86 -22.03
C22 XZF E . 18.22 -0.76 -22.52
C24 XZF E . 22.50 -8.17 -20.82
C16 XZF E . 19.52 -2.78 -22.60
C18 XZF E . 20.19 -6.74 -21.81
C19 XZF E . 21.23 -5.38 -24.85
C23 XZF E . 17.13 -1.51 -22.17
C25 XZF E . 23.37 -6.99 -20.38
F05 XZF E . 23.51 -7.00 -19.03
F06 XZF E . 24.58 -7.05 -20.98
F07 XZF E . 22.80 -5.82 -20.74
N13 XZF E . 18.57 -5.03 -22.12
N14 XZF E . 19.54 1.74 -23.09
O08 XZF E . 21.71 -2.78 -23.82
O09 XZF E . 21.57 -3.83 -21.59
O10 XZF E . 17.46 1.60 -21.51
O11 XZF E . 17.05 1.31 -23.67
S02 XZF E . 20.94 -3.59 -22.88
S03 XZF E . 21.62 -7.73 -22.33
S04 XZF E . 18.06 1.00 -22.69
CL01 XZF E . 15.57 -0.72 -21.86
NA NA F . 23.68 -2.46 -31.20
PG ATP G . -42.24 23.68 -11.30
O1G ATP G . -42.64 23.82 -9.85
O2G ATP G . -41.92 24.99 -11.98
O3G ATP G . -43.12 22.74 -12.08
PB ATP G . -40.45 21.89 -10.07
O1B ATP G . -39.09 21.32 -10.42
O2B ATP G . -41.61 20.95 -9.93
O3B ATP G . -40.82 22.93 -11.25
PA ATP G . -39.75 24.22 -8.56
O1A ATP G . -40.34 24.86 -7.33
O2A ATP G . -39.80 24.96 -9.85
O3A ATP G . -40.36 22.75 -8.71
O5' ATP G . -38.21 23.93 -8.23
C5' ATP G . -37.19 24.08 -9.20
C4' ATP G . -36.03 23.20 -8.77
O4' ATP G . -35.63 23.50 -7.43
C3' ATP G . -36.44 21.76 -8.71
O3' ATP G . -36.32 21.13 -9.98
C2' ATP G . -35.49 21.17 -7.72
O2' ATP G . -34.28 20.83 -8.36
C1' ATP G . -35.26 22.31 -6.75
N9 ATP G . -36.12 22.05 -5.58
C8 ATP G . -37.44 22.32 -5.51
N7 ATP G . -37.94 21.96 -4.31
C5 ATP G . -36.94 21.44 -3.60
C6 ATP G . -36.78 20.86 -2.25
N6 ATP G . -37.83 20.77 -1.40
N1 ATP G . -35.56 20.42 -1.89
C2 ATP G . -34.52 20.51 -2.71
N3 ATP G . -34.59 21.02 -3.94
C4 ATP G . -35.74 21.50 -4.43
N12 XZF H . 13.27 -26.89 16.58
C15 XZF H . 13.62 -25.99 15.43
C17 XZF H . 11.81 -24.26 16.52
C20 XZF H . 10.25 -24.84 18.20
C21 XZF H . 11.42 -22.91 16.67
C22 XZF H . 9.88 -23.53 18.34
C24 XZF H . 13.42 -29.42 13.38
C16 XZF H . 11.24 -25.19 17.26
C18 XZF H . 13.30 -26.60 14.14
C19 XZF H . 14.24 -27.75 17.23
C23 XZF H . 10.46 -22.57 17.58
C25 XZF H . 12.49 -29.12 12.21
F05 XZF H . 13.18 -28.40 11.30
F06 XZF H . 12.06 -30.28 11.66
F07 XZF H . 11.41 -28.43 12.63
N13 XZF H . 12.91 -24.62 15.47
N14 XZF H . 7.99 -24.40 20.37
O08 XZF H . 11.68 -27.38 18.39
O09 XZF H . 10.87 -27.39 16.07
O10 XZF H . 9.12 -22.05 20.44
O11 XZF H . 7.55 -22.31 18.89
S02 XZF H . 11.74 -26.78 17.06
S03 XZF H . 14.42 -27.96 13.74
S04 XZF H . 8.62 -23.06 19.53
CL01 XZF H . 9.96 -20.88 17.77
NA NA I . 14.02 -31.28 24.41
#